data_1T2A
#
_entry.id   1T2A
#
_cell.length_a   88.595
_cell.length_b   122.064
_cell.length_c   139.403
_cell.angle_alpha   90.00
_cell.angle_beta   90.00
_cell.angle_gamma   90.00
#
_symmetry.space_group_name_H-M   'P 21 21 21'
#
loop_
_entity.id
_entity.type
_entity.pdbx_description
1 polymer 'GDP-mannose 4,6 dehydratase'
2 non-polymer 'NADPH DIHYDRO-NICOTINAMIDE-ADENINE-DINUCLEOTIDE PHOSPHATE'
3 non-polymer "GUANOSINE-5'-DIPHOSPHATE"
4 water water
#
_entity_poly.entity_id   1
_entity_poly.type   'polypeptide(L)'
_entity_poly.pdbx_seq_one_letter_code
;MGSSHHHHHHSSGRENKYFQGHMRNVALITGITGQDGSYLAEFLLEKGYEVHGIVRRSSSFNTGRIEHLYKNPQAHIEGN
MKLHYGDLTDSTCLVKIINEVKPTEIYNLGAQSHVKISFDLAEYTADVDGVGTLRLLDAVKTCGLINSVKFYQASTSELY
GKVQEIPQKETTPFYPRSPYGAAKLYAYWIVVNFREAYNLFAVNGILFNHESPRRGANFVTRKISRSVAKIYLGQLECFS
LGNLDAKRDWGHAKDYVEAMWLMLQNDEPEDFVIATGEVHSVREFVEKSFLHIGKTIVWEGKNENEVGRCKETGKVHVTV
DLKYYRPTEVDFLQGDCTKAKQKLNWKPRVAFDELVREMVHADVELMRTNPNAGS
;
_entity_poly.pdbx_strand_id   A,B,C,D
#
loop_
_chem_comp.id
_chem_comp.type
_chem_comp.name
_chem_comp.formula
GDP RNA linking GUANOSINE-5'-DIPHOSPHATE 'C10 H15 N5 O11 P2'
NDP non-polymer 'NADPH DIHYDRO-NICOTINAMIDE-ADENINE-DINUCLEOTIDE PHOSPHATE' 'C21 H30 N7 O17 P3'
#
# COMPACT_ATOMS: atom_id res chain seq x y z
N ARG A 24 -35.62 -0.92 -3.86
CA ARG A 24 -36.20 0.33 -4.39
C ARG A 24 -35.17 1.46 -4.17
N ASN A 25 -34.97 1.98 -2.93
CA ASN A 25 -33.96 3.07 -2.63
C ASN A 25 -33.00 2.62 -1.52
N VAL A 26 -31.75 2.33 -1.89
CA VAL A 26 -30.81 1.77 -0.94
C VAL A 26 -29.52 2.57 -1.06
N ALA A 27 -29.14 3.25 0.00
CA ALA A 27 -27.93 4.05 -0.05
C ALA A 27 -26.82 3.41 0.73
N LEU A 28 -25.61 3.55 0.21
CA LEU A 28 -24.45 3.04 0.93
C LEU A 28 -23.61 4.31 1.17
N ILE A 29 -23.31 4.59 2.44
CA ILE A 29 -22.57 5.80 2.80
C ILE A 29 -21.19 5.40 3.43
N THR A 30 -20.09 5.76 2.76
CA THR A 30 -18.79 5.56 3.42
C THR A 30 -18.68 6.85 4.25
N GLY A 31 -18.01 6.76 5.40
CA GLY A 31 -17.88 7.93 6.26
C GLY A 31 -19.18 8.25 7.03
N ILE A 32 -19.99 7.22 7.23
CA ILE A 32 -21.24 7.42 7.96
C ILE A 32 -21.15 7.90 9.43
N THR A 33 -20.03 7.60 10.08
CA THR A 33 -19.85 7.98 11.48
C THR A 33 -19.43 9.46 11.62
N GLY A 34 -19.05 10.09 10.46
CA GLY A 34 -18.59 11.46 10.51
C GLY A 34 -19.77 12.46 10.56
N GLN A 35 -19.41 13.76 10.56
CA GLN A 35 -20.42 14.80 10.66
C GLN A 35 -21.49 14.68 9.53
N ASP A 36 -21.01 14.72 8.28
CA ASP A 36 -21.96 14.68 7.15
C ASP A 36 -22.70 13.37 7.02
N GLY A 37 -21.98 12.28 7.23
CA GLY A 37 -22.65 10.99 7.10
C GLY A 37 -23.79 10.86 8.12
N SER A 38 -23.63 11.40 9.35
CA SER A 38 -24.66 11.30 10.36
C SER A 38 -25.88 12.09 9.91
N TYR A 39 -25.70 13.29 9.38
CA TYR A 39 -26.88 14.01 8.91
C TYR A 39 -27.53 13.42 7.66
N LEU A 40 -26.66 12.95 6.74
CA LEU A 40 -27.18 12.38 5.51
C LEU A 40 -27.99 11.10 5.82
N ALA A 41 -27.48 10.29 6.74
CA ALA A 41 -28.24 9.05 7.06
C ALA A 41 -29.65 9.47 7.53
N GLU A 42 -29.74 10.49 8.40
CA GLU A 42 -31.04 10.89 8.92
C GLU A 42 -31.94 11.44 7.77
N PHE A 43 -31.31 12.25 6.90
CA PHE A 43 -32.02 12.83 5.79
C PHE A 43 -32.61 11.69 4.91
N LEU A 44 -31.83 10.64 4.66
CA LEU A 44 -32.28 9.53 3.78
C LEU A 44 -33.28 8.58 4.48
N LEU A 45 -33.09 8.36 5.77
CA LEU A 45 -34.04 7.49 6.51
C LEU A 45 -35.41 8.17 6.51
N GLU A 46 -35.43 9.49 6.58
CA GLU A 46 -36.72 10.24 6.58
C GLU A 46 -37.46 10.00 5.28
N LYS A 47 -36.70 9.74 4.21
CA LYS A 47 -37.30 9.51 2.90
C LYS A 47 -37.61 8.07 2.63
N GLY A 48 -37.37 7.24 3.63
CA GLY A 48 -37.65 5.84 3.51
C GLY A 48 -36.59 4.98 2.92
N TYR A 49 -35.35 5.50 2.84
CA TYR A 49 -34.28 4.67 2.28
C TYR A 49 -33.84 3.56 3.22
N GLU A 50 -33.30 2.45 2.66
CA GLU A 50 -32.63 1.44 3.46
C GLU A 50 -31.23 2.05 3.42
N VAL A 51 -30.68 2.36 4.57
CA VAL A 51 -29.36 3.02 4.61
C VAL A 51 -28.30 2.07 5.16
N HIS A 52 -27.20 1.95 4.45
CA HIS A 52 -26.10 1.11 4.84
C HIS A 52 -24.86 2.02 5.01
N GLY A 53 -24.06 1.73 6.01
CA GLY A 53 -22.84 2.55 6.20
C GLY A 53 -21.63 1.66 6.35
N ILE A 54 -20.46 2.17 5.95
CA ILE A 54 -19.23 1.46 6.20
C ILE A 54 -18.57 2.13 7.39
N VAL A 55 -18.25 1.31 8.40
CA VAL A 55 -17.64 1.85 9.66
C VAL A 55 -16.32 1.19 9.84
N ARG A 56 -15.37 1.97 10.30
CA ARG A 56 -14.07 1.48 10.59
C ARG A 56 -14.04 0.70 11.89
N ARG A 57 -13.22 -0.36 11.93
CA ARG A 57 -13.02 -1.11 13.19
C ARG A 57 -12.24 -0.10 14.11
N SER A 58 -12.58 -0.01 15.39
CA SER A 58 -11.84 0.88 16.27
C SER A 58 -11.80 0.15 17.62
N SER A 59 -10.77 0.41 18.41
CA SER A 59 -10.69 -0.22 19.74
C SER A 59 -11.69 0.46 20.70
N SER A 60 -12.26 1.61 20.30
CA SER A 60 -13.25 2.34 21.13
C SER A 60 -14.56 2.52 20.33
N PHE A 61 -15.62 2.80 21.07
CA PHE A 61 -16.95 3.06 20.52
C PHE A 61 -16.69 4.26 19.55
N ASN A 62 -17.19 4.20 18.33
CA ASN A 62 -16.94 5.32 17.41
C ASN A 62 -18.22 5.66 16.63
N THR A 63 -19.40 5.20 17.08
CA THR A 63 -20.64 5.47 16.36
C THR A 63 -21.52 6.48 17.08
N GLY A 64 -20.91 7.33 17.94
CA GLY A 64 -21.67 8.32 18.72
C GLY A 64 -22.62 9.23 17.93
N ARG A 65 -22.26 9.60 16.72
CA ARG A 65 -23.15 10.50 15.99
C ARG A 65 -24.34 9.81 15.41
N ILE A 66 -24.30 8.49 15.35
CA ILE A 66 -25.44 7.81 14.73
C ILE A 66 -26.11 6.76 15.60
N GLU A 67 -25.65 6.63 16.83
CA GLU A 67 -26.22 5.61 17.70
C GLU A 67 -27.75 5.78 17.89
N HIS A 68 -28.25 7.01 17.87
CA HIS A 68 -29.68 7.15 18.06
C HIS A 68 -30.47 6.54 16.88
N LEU A 69 -29.77 6.23 15.79
CA LEU A 69 -30.44 5.65 14.64
C LEU A 69 -30.37 4.10 14.76
N TYR A 70 -29.63 3.62 15.78
CA TYR A 70 -29.36 2.19 16.08
C TYR A 70 -28.79 1.41 14.91
N ASN A 80 -33.82 0.80 9.86
CA ASN A 80 -33.58 0.80 8.42
C ASN A 80 -32.13 1.15 8.07
N MET A 81 -31.28 1.12 9.10
CA MET A 81 -29.86 1.45 8.99
C MET A 81 -29.05 0.21 9.33
N LYS A 82 -28.10 -0.16 8.49
CA LYS A 82 -27.29 -1.33 8.77
C LYS A 82 -25.80 -0.92 8.64
N LEU A 83 -24.95 -1.37 9.55
CA LEU A 83 -23.54 -1.00 9.53
C LEU A 83 -22.67 -2.18 9.11
N HIS A 84 -21.62 -1.92 8.34
CA HIS A 84 -20.68 -2.92 7.83
C HIS A 84 -19.25 -2.47 8.16
N TYR A 85 -18.40 -3.35 8.70
CA TYR A 85 -17.02 -2.99 8.99
C TYR A 85 -16.24 -2.95 7.67
N GLY A 86 -15.39 -1.93 7.50
CA GLY A 86 -14.61 -1.91 6.27
C GLY A 86 -13.65 -0.76 6.31
N ASP A 87 -12.85 -0.64 5.24
CA ASP A 87 -11.86 0.45 5.23
C ASP A 87 -11.65 0.77 3.76
N LEU A 88 -11.49 2.07 3.48
CA LEU A 88 -11.29 2.47 2.09
C LEU A 88 -9.93 2.10 1.54
N THR A 89 -9.08 1.55 2.40
CA THR A 89 -7.80 1.08 1.90
C THR A 89 -7.82 -0.44 1.63
N ASP A 90 -8.97 -1.09 1.74
CA ASP A 90 -9.00 -2.56 1.54
C ASP A 90 -10.03 -2.85 0.42
N SER A 91 -9.58 -3.09 -0.83
CA SER A 91 -10.58 -3.25 -1.87
C SER A 91 -11.52 -4.47 -1.73
N THR A 92 -10.95 -5.59 -1.25
CA THR A 92 -11.76 -6.79 -1.11
C THR A 92 -12.97 -6.51 -0.19
N CYS A 93 -12.77 -5.81 0.93
CA CYS A 93 -13.91 -5.54 1.81
C CYS A 93 -15.00 -4.66 1.11
N LEU A 94 -14.59 -3.74 0.23
CA LEU A 94 -15.56 -2.88 -0.47
C LEU A 94 -16.38 -3.64 -1.49
N VAL A 95 -15.73 -4.57 -2.21
CA VAL A 95 -16.44 -5.42 -3.17
C VAL A 95 -17.49 -6.30 -2.41
N LYS A 96 -17.07 -6.81 -1.27
CA LYS A 96 -17.95 -7.67 -0.48
C LYS A 96 -19.18 -6.91 -0.02
N ILE A 97 -18.95 -5.69 0.49
CA ILE A 97 -20.09 -4.89 0.96
C ILE A 97 -20.98 -4.43 -0.19
N ILE A 98 -20.40 -3.94 -1.29
CA ILE A 98 -21.26 -3.48 -2.35
C ILE A 98 -22.06 -4.68 -2.92
N ASN A 99 -21.44 -5.85 -2.97
CA ASN A 99 -22.18 -7.04 -3.49
C ASN A 99 -23.40 -7.36 -2.62
N GLU A 100 -23.21 -7.29 -1.32
CA GLU A 100 -24.29 -7.57 -0.40
C GLU A 100 -25.40 -6.53 -0.41
N VAL A 101 -24.99 -5.25 -0.46
CA VAL A 101 -25.95 -4.18 -0.39
C VAL A 101 -26.66 -3.85 -1.68
N LYS A 102 -25.97 -3.94 -2.82
CA LYS A 102 -26.54 -3.55 -4.13
C LYS A 102 -27.26 -2.22 -4.04
N PRO A 103 -26.49 -1.18 -3.67
CA PRO A 103 -27.11 0.15 -3.51
C PRO A 103 -27.54 0.81 -4.83
N THR A 104 -28.55 1.68 -4.71
CA THR A 104 -28.97 2.43 -5.87
C THR A 104 -28.12 3.77 -5.79
N GLU A 105 -27.66 4.09 -4.59
CA GLU A 105 -26.88 5.35 -4.41
C GLU A 105 -25.73 5.13 -3.49
N ILE A 106 -24.55 5.65 -3.85
CA ILE A 106 -23.37 5.51 -2.99
C ILE A 106 -22.84 6.92 -2.72
N TYR A 107 -22.56 7.23 -1.44
CA TYR A 107 -22.04 8.57 -1.13
C TYR A 107 -20.65 8.28 -0.50
N ASN A 108 -19.57 8.70 -1.18
CA ASN A 108 -18.24 8.46 -0.65
C ASN A 108 -17.84 9.68 0.20
N LEU A 109 -18.23 9.66 1.47
CA LEU A 109 -17.88 10.72 2.40
C LEU A 109 -16.68 10.32 3.26
N GLY A 110 -16.26 9.06 3.20
CA GLY A 110 -15.15 8.58 4.05
C GLY A 110 -13.81 9.25 3.66
N ALA A 111 -13.08 9.74 4.66
CA ALA A 111 -11.81 10.47 4.39
C ALA A 111 -11.15 10.86 5.68
N GLN A 112 -9.82 11.01 5.56
CA GLN A 112 -8.98 11.62 6.63
C GLN A 112 -9.27 13.08 6.15
N SER A 113 -10.15 13.80 6.85
CA SER A 113 -10.63 15.08 6.35
C SER A 113 -9.96 16.35 6.92
N HIS A 114 -8.96 16.17 7.76
CA HIS A 114 -8.39 17.35 8.41
C HIS A 114 -7.16 17.85 7.67
N VAL A 115 -7.16 19.13 7.33
CA VAL A 115 -6.06 19.70 6.52
C VAL A 115 -4.71 19.73 7.27
N LYS A 116 -4.76 20.23 8.50
CA LYS A 116 -3.49 20.33 9.23
C LYS A 116 -2.87 18.94 9.39
N ILE A 117 -3.71 17.97 9.80
CA ILE A 117 -3.18 16.63 9.98
C ILE A 117 -2.58 16.03 8.71
N SER A 118 -3.12 16.42 7.55
CA SER A 118 -2.64 15.90 6.31
C SER A 118 -1.16 16.24 6.01
N PHE A 119 -0.61 17.29 6.63
CA PHE A 119 0.78 17.61 6.40
C PHE A 119 1.72 16.57 6.98
N ASP A 120 1.34 15.95 8.08
CA ASP A 120 2.23 14.93 8.63
C ASP A 120 1.72 13.50 8.41
N LEU A 121 0.54 13.37 7.79
CA LEU A 121 -0.03 12.08 7.47
C LEU A 121 -0.34 12.14 5.97
N ALA A 122 0.64 12.57 5.19
CA ALA A 122 0.39 12.79 3.75
C ALA A 122 0.13 11.52 2.96
N GLU A 123 0.89 10.47 3.25
CA GLU A 123 0.70 9.25 2.47
C GLU A 123 -0.58 8.55 2.83
N TYR A 124 -0.89 8.50 4.14
CA TYR A 124 -2.15 7.86 4.58
C TYR A 124 -3.32 8.67 3.98
N THR A 125 -3.19 10.00 3.97
CA THR A 125 -4.30 10.83 3.45
C THR A 125 -4.47 10.56 1.94
N ALA A 126 -3.35 10.41 1.24
CA ALA A 126 -3.42 10.11 -0.20
C ALA A 126 -4.08 8.73 -0.41
N ASP A 127 -3.69 7.75 0.40
CA ASP A 127 -4.23 6.38 0.19
C ASP A 127 -5.71 6.24 0.47
N VAL A 128 -6.21 7.02 1.42
CA VAL A 128 -7.59 6.96 1.76
C VAL A 128 -8.43 7.91 0.90
N ASP A 129 -7.98 9.16 0.80
CA ASP A 129 -8.80 10.16 0.12
C ASP A 129 -8.70 10.11 -1.37
N GLY A 130 -7.52 9.72 -1.84
CA GLY A 130 -7.35 9.68 -3.28
C GLY A 130 -7.55 8.28 -3.78
N VAL A 131 -6.60 7.39 -3.46
CA VAL A 131 -6.67 6.06 -4.00
C VAL A 131 -7.93 5.33 -3.52
N GLY A 132 -8.34 5.64 -2.30
CA GLY A 132 -9.54 4.99 -1.76
C GLY A 132 -10.75 5.29 -2.62
N THR A 133 -10.79 6.47 -3.22
CA THR A 133 -11.93 6.77 -4.10
C THR A 133 -11.87 5.85 -5.36
N LEU A 134 -10.64 5.65 -5.90
CA LEU A 134 -10.48 4.76 -7.02
C LEU A 134 -10.94 3.35 -6.58
N ARG A 135 -10.55 2.91 -5.38
CA ARG A 135 -10.93 1.55 -4.98
C ARG A 135 -12.47 1.39 -4.92
N LEU A 136 -13.15 2.37 -4.39
CA LEU A 136 -14.59 2.30 -4.29
C LEU A 136 -15.22 2.31 -5.70
N LEU A 137 -14.68 3.10 -6.63
CA LEU A 137 -15.20 3.12 -7.98
C LEU A 137 -14.92 1.77 -8.64
N ASP A 138 -13.70 1.26 -8.48
CA ASP A 138 -13.42 -0.06 -9.09
C ASP A 138 -14.29 -1.16 -8.49
N ALA A 139 -14.65 -1.02 -7.22
CA ALA A 139 -15.50 -2.03 -6.60
C ALA A 139 -16.90 -1.96 -7.23
N VAL A 140 -17.40 -0.76 -7.46
CA VAL A 140 -18.71 -0.63 -8.11
C VAL A 140 -18.65 -1.36 -9.50
N LYS A 141 -17.55 -1.13 -10.19
CA LYS A 141 -17.44 -1.74 -11.53
C LYS A 141 -17.32 -3.25 -11.42
N THR A 142 -16.48 -3.73 -10.50
CA THR A 142 -16.28 -5.19 -10.32
C THR A 142 -17.63 -5.84 -9.94
N CYS A 143 -18.45 -5.13 -9.16
CA CYS A 143 -19.75 -5.65 -8.71
C CYS A 143 -20.88 -5.61 -9.81
N GLY A 144 -20.52 -5.15 -11.03
CA GLY A 144 -21.46 -5.10 -12.14
C GLY A 144 -22.50 -4.01 -12.03
N LEU A 145 -22.27 -2.98 -11.20
CA LEU A 145 -23.25 -1.92 -10.99
C LEU A 145 -22.89 -0.60 -11.65
N ILE A 146 -21.97 -0.62 -12.61
CA ILE A 146 -21.60 0.66 -13.23
C ILE A 146 -22.77 1.40 -13.88
N ASN A 147 -23.78 0.66 -14.39
CA ASN A 147 -24.90 1.34 -15.01
C ASN A 147 -26.08 1.53 -14.09
N SER A 148 -26.11 0.90 -12.93
CA SER A 148 -27.26 1.08 -12.07
C SER A 148 -27.08 1.97 -10.86
N VAL A 149 -25.87 2.19 -10.41
CA VAL A 149 -25.69 3.01 -9.23
C VAL A 149 -25.44 4.45 -9.53
N LYS A 150 -25.76 5.34 -8.57
CA LYS A 150 -25.42 6.77 -8.79
C LYS A 150 -24.40 6.98 -7.66
N PHE A 151 -23.31 7.70 -7.98
CA PHE A 151 -22.20 7.86 -7.04
C PHE A 151 -21.91 9.31 -6.74
N TYR A 152 -21.88 9.68 -5.47
CA TYR A 152 -21.54 11.00 -5.10
C TYR A 152 -20.13 11.03 -4.47
N GLN A 153 -19.25 11.92 -4.98
CA GLN A 153 -17.91 12.08 -4.40
C GLN A 153 -17.85 13.39 -3.54
N ALA A 154 -17.33 13.25 -2.30
CA ALA A 154 -17.19 14.36 -1.40
C ALA A 154 -15.99 15.24 -1.76
N SER A 155 -16.13 16.06 -2.83
CA SER A 155 -15.11 17.01 -3.24
C SER A 155 -15.23 18.23 -2.33
N THR A 156 -14.37 19.24 -2.55
CA THR A 156 -14.27 20.28 -1.54
C THR A 156 -13.65 21.58 -2.07
N SER A 157 -14.05 22.67 -1.43
CA SER A 157 -13.46 24.00 -1.76
C SER A 157 -11.95 24.04 -1.52
N GLU A 158 -11.42 23.08 -0.75
CA GLU A 158 -9.95 23.07 -0.57
C GLU A 158 -9.23 22.87 -1.94
N LEU A 159 -9.94 22.31 -2.92
CA LEU A 159 -9.40 22.12 -4.28
C LEU A 159 -8.97 23.49 -4.90
N TYR A 160 -9.68 24.58 -4.53
CA TYR A 160 -9.33 25.91 -5.06
C TYR A 160 -8.10 26.50 -4.39
N GLY A 161 -7.84 26.06 -3.16
CA GLY A 161 -6.62 26.44 -2.42
C GLY A 161 -6.20 27.93 -2.51
N LYS A 162 -5.13 28.23 -3.28
CA LYS A 162 -4.71 29.64 -3.47
C LYS A 162 -5.68 30.04 -4.61
N VAL A 163 -6.78 30.71 -4.27
CA VAL A 163 -7.85 30.87 -5.25
C VAL A 163 -7.52 31.63 -6.51
N GLN A 164 -7.91 31.06 -7.62
CA GLN A 164 -7.57 31.68 -8.92
C GLN A 164 -8.62 32.69 -9.44
N GLU A 165 -9.81 32.72 -8.83
CA GLU A 165 -10.93 33.64 -9.18
C GLU A 165 -11.68 33.86 -7.88
N ILE A 166 -12.37 34.99 -7.75
CA ILE A 166 -13.18 35.22 -6.57
C ILE A 166 -14.47 35.81 -7.14
N PRO A 167 -15.62 35.17 -6.87
CA PRO A 167 -15.79 33.94 -6.07
C PRO A 167 -15.35 32.75 -6.89
N GLN A 168 -15.34 31.56 -6.26
CA GLN A 168 -14.99 30.36 -6.97
C GLN A 168 -16.22 29.64 -7.45
N LYS A 169 -16.18 29.17 -8.69
CA LYS A 169 -17.29 28.42 -9.24
C LYS A 169 -16.77 27.16 -9.89
N GLU A 170 -17.65 26.40 -10.55
CA GLU A 170 -17.22 25.10 -11.10
C GLU A 170 -16.06 25.14 -12.07
N THR A 171 -16.02 26.19 -12.88
CA THR A 171 -14.99 26.38 -13.89
C THR A 171 -13.72 27.10 -13.37
N THR A 172 -13.67 27.46 -12.08
CA THR A 172 -12.47 28.14 -11.54
C THR A 172 -11.37 27.04 -11.47
N PRO A 173 -10.14 27.32 -11.98
CA PRO A 173 -9.04 26.34 -11.95
C PRO A 173 -8.66 26.00 -10.51
N PHE A 174 -8.37 24.72 -10.25
CA PHE A 174 -7.96 24.26 -8.91
C PHE A 174 -6.49 24.60 -8.64
N TYR A 175 -6.16 24.82 -7.37
CA TYR A 175 -4.77 25.11 -6.96
C TYR A 175 -4.67 24.64 -5.49
N PRO A 176 -4.56 23.30 -5.26
CA PRO A 176 -4.47 22.74 -3.89
C PRO A 176 -3.27 23.21 -3.14
N ARG A 177 -3.42 23.26 -1.82
CA ARG A 177 -2.39 23.81 -0.93
C ARG A 177 -2.07 22.90 0.22
N SER A 178 -2.29 21.60 0.03
CA SER A 178 -1.94 20.66 1.12
C SER A 178 -2.06 19.21 0.60
N PRO A 179 -1.46 18.23 1.32
CA PRO A 179 -1.58 16.83 0.88
C PRO A 179 -3.07 16.41 0.83
N TYR A 180 -3.91 17.01 1.67
CA TYR A 180 -5.37 16.71 1.64
C TYR A 180 -5.96 17.24 0.32
N GLY A 181 -5.63 18.48 -0.05
CA GLY A 181 -6.16 19.00 -1.31
C GLY A 181 -5.66 18.20 -2.51
N ALA A 182 -4.37 17.87 -2.51
CA ALA A 182 -3.84 17.12 -3.70
C ALA A 182 -4.55 15.75 -3.78
N ALA A 183 -4.75 15.11 -2.61
CA ALA A 183 -5.43 13.79 -2.64
C ALA A 183 -6.88 13.91 -3.12
N LYS A 184 -7.57 14.94 -2.68
CA LYS A 184 -8.96 15.12 -3.12
C LYS A 184 -9.01 15.48 -4.60
N LEU A 185 -7.94 16.12 -5.08
CA LEU A 185 -7.95 16.52 -6.50
C LEU A 185 -7.79 15.24 -7.37
N TYR A 186 -6.94 14.30 -6.90
CA TYR A 186 -6.83 13.02 -7.64
C TYR A 186 -8.22 12.36 -7.64
N ALA A 187 -8.90 12.39 -6.49
CA ALA A 187 -10.21 11.76 -6.39
C ALA A 187 -11.23 12.44 -7.29
N TYR A 188 -11.21 13.78 -7.30
CA TYR A 188 -12.14 14.51 -8.18
C TYR A 188 -12.01 14.02 -9.65
N TRP A 189 -10.75 13.87 -10.09
CA TRP A 189 -10.57 13.56 -11.48
C TRP A 189 -10.72 12.07 -11.79
N ILE A 190 -10.42 11.22 -10.83
CA ILE A 190 -10.62 9.78 -11.14
C ILE A 190 -12.19 9.52 -11.27
N VAL A 191 -12.97 10.27 -10.50
CA VAL A 191 -14.46 10.19 -10.56
C VAL A 191 -14.91 10.66 -11.93
N VAL A 192 -14.34 11.78 -12.36
CA VAL A 192 -14.67 12.25 -13.69
C VAL A 192 -14.32 11.17 -14.72
N ASN A 193 -13.16 10.53 -14.57
CA ASN A 193 -12.76 9.50 -15.53
C ASN A 193 -13.73 8.30 -15.58
N PHE A 194 -14.23 7.85 -14.39
CA PHE A 194 -15.18 6.74 -14.44
C PHE A 194 -16.50 7.19 -15.09
N ARG A 195 -16.86 8.46 -14.91
CA ARG A 195 -18.09 8.96 -15.54
C ARG A 195 -17.92 8.95 -17.04
N GLU A 196 -16.80 9.48 -17.50
CA GLU A 196 -16.59 9.56 -18.96
C GLU A 196 -16.23 8.27 -19.64
N ALA A 197 -15.41 7.47 -18.98
CA ALA A 197 -14.95 6.22 -19.57
C ALA A 197 -16.00 5.13 -19.57
N TYR A 198 -16.75 5.06 -18.48
CA TYR A 198 -17.69 3.94 -18.33
C TYR A 198 -19.17 4.29 -18.19
N ASN A 199 -19.52 5.57 -18.32
CA ASN A 199 -20.92 6.07 -18.21
C ASN A 199 -21.48 5.88 -16.80
N LEU A 200 -20.59 5.88 -15.82
CA LEU A 200 -21.10 5.83 -14.44
C LEU A 200 -21.76 7.16 -14.14
N PHE A 201 -22.96 7.15 -13.52
CA PHE A 201 -23.56 8.39 -13.06
C PHE A 201 -22.77 8.75 -11.78
N ALA A 202 -21.78 9.63 -11.89
CA ALA A 202 -20.97 9.97 -10.77
C ALA A 202 -20.83 11.50 -10.78
N VAL A 203 -20.82 12.07 -9.59
CA VAL A 203 -20.75 13.53 -9.53
C VAL A 203 -19.82 13.98 -8.42
N ASN A 204 -19.22 15.17 -8.62
CA ASN A 204 -18.39 15.76 -7.58
C ASN A 204 -19.16 16.90 -6.92
N GLY A 205 -19.46 16.79 -5.61
CA GLY A 205 -20.06 17.90 -4.88
C GLY A 205 -18.83 18.69 -4.39
N ILE A 206 -18.70 19.93 -4.88
CA ILE A 206 -17.56 20.76 -4.48
C ILE A 206 -18.10 21.62 -3.34
N LEU A 207 -18.10 21.03 -2.12
CA LEU A 207 -18.69 21.72 -1.03
C LEU A 207 -17.73 22.60 -0.30
N PHE A 208 -18.20 23.83 0.02
CA PHE A 208 -17.39 24.70 0.84
C PHE A 208 -17.62 24.30 2.33
N ASN A 209 -16.77 24.78 3.23
CA ASN A 209 -16.79 24.45 4.65
C ASN A 209 -18.22 24.42 5.25
N HIS A 210 -18.53 23.33 5.96
CA HIS A 210 -19.87 23.27 6.59
C HIS A 210 -19.66 22.66 7.96
N GLU A 211 -20.37 23.23 8.95
CA GLU A 211 -20.12 22.91 10.34
C GLU A 211 -21.47 22.59 10.99
N SER A 212 -21.45 22.34 12.30
CA SER A 212 -22.72 21.97 13.00
C SER A 212 -22.26 21.62 14.41
N PRO A 213 -23.22 21.37 15.32
CA PRO A 213 -22.87 20.99 16.69
C PRO A 213 -22.17 19.59 16.66
N ARG A 214 -22.14 18.89 15.51
CA ARG A 214 -21.48 17.54 15.39
C ARG A 214 -20.11 17.63 14.68
N ARG A 215 -19.69 18.86 14.38
CA ARG A 215 -18.44 19.01 13.67
C ARG A 215 -17.29 18.44 14.54
N GLY A 216 -16.26 17.90 13.91
CA GLY A 216 -15.10 17.39 14.67
C GLY A 216 -14.48 18.49 15.51
N ALA A 217 -14.11 18.13 16.74
CA ALA A 217 -13.56 19.12 17.69
C ALA A 217 -12.30 19.85 17.31
N ASN A 218 -11.56 19.27 16.36
CA ASN A 218 -10.27 19.75 15.87
C ASN A 218 -10.41 20.79 14.76
N PHE A 219 -11.63 20.96 14.23
CA PHE A 219 -11.85 21.98 13.18
C PHE A 219 -12.03 23.34 13.91
N VAL A 220 -11.72 24.44 13.21
CA VAL A 220 -11.64 25.66 13.96
C VAL A 220 -12.94 26.14 14.64
N THR A 221 -14.05 25.88 13.96
CA THR A 221 -15.33 26.41 14.44
C THR A 221 -15.74 25.71 15.72
N ARG A 222 -15.63 24.38 15.69
CA ARG A 222 -16.01 23.57 16.88
C ARG A 222 -14.99 23.76 18.02
N LYS A 223 -13.74 24.01 17.66
CA LYS A 223 -12.73 24.26 18.66
C LYS A 223 -13.14 25.53 19.39
N ILE A 224 -13.54 26.53 18.61
CA ILE A 224 -13.96 27.80 19.24
C ILE A 224 -15.24 27.62 20.06
N SER A 225 -16.28 27.02 19.48
CA SER A 225 -17.54 26.94 20.23
C SER A 225 -17.33 26.08 21.52
N ARG A 226 -16.56 24.98 21.44
CA ARG A 226 -16.34 24.19 22.66
C ARG A 226 -15.55 25.00 23.70
N SER A 227 -14.53 25.73 23.25
CA SER A 227 -13.70 26.47 24.22
C SER A 227 -14.45 27.59 24.87
N VAL A 228 -15.21 28.33 24.06
CA VAL A 228 -16.00 29.45 24.57
C VAL A 228 -17.08 28.90 25.55
N ALA A 229 -17.73 27.81 25.18
CA ALA A 229 -18.70 27.22 26.11
C ALA A 229 -18.01 26.86 27.46
N LYS A 230 -16.84 26.22 27.42
CA LYS A 230 -16.14 25.91 28.67
C LYS A 230 -15.80 27.18 29.46
N ILE A 231 -15.44 28.24 28.74
CA ILE A 231 -15.13 29.49 29.42
C ILE A 231 -16.36 30.03 30.11
N TYR A 232 -17.49 29.98 29.43
CA TYR A 232 -18.73 30.45 30.01
C TYR A 232 -19.05 29.69 31.29
N LEU A 233 -18.78 28.38 31.25
CA LEU A 233 -19.09 27.53 32.42
C LEU A 233 -18.03 27.54 33.54
N GLY A 234 -16.88 28.16 33.29
CA GLY A 234 -15.82 28.25 34.26
C GLY A 234 -14.89 27.07 34.23
N GLN A 235 -15.01 26.26 33.16
CA GLN A 235 -14.21 25.03 33.06
C GLN A 235 -12.87 25.27 32.35
N LEU A 236 -12.69 26.45 31.81
CA LEU A 236 -11.47 26.77 31.09
C LEU A 236 -11.29 28.27 31.18
N GLU A 237 -10.07 28.80 31.07
CA GLU A 237 -9.92 30.27 31.07
C GLU A 237 -9.44 30.81 29.69
N CYS A 238 -8.59 30.02 29.03
CA CYS A 238 -8.02 30.55 27.82
C CYS A 238 -7.77 29.42 26.84
N PHE A 239 -7.70 29.72 25.54
CA PHE A 239 -7.34 28.68 24.58
C PHE A 239 -6.51 29.31 23.46
N SER A 240 -5.78 28.52 22.70
CA SER A 240 -4.96 29.12 21.63
C SER A 240 -5.38 28.63 20.24
N LEU A 241 -5.28 29.54 19.28
CA LEU A 241 -5.60 29.33 17.86
C LEU A 241 -4.36 29.57 17.00
N GLY A 242 -4.52 29.38 15.69
CA GLY A 242 -3.39 29.60 14.81
C GLY A 242 -3.66 30.93 14.06
N ASN A 243 -3.91 30.82 12.77
CA ASN A 243 -4.14 31.99 11.91
C ASN A 243 -5.50 32.60 12.01
N LEU A 244 -5.62 33.69 12.77
CA LEU A 244 -6.89 34.41 13.00
C LEU A 244 -7.49 35.10 11.77
N ASP A 245 -6.63 35.40 10.81
CA ASP A 245 -7.07 36.10 9.63
C ASP A 245 -7.60 35.29 8.48
N ALA A 246 -7.55 33.97 8.59
CA ALA A 246 -8.13 33.17 7.48
C ALA A 246 -9.59 33.50 7.30
N LYS A 247 -10.03 33.45 6.03
CA LYS A 247 -11.39 33.79 5.74
C LYS A 247 -12.09 32.59 5.09
N ARG A 248 -13.31 32.32 5.52
CA ARG A 248 -14.05 31.16 5.03
C ARG A 248 -15.51 31.41 4.73
N ASP A 249 -16.04 30.53 3.89
CA ASP A 249 -17.45 30.53 3.53
C ASP A 249 -17.98 29.35 4.39
N TRP A 250 -18.68 29.66 5.49
CA TRP A 250 -19.19 28.63 6.39
C TRP A 250 -20.70 28.43 6.31
N GLY A 251 -21.12 27.21 5.96
CA GLY A 251 -22.54 26.89 5.94
C GLY A 251 -22.84 25.79 6.99
N HIS A 252 -24.08 25.35 7.08
CA HIS A 252 -24.47 24.30 8.07
C HIS A 252 -24.53 22.95 7.35
N ALA A 253 -23.84 21.99 7.92
CA ALA A 253 -23.86 20.64 7.33
C ALA A 253 -25.25 20.04 7.04
N LYS A 254 -26.27 20.28 7.87
CA LYS A 254 -27.57 19.67 7.57
C LYS A 254 -28.12 20.19 6.20
N ASP A 255 -27.92 21.48 5.92
CA ASP A 255 -28.37 22.04 4.64
C ASP A 255 -27.57 21.37 3.48
N TYR A 256 -26.28 21.15 3.71
CA TYR A 256 -25.43 20.65 2.62
C TYR A 256 -25.64 19.23 2.26
N VAL A 257 -25.99 18.38 3.22
CA VAL A 257 -26.20 16.99 2.77
C VAL A 257 -27.41 16.88 1.89
N GLU A 258 -28.36 17.80 2.06
CA GLU A 258 -29.53 17.77 1.19
C GLU A 258 -29.06 17.96 -0.28
N ALA A 259 -28.06 18.81 -0.47
CA ALA A 259 -27.54 19.05 -1.82
C ALA A 259 -26.92 17.79 -2.44
N MET A 260 -26.28 16.98 -1.61
CA MET A 260 -25.66 15.77 -2.12
C MET A 260 -26.74 14.90 -2.74
N TRP A 261 -27.84 14.75 -1.99
CA TRP A 261 -28.95 13.91 -2.47
C TRP A 261 -29.56 14.55 -3.75
N LEU A 262 -29.75 15.87 -3.76
CA LEU A 262 -30.26 16.53 -4.95
C LEU A 262 -29.38 16.29 -6.20
N MET A 263 -28.05 16.29 -6.03
CA MET A 263 -27.20 16.03 -7.18
C MET A 263 -27.42 14.66 -7.80
N LEU A 264 -27.75 13.66 -6.95
CA LEU A 264 -28.01 12.31 -7.46
C LEU A 264 -29.45 12.16 -8.03
N GLN A 265 -30.32 13.12 -7.80
CA GLN A 265 -31.70 13.10 -8.36
C GLN A 265 -31.72 13.85 -9.71
N ASN A 266 -30.67 14.59 -10.05
CA ASN A 266 -30.58 15.36 -11.32
C ASN A 266 -30.63 14.39 -12.50
N ASP A 267 -31.19 14.81 -13.65
CA ASP A 267 -31.26 13.86 -14.77
C ASP A 267 -29.89 13.46 -15.32
N GLU A 268 -28.95 14.38 -15.26
CA GLU A 268 -27.61 14.07 -15.80
C GLU A 268 -26.62 14.27 -14.66
N PRO A 269 -25.52 13.54 -14.69
CA PRO A 269 -24.51 13.68 -13.62
C PRO A 269 -23.62 14.89 -13.90
N GLU A 270 -23.73 15.92 -13.04
CA GLU A 270 -22.94 17.13 -13.14
C GLU A 270 -22.27 17.46 -11.82
N ASP A 271 -21.20 18.25 -11.89
CA ASP A 271 -20.48 18.67 -10.67
C ASP A 271 -21.03 20.04 -10.26
N PHE A 272 -21.12 20.28 -8.95
CA PHE A 272 -21.65 21.52 -8.44
C PHE A 272 -20.92 22.04 -7.21
N VAL A 273 -20.80 23.37 -7.15
CA VAL A 273 -20.26 24.07 -6.01
C VAL A 273 -21.47 24.24 -5.09
N ILE A 274 -21.28 24.03 -3.79
CA ILE A 274 -22.42 24.21 -2.83
C ILE A 274 -21.78 25.13 -1.76
N ALA A 275 -22.39 26.29 -1.47
CA ALA A 275 -21.71 27.22 -0.56
C ALA A 275 -22.68 28.31 -0.16
N THR A 276 -22.26 29.18 0.77
CA THR A 276 -23.15 30.29 1.11
C THR A 276 -22.85 31.57 0.29
N GLY A 277 -21.62 31.74 -0.19
CA GLY A 277 -21.27 32.99 -0.89
C GLY A 277 -20.96 34.12 0.11
N GLU A 278 -21.02 33.85 1.41
CA GLU A 278 -20.75 34.91 2.42
C GLU A 278 -19.47 34.55 3.10
N VAL A 279 -18.66 35.53 3.45
CA VAL A 279 -17.35 35.21 3.98
C VAL A 279 -17.09 35.84 5.33
N HIS A 280 -16.45 35.10 6.25
CA HIS A 280 -16.05 35.66 7.56
C HIS A 280 -14.69 35.16 7.94
N SER A 281 -14.03 35.84 8.85
CA SER A 281 -12.72 35.42 9.31
C SER A 281 -12.82 34.59 10.58
N VAL A 282 -11.75 33.89 10.90
CA VAL A 282 -11.68 33.12 12.13
C VAL A 282 -11.88 34.12 13.28
N ARG A 283 -11.24 35.29 13.15
CA ARG A 283 -11.38 36.29 14.19
C ARG A 283 -12.86 36.66 14.42
N GLU A 284 -13.67 36.78 13.36
CA GLU A 284 -15.08 37.10 13.54
C GLU A 284 -15.86 35.94 14.19
N PHE A 285 -15.45 34.72 13.84
CA PHE A 285 -16.14 33.57 14.45
C PHE A 285 -15.82 33.63 15.98
N VAL A 286 -14.57 33.91 16.35
CA VAL A 286 -14.23 34.04 17.80
C VAL A 286 -15.07 35.17 18.46
N GLU A 287 -15.08 36.34 17.80
CA GLU A 287 -15.82 37.51 18.33
C GLU A 287 -17.30 37.19 18.51
N LYS A 288 -17.93 36.64 17.47
CA LYS A 288 -19.36 36.32 17.62
C LYS A 288 -19.64 35.25 18.66
N SER A 289 -18.77 34.25 18.78
CA SER A 289 -19.00 33.20 19.78
C SER A 289 -18.97 33.81 21.22
N PHE A 290 -17.97 34.64 21.52
CA PHE A 290 -17.85 35.26 22.84
C PHE A 290 -19.05 36.18 23.11
N LEU A 291 -19.53 36.85 22.07
CA LEU A 291 -20.73 37.70 22.23
C LEU A 291 -21.90 36.82 22.74
N HIS A 292 -22.00 35.58 22.24
CA HIS A 292 -23.10 34.75 22.71
C HIS A 292 -22.97 34.42 24.15
N ILE A 293 -21.77 34.49 24.73
CA ILE A 293 -21.71 34.21 26.15
C ILE A 293 -21.60 35.50 26.99
N GLY A 294 -21.93 36.64 26.36
CA GLY A 294 -21.89 37.92 27.07
C GLY A 294 -20.55 38.61 27.18
N LYS A 295 -19.66 38.29 26.24
CA LYS A 295 -18.36 38.91 26.29
C LYS A 295 -17.97 39.56 24.97
N THR A 296 -17.21 40.64 25.11
CA THR A 296 -16.68 41.36 23.99
C THR A 296 -15.19 41.14 23.99
N ILE A 297 -14.69 40.56 22.91
CA ILE A 297 -13.29 40.31 22.86
C ILE A 297 -12.55 41.51 22.26
N VAL A 298 -11.39 41.84 22.80
CA VAL A 298 -10.60 42.94 22.26
C VAL A 298 -9.22 42.42 21.95
N TRP A 299 -8.75 42.63 20.74
CA TRP A 299 -7.43 42.10 20.36
C TRP A 299 -6.25 43.03 20.60
N GLU A 300 -5.10 42.47 20.99
CA GLU A 300 -3.90 43.26 21.16
C GLU A 300 -2.71 42.48 20.75
N GLY A 301 -1.72 43.17 20.19
CA GLY A 301 -0.50 42.49 19.82
C GLY A 301 -0.54 42.04 18.38
N LYS A 302 0.50 41.36 17.96
CA LYS A 302 0.57 40.93 16.56
C LYS A 302 1.20 39.55 16.32
N ASN A 303 0.80 38.93 15.22
CA ASN A 303 1.39 37.63 14.90
C ASN A 303 1.25 36.64 16.03
N GLU A 304 2.26 35.84 16.30
CA GLU A 304 2.05 34.87 17.36
C GLU A 304 1.94 35.45 18.75
N ASN A 305 2.02 36.76 18.89
CA ASN A 305 1.91 37.41 20.20
C ASN A 305 0.57 38.07 20.36
N GLU A 306 -0.30 37.93 19.38
CA GLU A 306 -1.61 38.56 19.50
C GLU A 306 -2.45 37.81 20.53
N VAL A 307 -3.29 38.54 21.26
CA VAL A 307 -4.19 37.92 22.25
C VAL A 307 -5.54 38.61 22.18
N GLY A 308 -6.59 37.87 22.61
CA GLY A 308 -7.96 38.36 22.63
C GLY A 308 -8.26 38.48 24.13
N ARG A 309 -8.61 39.68 24.58
CA ARG A 309 -8.83 39.91 26.02
C ARG A 309 -10.28 40.38 26.22
N CYS A 310 -10.86 39.98 27.34
CA CYS A 310 -12.24 40.35 27.71
C CYS A 310 -12.23 41.86 27.97
N LYS A 311 -13.15 42.57 27.31
CA LYS A 311 -13.28 44.02 27.43
C LYS A 311 -13.66 44.43 28.86
N GLU A 312 -14.58 43.68 29.48
CA GLU A 312 -15.01 43.99 30.84
C GLU A 312 -14.00 43.68 31.92
N THR A 313 -13.52 42.46 31.91
CA THR A 313 -12.61 41.98 32.93
C THR A 313 -11.16 42.08 32.62
N GLY A 314 -10.85 42.32 31.35
CA GLY A 314 -9.46 42.36 30.94
C GLY A 314 -8.78 41.00 30.93
N LYS A 315 -9.50 39.91 31.21
CA LYS A 315 -8.86 38.59 31.21
C LYS A 315 -8.49 38.14 29.79
N VAL A 316 -7.37 37.43 29.65
CA VAL A 316 -6.94 36.97 28.31
C VAL A 316 -7.65 35.65 28.08
N HIS A 317 -8.39 35.53 27.00
CA HIS A 317 -9.13 34.29 26.73
C HIS A 317 -8.66 33.58 25.44
N VAL A 318 -7.89 34.26 24.58
CA VAL A 318 -7.44 33.68 23.33
C VAL A 318 -5.99 34.05 23.07
N THR A 319 -5.14 33.06 22.78
CA THR A 319 -3.75 33.37 22.42
C THR A 319 -3.51 32.69 21.06
N VAL A 320 -2.33 32.95 20.51
CA VAL A 320 -1.97 32.36 19.21
C VAL A 320 -0.72 31.47 19.38
N ASP A 321 -0.72 30.32 18.70
CA ASP A 321 0.45 29.46 18.77
C ASP A 321 0.74 29.04 17.33
N LEU A 322 1.96 29.31 16.85
CA LEU A 322 2.35 28.93 15.49
C LEU A 322 2.17 27.42 15.19
N LYS A 323 2.10 26.58 16.21
CA LYS A 323 1.94 25.18 15.90
C LYS A 323 0.58 24.90 15.23
N TYR A 324 -0.40 25.81 15.33
CA TYR A 324 -1.69 25.59 14.64
C TYR A 324 -1.71 26.16 13.20
N TYR A 325 -0.62 26.83 12.80
CA TYR A 325 -0.56 27.37 11.42
C TYR A 325 -0.29 26.17 10.47
N ARG A 326 -0.53 26.41 9.19
CA ARG A 326 -0.25 25.42 8.12
C ARG A 326 0.87 26.06 7.27
N PRO A 327 1.79 25.26 6.75
CA PRO A 327 2.95 25.63 5.92
C PRO A 327 2.48 26.45 4.71
N THR A 328 1.36 26.02 4.12
CA THR A 328 0.79 26.68 2.95
C THR A 328 -0.72 26.90 3.24
N GLU A 329 -1.01 28.09 3.74
CA GLU A 329 -2.38 28.42 4.10
C GLU A 329 -3.27 28.64 2.91
N VAL A 330 -4.58 28.44 3.13
CA VAL A 330 -5.63 28.74 2.14
C VAL A 330 -6.24 29.98 2.73
N ASP A 331 -5.83 31.13 2.21
CA ASP A 331 -6.26 32.38 2.88
C ASP A 331 -7.70 32.80 2.80
N PHE A 332 -8.36 32.42 1.72
CA PHE A 332 -9.70 32.91 1.50
C PHE A 332 -10.48 32.00 0.61
N LEU A 333 -11.74 31.78 0.96
CA LEU A 333 -12.67 30.96 0.10
C LEU A 333 -14.04 31.65 0.12
N GLN A 334 -14.71 31.68 -1.02
CA GLN A 334 -16.06 32.25 -1.21
C GLN A 334 -16.62 31.53 -2.42
N GLY A 335 -17.66 30.74 -2.17
CA GLY A 335 -18.23 29.96 -3.25
C GLY A 335 -19.36 30.63 -3.99
N ASP A 336 -19.46 30.32 -5.28
CA ASP A 336 -20.57 30.83 -6.10
C ASP A 336 -21.40 29.61 -6.48
N CYS A 337 -22.54 29.44 -5.82
CA CYS A 337 -23.38 28.29 -6.08
C CYS A 337 -24.57 28.57 -7.04
N THR A 338 -24.38 29.54 -7.95
CA THR A 338 -25.42 29.88 -8.96
C THR A 338 -25.90 28.65 -9.74
N LYS A 339 -24.96 27.80 -10.21
CA LYS A 339 -25.39 26.63 -10.94
C LYS A 339 -26.32 25.73 -10.11
N ALA A 340 -25.96 25.44 -8.85
CA ALA A 340 -26.77 24.57 -7.97
C ALA A 340 -28.15 25.22 -7.73
N LYS A 341 -28.13 26.52 -7.47
CA LYS A 341 -29.39 27.21 -7.24
C LYS A 341 -30.34 27.08 -8.43
N GLN A 342 -29.80 27.16 -9.61
CA GLN A 342 -30.64 27.13 -10.80
C GLN A 342 -31.07 25.72 -11.21
N LYS A 343 -30.15 24.78 -11.13
CA LYS A 343 -30.44 23.45 -11.57
C LYS A 343 -31.00 22.55 -10.48
N LEU A 344 -30.70 22.80 -9.23
CA LEU A 344 -31.17 21.86 -8.19
C LEU A 344 -32.22 22.47 -7.26
N ASN A 345 -32.43 23.78 -7.40
CA ASN A 345 -33.32 24.48 -6.51
C ASN A 345 -32.76 24.37 -5.07
N TRP A 346 -31.44 24.30 -4.91
CA TRP A 346 -30.90 24.24 -3.53
C TRP A 346 -30.57 25.66 -3.10
N LYS A 347 -30.65 25.92 -1.81
CA LYS A 347 -30.22 27.21 -1.28
C LYS A 347 -29.76 26.99 0.15
N PRO A 348 -28.76 27.75 0.63
CA PRO A 348 -28.32 27.56 2.02
C PRO A 348 -29.42 28.16 2.91
N ARG A 349 -29.73 27.55 4.05
CA ARG A 349 -30.80 28.10 4.91
C ARG A 349 -30.26 28.76 6.17
N VAL A 350 -29.31 28.10 6.81
CA VAL A 350 -28.68 28.62 8.00
C VAL A 350 -27.56 29.60 7.60
N ALA A 351 -27.66 30.85 8.05
CA ALA A 351 -26.64 31.87 7.78
C ALA A 351 -25.67 31.82 8.96
N PHE A 352 -24.53 32.48 8.76
CA PHE A 352 -23.45 32.49 9.70
C PHE A 352 -23.79 32.82 11.16
N ASP A 353 -24.53 33.92 11.38
CA ASP A 353 -24.83 34.32 12.73
C ASP A 353 -25.55 33.22 13.49
N GLU A 354 -26.51 32.61 12.82
CA GLU A 354 -27.28 31.54 13.44
C GLU A 354 -26.42 30.27 13.64
N LEU A 355 -25.52 30.02 12.69
CA LEU A 355 -24.65 28.84 12.80
C LEU A 355 -23.82 28.98 14.10
N VAL A 356 -23.21 30.15 14.30
CA VAL A 356 -22.40 30.39 15.48
C VAL A 356 -23.24 30.25 16.76
N ARG A 357 -24.41 30.87 16.78
CA ARG A 357 -25.22 30.79 17.99
C ARG A 357 -25.56 29.33 18.32
N GLU A 358 -26.02 28.59 17.29
CA GLU A 358 -26.38 27.20 17.50
C GLU A 358 -25.24 26.40 18.07
N MET A 359 -24.05 26.56 17.51
CA MET A 359 -22.87 25.77 17.97
C MET A 359 -22.47 26.15 19.39
N VAL A 360 -22.40 27.42 19.68
CA VAL A 360 -22.03 27.77 21.06
C VAL A 360 -23.13 27.28 22.03
N HIS A 361 -24.39 27.53 21.68
CA HIS A 361 -25.45 27.08 22.59
C HIS A 361 -25.43 25.57 22.82
N ALA A 362 -25.24 24.79 21.74
CA ALA A 362 -25.21 23.33 21.92
C ALA A 362 -24.03 22.91 22.79
N ASP A 363 -22.86 23.57 22.60
CA ASP A 363 -21.70 23.21 23.39
C ASP A 363 -21.82 23.66 24.87
N VAL A 364 -22.58 24.74 25.11
CA VAL A 364 -22.81 25.09 26.53
C VAL A 364 -23.67 23.97 27.17
N GLU A 365 -24.71 23.51 26.47
CA GLU A 365 -25.57 22.44 27.01
C GLU A 365 -24.79 21.13 27.19
N LEU A 366 -23.98 20.81 26.18
CA LEU A 366 -23.17 19.62 26.23
C LEU A 366 -22.17 19.65 27.43
N MET A 367 -21.49 20.77 27.63
CA MET A 367 -20.46 20.88 28.65
C MET A 367 -21.00 21.03 30.07
N ARG A 368 -22.26 21.48 30.15
CA ARG A 368 -22.97 21.73 31.39
C ARG A 368 -23.05 20.36 32.03
N THR A 369 -23.40 19.38 31.19
CA THR A 369 -23.48 17.98 31.55
C THR A 369 -22.02 17.56 31.74
N ASN A 370 -21.45 16.89 30.74
CA ASN A 370 -20.04 16.43 30.71
C ASN A 370 -19.88 14.94 30.33
N ARG B 24 30.80 20.29 -6.96
CA ARG B 24 30.06 19.03 -6.65
C ARG B 24 28.71 18.87 -7.39
N ASN B 25 28.68 17.91 -8.29
CA ASN B 25 27.49 17.68 -9.10
C ASN B 25 27.17 16.21 -9.04
N VAL B 26 26.15 15.89 -8.28
CA VAL B 26 25.77 14.48 -8.08
C VAL B 26 24.25 14.35 -8.33
N ALA B 27 23.91 13.57 -9.36
CA ALA B 27 22.50 13.39 -9.72
C ALA B 27 22.00 12.01 -9.33
N LEU B 28 20.76 11.96 -8.85
CA LEU B 28 20.14 10.69 -8.58
C LEU B 28 18.93 10.70 -9.52
N ILE B 29 18.84 9.68 -10.36
CA ILE B 29 17.78 9.55 -11.35
C ILE B 29 16.92 8.30 -11.05
N THR B 30 15.64 8.47 -10.73
CA THR B 30 14.76 7.34 -10.64
C THR B 30 14.34 7.15 -12.11
N GLY B 31 13.99 5.94 -12.49
CA GLY B 31 13.61 5.74 -13.89
C GLY B 31 14.85 5.68 -14.84
N ILE B 32 16.02 5.44 -14.28
CA ILE B 32 17.23 5.45 -15.12
C ILE B 32 17.30 4.42 -16.26
N THR B 33 16.63 3.30 -16.11
CA THR B 33 16.65 2.28 -17.14
C THR B 33 15.71 2.56 -18.29
N GLY B 34 14.86 3.57 -18.12
CA GLY B 34 13.89 3.88 -19.16
C GLY B 34 14.45 4.78 -20.29
N GLN B 35 13.61 5.10 -21.26
CA GLN B 35 14.06 5.98 -22.37
C GLN B 35 14.76 7.26 -21.90
N ASP B 36 14.02 8.08 -21.16
CA ASP B 36 14.60 9.37 -20.73
C ASP B 36 15.80 9.25 -19.81
N GLY B 37 15.69 8.34 -18.83
CA GLY B 37 16.76 8.16 -17.89
C GLY B 37 18.06 7.78 -18.60
N SER B 38 17.98 6.97 -19.67
CA SER B 38 19.20 6.54 -20.36
C SER B 38 19.82 7.77 -21.06
N TYR B 39 19.02 8.55 -21.78
CA TYR B 39 19.61 9.77 -22.38
C TYR B 39 20.08 10.79 -21.35
N LEU B 40 19.31 11.02 -20.28
CA LEU B 40 19.74 11.96 -19.27
C LEU B 40 21.07 11.52 -18.59
N ALA B 41 21.20 10.22 -18.31
CA ALA B 41 22.42 9.72 -17.69
C ALA B 41 23.63 10.10 -18.61
N GLU B 42 23.47 9.88 -19.92
CA GLU B 42 24.56 10.22 -20.88
C GLU B 42 24.87 11.70 -20.89
N PHE B 43 23.81 12.51 -20.90
CA PHE B 43 23.95 13.96 -20.90
C PHE B 43 24.67 14.46 -19.65
N LEU B 44 24.30 13.94 -18.45
CA LEU B 44 24.95 14.41 -17.25
C LEU B 44 26.39 13.90 -17.12
N LEU B 45 26.59 12.66 -17.56
CA LEU B 45 27.94 12.07 -17.49
C LEU B 45 28.89 12.96 -18.36
N GLU B 46 28.38 13.39 -19.51
CA GLU B 46 29.18 14.21 -20.41
C GLU B 46 29.59 15.51 -19.75
N LYS B 47 28.82 15.98 -18.79
CA LYS B 47 29.11 17.21 -18.10
C LYS B 47 29.92 16.94 -16.82
N GLY B 48 30.37 15.72 -16.65
CA GLY B 48 31.19 15.45 -15.48
C GLY B 48 30.47 15.07 -14.19
N TYR B 49 29.15 14.90 -14.24
CA TYR B 49 28.40 14.53 -13.03
C TYR B 49 28.71 13.12 -12.56
N GLU B 50 28.50 12.92 -11.27
CA GLU B 50 28.56 11.60 -10.64
C GLU B 50 27.04 11.28 -10.78
N VAL B 51 26.70 10.17 -11.43
CA VAL B 51 25.32 9.83 -11.67
C VAL B 51 24.95 8.53 -10.98
N HIS B 52 23.86 8.57 -10.22
CA HIS B 52 23.36 7.41 -9.52
C HIS B 52 21.94 7.16 -10.03
N GLY B 53 21.60 5.89 -10.25
CA GLY B 53 20.25 5.57 -10.70
C GLY B 53 19.61 4.49 -9.80
N ILE B 54 18.30 4.55 -9.72
CA ILE B 54 17.58 3.56 -8.95
C ILE B 54 17.00 2.59 -9.98
N VAL B 55 17.27 1.29 -9.77
CA VAL B 55 16.85 0.26 -10.72
C VAL B 55 15.95 -0.75 -10.03
N ARG B 56 14.93 -1.23 -10.73
CA ARG B 56 14.06 -2.21 -10.10
C ARG B 56 14.68 -3.56 -10.18
N ARG B 57 14.43 -4.37 -9.18
CA ARG B 57 14.87 -5.78 -9.24
C ARG B 57 14.04 -6.45 -10.34
N SER B 58 14.67 -7.26 -11.20
CA SER B 58 13.89 -7.95 -12.26
C SER B 58 14.46 -9.39 -12.37
N SER B 59 13.65 -10.34 -12.80
CA SER B 59 14.17 -11.70 -12.97
C SER B 59 15.09 -11.77 -14.21
N SER B 60 15.06 -10.76 -15.08
CA SER B 60 15.87 -10.74 -16.32
C SER B 60 16.70 -9.46 -16.35
N PHE B 61 17.63 -9.42 -17.30
CA PHE B 61 18.52 -8.27 -17.53
C PHE B 61 17.56 -7.09 -17.84
N ASN B 62 17.77 -5.92 -17.27
CA ASN B 62 16.82 -4.81 -17.54
C ASN B 62 17.54 -3.45 -17.65
N THR B 63 18.87 -3.51 -17.83
CA THR B 63 19.70 -2.30 -17.96
C THR B 63 20.23 -2.10 -19.42
N GLY B 64 19.53 -2.72 -20.38
CA GLY B 64 19.87 -2.63 -21.79
C GLY B 64 20.17 -1.22 -22.29
N ARG B 65 19.42 -0.22 -21.85
CA ARG B 65 19.67 1.10 -22.37
C ARG B 65 20.90 1.80 -21.76
N ILE B 66 21.42 1.31 -20.63
CA ILE B 66 22.53 2.01 -20.01
C ILE B 66 23.76 1.17 -19.82
N GLU B 67 23.70 -0.07 -20.29
CA GLU B 67 24.81 -1.03 -20.13
C GLU B 67 26.13 -0.46 -20.65
N HIS B 68 26.08 0.30 -21.73
CA HIS B 68 27.30 0.83 -22.31
C HIS B 68 27.95 1.86 -21.43
N LEU B 69 27.18 2.37 -20.48
CA LEU B 69 27.68 3.38 -19.57
C LEU B 69 28.40 2.74 -18.40
N TYR B 70 28.12 1.46 -18.17
CA TYR B 70 28.67 0.70 -17.04
C TYR B 70 30.05 0.09 -17.33
N ASN B 80 31.46 6.69 -13.83
CA ASN B 80 30.90 7.73 -12.97
C ASN B 80 29.43 7.46 -12.71
N MET B 81 28.96 6.27 -13.10
CA MET B 81 27.59 5.85 -12.88
C MET B 81 27.47 4.69 -11.89
N LYS B 82 26.58 4.83 -10.93
CA LYS B 82 26.37 3.78 -9.95
C LYS B 82 24.88 3.50 -9.85
N LEU B 83 24.54 2.21 -9.81
CA LEU B 83 23.16 1.82 -9.77
C LEU B 83 22.81 1.26 -8.41
N HIS B 84 21.57 1.50 -8.00
CA HIS B 84 21.06 1.05 -6.69
C HIS B 84 19.67 0.36 -6.86
N TYR B 85 19.46 -0.78 -6.22
CA TYR B 85 18.15 -1.43 -6.32
C TYR B 85 17.16 -0.66 -5.50
N GLY B 86 15.97 -0.45 -6.04
CA GLY B 86 14.98 0.22 -5.19
C GLY B 86 13.64 0.22 -5.87
N ASP B 87 12.65 0.82 -5.23
CA ASP B 87 11.35 0.91 -5.86
C ASP B 87 10.59 2.11 -5.29
N LEU B 88 9.87 2.84 -6.16
CA LEU B 88 9.17 4.02 -5.68
C LEU B 88 8.03 3.67 -4.71
N THR B 89 7.75 2.38 -4.50
CA THR B 89 6.67 2.02 -3.57
C THR B 89 7.23 1.66 -2.21
N ASP B 90 8.55 1.73 -2.07
CA ASP B 90 9.25 1.35 -0.82
C ASP B 90 10.04 2.56 -0.30
N SER B 91 9.39 3.26 0.64
CA SER B 91 9.91 4.49 1.25
C SER B 91 11.28 4.37 1.87
N THR B 92 11.51 3.28 2.61
CA THR B 92 12.78 3.08 3.30
C THR B 92 13.96 2.94 2.34
N CYS B 93 13.77 2.22 1.25
CA CYS B 93 14.89 2.06 0.33
C CYS B 93 15.22 3.44 -0.28
N LEU B 94 14.21 4.31 -0.47
CA LEU B 94 14.49 5.62 -1.04
C LEU B 94 15.30 6.48 -0.07
N VAL B 95 14.92 6.47 1.22
CA VAL B 95 15.70 7.23 2.24
C VAL B 95 17.15 6.73 2.30
N LYS B 96 17.33 5.42 2.29
CA LYS B 96 18.70 4.85 2.35
C LYS B 96 19.58 5.28 1.16
N ILE B 97 19.03 5.18 -0.03
CA ILE B 97 19.75 5.61 -1.24
C ILE B 97 20.04 7.09 -1.16
N ILE B 98 19.03 7.90 -0.90
CA ILE B 98 19.29 9.34 -0.84
C ILE B 98 20.31 9.75 0.24
N ASN B 99 20.23 9.08 1.39
CA ASN B 99 21.16 9.42 2.48
C ASN B 99 22.58 9.04 2.09
N GLU B 100 22.71 7.96 1.35
CA GLU B 100 24.04 7.51 0.94
C GLU B 100 24.63 8.40 -0.17
N VAL B 101 23.77 8.73 -1.14
CA VAL B 101 24.20 9.51 -2.26
C VAL B 101 24.40 10.96 -2.02
N LYS B 102 23.50 11.55 -1.23
CA LYS B 102 23.49 13.00 -0.93
C LYS B 102 23.49 13.77 -2.27
N PRO B 103 22.56 13.43 -3.16
CA PRO B 103 22.52 14.09 -4.46
C PRO B 103 22.36 15.58 -4.43
N THR B 104 22.88 16.29 -5.45
CA THR B 104 22.65 17.73 -5.50
C THR B 104 21.40 17.96 -6.42
N GLU B 105 21.17 17.00 -7.30
CA GLU B 105 19.99 17.02 -8.22
C GLU B 105 19.27 15.68 -8.25
N ILE B 106 17.93 15.70 -8.24
CA ILE B 106 17.17 14.46 -8.29
C ILE B 106 16.20 14.59 -9.43
N TYR B 107 16.17 13.61 -10.32
CA TYR B 107 15.21 13.64 -11.44
C TYR B 107 14.27 12.45 -11.23
N ASN B 108 13.01 12.71 -10.91
CA ASN B 108 12.10 11.59 -10.70
C ASN B 108 11.43 11.20 -12.00
N LEU B 109 12.09 10.31 -12.77
CA LEU B 109 11.52 9.88 -14.06
C LEU B 109 10.84 8.53 -13.93
N GLY B 110 11.00 7.88 -12.76
CA GLY B 110 10.37 6.58 -12.54
C GLY B 110 8.85 6.59 -12.55
N ALA B 111 8.22 5.72 -13.35
CA ALA B 111 6.79 5.67 -13.51
C ALA B 111 6.33 4.47 -14.32
N GLN B 112 5.09 4.06 -14.06
CA GLN B 112 4.39 3.12 -14.96
C GLN B 112 3.93 4.26 -15.92
N SER B 113 4.55 4.36 -17.11
CA SER B 113 4.32 5.52 -17.98
C SER B 113 3.37 5.34 -19.15
N HIS B 114 2.71 4.18 -19.23
CA HIS B 114 1.84 3.93 -20.37
C HIS B 114 0.40 4.17 -20.04
N VAL B 115 -0.27 4.94 -20.87
CA VAL B 115 -1.66 5.34 -20.66
C VAL B 115 -2.61 4.16 -20.80
N LYS B 116 -2.50 3.41 -21.88
CA LYS B 116 -3.47 2.30 -22.01
C LYS B 116 -3.35 1.34 -20.84
N ILE B 117 -2.13 0.98 -20.50
CA ILE B 117 -1.93 0.05 -19.43
C ILE B 117 -2.52 0.60 -18.12
N SER B 118 -2.48 1.94 -17.94
CA SER B 118 -2.98 2.52 -16.68
C SER B 118 -4.49 2.28 -16.41
N PHE B 119 -5.25 1.97 -17.45
CA PHE B 119 -6.68 1.70 -17.26
C PHE B 119 -6.94 0.37 -16.53
N ASP B 120 -6.07 -0.63 -16.68
CA ASP B 120 -6.27 -1.90 -15.96
C ASP B 120 -5.36 -2.03 -14.75
N LEU B 121 -4.35 -1.14 -14.66
CA LEU B 121 -3.40 -1.16 -13.56
C LEU B 121 -3.53 0.24 -12.91
N ALA B 122 -4.75 0.62 -12.58
CA ALA B 122 -4.98 1.97 -12.07
C ALA B 122 -4.41 2.26 -10.68
N GLU B 123 -4.51 1.25 -9.79
CA GLU B 123 -4.02 1.43 -8.44
C GLU B 123 -2.56 1.39 -8.39
N TYR B 124 -1.95 0.43 -9.10
CA TYR B 124 -0.50 0.35 -9.14
C TYR B 124 0.00 1.71 -9.74
N THR B 125 -0.66 2.17 -10.79
CA THR B 125 -0.23 3.46 -11.37
C THR B 125 -0.33 4.64 -10.40
N ALA B 126 -1.40 4.70 -9.62
CA ALA B 126 -1.50 5.75 -8.62
C ALA B 126 -0.37 5.65 -7.59
N ASP B 127 -0.14 4.43 -7.12
CA ASP B 127 0.84 4.26 -6.07
C ASP B 127 2.22 4.58 -6.53
N VAL B 128 2.54 4.25 -7.77
CA VAL B 128 3.87 4.57 -8.22
C VAL B 128 4.04 6.00 -8.72
N ASP B 129 3.10 6.45 -9.56
CA ASP B 129 3.28 7.74 -10.25
C ASP B 129 2.84 8.89 -9.37
N GLY B 130 1.83 8.61 -8.53
CA GLY B 130 1.33 9.65 -7.63
C GLY B 130 2.01 9.60 -6.27
N VAL B 131 1.63 8.59 -5.46
CA VAL B 131 2.18 8.48 -4.13
C VAL B 131 3.67 8.29 -4.18
N GLY B 132 4.17 7.64 -5.23
CA GLY B 132 5.62 7.48 -5.27
C GLY B 132 6.40 8.78 -5.34
N THR B 133 5.81 9.80 -5.98
CA THR B 133 6.45 11.13 -6.04
C THR B 133 6.47 11.73 -4.62
N LEU B 134 5.34 11.59 -3.91
CA LEU B 134 5.31 12.00 -2.52
C LEU B 134 6.40 11.29 -1.67
N ARG B 135 6.53 9.99 -1.85
CA ARG B 135 7.52 9.24 -1.08
C ARG B 135 8.92 9.78 -1.34
N LEU B 136 9.20 10.06 -2.60
CA LEU B 136 10.54 10.58 -2.94
C LEU B 136 10.76 11.96 -2.33
N LEU B 137 9.75 12.82 -2.38
CA LEU B 137 9.91 14.14 -1.78
C LEU B 137 10.09 13.98 -0.26
N ASP B 138 9.28 13.11 0.34
CA ASP B 138 9.44 13.00 1.79
C ASP B 138 10.77 12.35 2.15
N ALA B 139 11.34 11.56 1.25
CA ALA B 139 12.66 10.98 1.59
C ALA B 139 13.69 12.13 1.59
N VAL B 140 13.57 13.03 0.62
CA VAL B 140 14.50 14.16 0.59
C VAL B 140 14.43 14.92 1.89
N LYS B 141 13.19 15.22 2.34
CA LYS B 141 13.01 15.95 3.59
C LYS B 141 13.56 15.15 4.82
N THR B 142 13.27 13.87 4.87
CA THR B 142 13.72 13.02 5.99
C THR B 142 15.23 13.04 6.03
N CYS B 143 15.83 13.04 4.85
CA CYS B 143 17.28 13.04 4.73
C CYS B 143 17.95 14.37 5.04
N GLY B 144 17.12 15.35 5.33
CA GLY B 144 17.56 16.71 5.64
C GLY B 144 18.13 17.53 4.48
N LEU B 145 17.79 17.16 3.25
CA LEU B 145 18.30 17.86 2.06
C LEU B 145 17.29 18.82 1.43
N ILE B 146 16.27 19.15 2.20
CA ILE B 146 15.20 20.02 1.68
C ILE B 146 15.72 21.33 1.15
N ASN B 147 16.81 21.85 1.73
CA ASN B 147 17.32 23.15 1.29
C ASN B 147 18.54 23.03 0.41
N SER B 148 18.98 21.82 0.13
CA SER B 148 20.15 21.66 -0.72
C SER B 148 19.84 20.99 -2.09
N VAL B 149 18.92 20.04 -2.14
CA VAL B 149 18.75 19.40 -3.44
C VAL B 149 17.80 20.17 -4.40
N LYS B 150 17.97 19.99 -5.71
CA LYS B 150 17.04 20.54 -6.72
C LYS B 150 16.31 19.28 -7.25
N PHE B 151 14.98 19.35 -7.34
CA PHE B 151 14.17 18.19 -7.71
C PHE B 151 13.37 18.41 -8.97
N TYR B 152 13.56 17.54 -9.95
CA TYR B 152 12.80 17.61 -11.19
C TYR B 152 11.71 16.52 -11.17
N GLN B 153 10.44 16.91 -11.42
CA GLN B 153 9.31 15.95 -11.52
C GLN B 153 8.96 15.79 -13.00
N ALA B 154 8.83 14.56 -13.43
CA ALA B 154 8.49 14.27 -14.81
C ALA B 154 6.97 14.40 -15.05
N SER B 155 6.51 15.66 -15.20
CA SER B 155 5.13 15.94 -15.54
C SER B 155 4.92 15.72 -17.02
N THR B 156 3.72 15.95 -17.52
CA THR B 156 3.43 15.46 -18.87
C THR B 156 2.26 16.20 -19.48
N SER B 157 2.23 16.24 -20.81
CA SER B 157 1.10 16.84 -21.53
C SER B 157 -0.18 16.06 -21.28
N GLU B 158 -0.08 14.79 -20.84
CA GLU B 158 -1.30 14.04 -20.55
C GLU B 158 -2.16 14.77 -19.49
N LEU B 159 -1.53 15.64 -18.68
CA LEU B 159 -2.28 16.44 -17.72
C LEU B 159 -3.35 17.31 -18.41
N TYR B 160 -3.06 17.75 -19.67
CA TYR B 160 -4.07 18.56 -20.36
C TYR B 160 -5.26 17.76 -20.88
N GLY B 161 -5.07 16.45 -21.11
CA GLY B 161 -6.11 15.53 -21.52
C GLY B 161 -7.09 16.07 -22.55
N LYS B 162 -8.32 16.39 -22.13
CA LYS B 162 -9.32 16.95 -23.08
C LYS B 162 -8.95 18.45 -23.02
N VAL B 163 -8.13 18.90 -23.98
CA VAL B 163 -7.57 20.21 -23.86
C VAL B 163 -8.50 21.34 -23.76
N GLN B 164 -8.18 22.22 -22.81
CA GLN B 164 -9.04 23.35 -22.52
C GLN B 164 -8.61 24.63 -23.29
N GLU B 165 -7.46 24.57 -23.97
CA GLU B 165 -6.96 25.70 -24.78
C GLU B 165 -6.07 25.05 -25.84
N ILE B 166 -5.89 25.72 -26.99
CA ILE B 166 -5.04 25.19 -28.03
C ILE B 166 -4.28 26.40 -28.53
N PRO B 167 -2.96 26.36 -28.48
CA PRO B 167 -2.08 25.27 -27.98
C PRO B 167 -2.13 25.33 -26.43
N GLN B 168 -1.51 24.35 -25.77
CA GLN B 168 -1.49 24.34 -24.31
C GLN B 168 -0.22 24.95 -23.73
N LYS B 169 -0.38 25.81 -22.73
CA LYS B 169 0.78 26.41 -22.08
C LYS B 169 0.74 26.21 -20.57
N GLU B 170 1.67 26.81 -19.85
CA GLU B 170 1.68 26.58 -18.42
C GLU B 170 0.39 26.96 -17.70
N THR B 171 -0.32 27.96 -18.18
CA THR B 171 -1.54 28.39 -17.47
C THR B 171 -2.84 27.72 -17.98
N THR B 172 -2.70 26.78 -18.88
CA THR B 172 -3.89 26.08 -19.41
C THR B 172 -4.33 25.11 -18.31
N PRO B 173 -5.60 25.16 -17.89
CA PRO B 173 -6.19 24.29 -16.84
C PRO B 173 -6.04 22.79 -17.28
N PHE B 174 -5.77 21.92 -16.32
CA PHE B 174 -5.58 20.52 -16.60
C PHE B 174 -6.91 19.81 -16.67
N TYR B 175 -6.97 18.75 -17.47
CA TYR B 175 -8.20 17.92 -17.58
C TYR B 175 -7.76 16.48 -17.92
N PRO B 176 -7.28 15.74 -16.91
CA PRO B 176 -6.82 14.37 -17.17
C PRO B 176 -7.89 13.42 -17.67
N ARG B 177 -7.44 12.46 -18.47
CA ARG B 177 -8.33 11.53 -19.18
C ARG B 177 -7.98 10.07 -18.99
N SER B 178 -7.26 9.75 -17.91
CA SER B 178 -6.89 8.34 -17.60
C SER B 178 -6.34 8.25 -16.19
N PRO B 179 -6.23 7.01 -15.66
CA PRO B 179 -5.68 6.84 -14.32
C PRO B 179 -4.21 7.34 -14.28
N TYR B 180 -3.53 7.25 -15.43
CA TYR B 180 -2.16 7.75 -15.52
C TYR B 180 -2.17 9.28 -15.36
N GLY B 181 -3.03 9.95 -16.10
CA GLY B 181 -3.10 11.41 -15.99
C GLY B 181 -3.47 11.87 -14.60
N ALA B 182 -4.43 11.21 -13.97
CA ALA B 182 -4.88 11.64 -12.63
C ALA B 182 -3.73 11.44 -11.64
N ALA B 183 -3.00 10.33 -11.78
CA ALA B 183 -1.90 10.07 -10.85
C ALA B 183 -0.79 11.11 -11.06
N LYS B 184 -0.52 11.42 -12.31
CA LYS B 184 0.50 12.45 -12.58
C LYS B 184 0.02 13.84 -12.09
N LEU B 185 -1.29 14.10 -12.09
CA LEU B 185 -1.80 15.39 -11.62
C LEU B 185 -1.58 15.49 -10.11
N TYR B 186 -1.78 14.37 -9.39
CA TYR B 186 -1.49 14.39 -7.95
C TYR B 186 0.01 14.69 -7.76
N ALA B 187 0.85 14.03 -8.53
CA ALA B 187 2.31 14.23 -8.40
C ALA B 187 2.67 15.70 -8.73
N TYR B 188 2.04 16.26 -9.76
CA TYR B 188 2.36 17.66 -10.15
C TYR B 188 2.10 18.57 -8.94
N TRP B 189 0.91 18.38 -8.33
CA TRP B 189 0.56 19.25 -7.20
C TRP B 189 1.29 19.01 -5.88
N ILE B 190 1.66 17.77 -5.60
CA ILE B 190 2.39 17.52 -4.35
C ILE B 190 3.84 18.11 -4.47
N VAL B 191 4.37 18.15 -5.67
CA VAL B 191 5.68 18.77 -5.95
C VAL B 191 5.49 20.30 -5.73
N VAL B 192 4.43 20.87 -6.28
CA VAL B 192 4.20 22.30 -6.01
C VAL B 192 4.06 22.56 -4.49
N ASN B 193 3.42 21.66 -3.77
CA ASN B 193 3.21 21.87 -2.34
C ASN B 193 4.51 21.77 -1.59
N PHE B 194 5.42 20.86 -2.00
CA PHE B 194 6.66 20.80 -1.24
C PHE B 194 7.51 22.09 -1.50
N ARG B 195 7.40 22.58 -2.72
CA ARG B 195 8.13 23.79 -3.10
C ARG B 195 7.59 24.95 -2.29
N GLU B 196 6.25 25.04 -2.21
CA GLU B 196 5.69 26.17 -1.46
C GLU B 196 5.77 26.09 0.03
N ALA B 197 5.57 24.89 0.56
CA ALA B 197 5.55 24.70 2.02
C ALA B 197 6.96 24.71 2.66
N TYR B 198 7.93 24.13 1.96
CA TYR B 198 9.25 23.92 2.58
C TYR B 198 10.38 24.58 1.82
N ASN B 199 10.06 25.39 0.83
CA ASN B 199 11.11 26.05 -0.01
C ASN B 199 12.05 25.08 -0.75
N LEU B 200 11.56 23.90 -1.05
CA LEU B 200 12.38 22.95 -1.84
C LEU B 200 12.42 23.52 -3.26
N PHE B 201 13.58 23.42 -3.91
CA PHE B 201 13.71 23.83 -5.32
C PHE B 201 13.18 22.61 -6.06
N ALA B 202 11.91 22.66 -6.48
CA ALA B 202 11.34 21.51 -7.17
C ALA B 202 10.54 22.11 -8.31
N VAL B 203 10.61 21.45 -9.47
CA VAL B 203 9.95 21.95 -10.64
C VAL B 203 9.22 20.82 -11.38
N ASN B 204 8.15 21.20 -12.07
CA ASN B 204 7.42 20.26 -12.94
C ASN B 204 7.79 20.54 -14.39
N GLY B 205 8.40 19.55 -15.05
CA GLY B 205 8.65 19.60 -16.49
C GLY B 205 7.37 19.09 -17.12
N ILE B 206 6.63 19.95 -17.84
CA ILE B 206 5.40 19.49 -18.49
C ILE B 206 5.81 19.15 -19.90
N LEU B 207 6.32 17.94 -20.06
CA LEU B 207 6.83 17.51 -21.36
C LEU B 207 5.81 16.87 -22.23
N PHE B 208 5.75 17.30 -23.50
CA PHE B 208 4.83 16.66 -24.43
C PHE B 208 5.56 15.42 -24.97
N ASN B 209 4.85 14.53 -25.66
CA ASN B 209 5.40 13.26 -26.13
C ASN B 209 6.77 13.38 -26.77
N HIS B 210 7.69 12.54 -26.32
CA HIS B 210 9.02 12.56 -26.91
C HIS B 210 9.46 11.09 -27.11
N GLU B 211 10.04 10.82 -28.29
CA GLU B 211 10.36 9.45 -28.73
C GLU B 211 11.83 9.36 -29.13
N SER B 212 12.26 8.18 -29.54
CA SER B 212 13.68 8.00 -29.91
C SER B 212 13.79 6.54 -30.25
N PRO B 213 14.97 6.09 -30.73
CA PRO B 213 15.12 4.68 -31.07
C PRO B 213 15.07 3.81 -29.78
N ARG B 214 15.03 4.48 -28.64
CA ARG B 214 15.01 3.78 -27.33
C ARG B 214 13.63 3.79 -26.72
N ARG B 215 12.67 4.37 -27.43
CA ARG B 215 11.29 4.47 -26.92
C ARG B 215 10.74 3.08 -26.64
N GLY B 216 9.89 2.92 -25.60
CA GLY B 216 9.32 1.59 -25.37
C GLY B 216 8.50 1.08 -26.56
N ALA B 217 8.60 -0.22 -26.82
CA ALA B 217 7.94 -0.82 -27.98
C ALA B 217 6.43 -0.72 -28.04
N ASN B 218 5.88 -0.42 -26.89
CA ASN B 218 4.44 -0.36 -26.63
C ASN B 218 3.80 0.99 -26.92
N PHE B 219 4.63 2.01 -27.12
CA PHE B 219 4.15 3.34 -27.49
C PHE B 219 3.93 3.29 -29.02
N VAL B 220 3.07 4.16 -29.53
CA VAL B 220 2.64 4.03 -30.90
C VAL B 220 3.70 4.26 -31.93
N THR B 221 4.58 5.18 -31.62
CA THR B 221 5.62 5.55 -32.59
C THR B 221 6.61 4.39 -32.81
N ARG B 222 7.08 3.81 -31.69
CA ARG B 222 8.04 2.71 -31.75
C ARG B 222 7.35 1.43 -32.26
N LYS B 223 6.09 1.26 -31.89
CA LYS B 223 5.32 0.11 -32.40
C LYS B 223 5.29 0.24 -33.94
N ILE B 224 5.04 1.45 -34.47
CA ILE B 224 5.02 1.62 -35.94
C ILE B 224 6.41 1.42 -36.56
N SER B 225 7.42 2.09 -36.03
CA SER B 225 8.77 1.95 -36.65
C SER B 225 9.28 0.49 -36.56
N ARG B 226 8.98 -0.22 -35.47
CA ARG B 226 9.45 -1.60 -35.36
C ARG B 226 8.70 -2.46 -36.36
N SER B 227 7.40 -2.28 -36.45
CA SER B 227 6.57 -3.06 -37.37
C SER B 227 6.93 -2.81 -38.86
N VAL B 228 7.13 -1.54 -39.19
CA VAL B 228 7.47 -1.16 -40.54
C VAL B 228 8.85 -1.78 -40.88
N ALA B 229 9.80 -1.71 -39.95
CA ALA B 229 11.08 -2.32 -40.19
C ALA B 229 10.87 -3.81 -40.42
N LYS B 230 10.10 -4.47 -39.56
CA LYS B 230 9.93 -5.90 -39.77
C LYS B 230 9.36 -6.21 -41.15
N ILE B 231 8.33 -5.48 -41.54
CA ILE B 231 7.70 -5.71 -42.84
C ILE B 231 8.75 -5.50 -43.95
N TYR B 232 9.62 -4.54 -43.76
CA TYR B 232 10.66 -4.32 -44.75
C TYR B 232 11.63 -5.49 -44.87
N LEU B 233 11.94 -6.08 -43.73
CA LEU B 233 12.88 -7.18 -43.71
C LEU B 233 12.19 -8.49 -43.95
N GLY B 234 10.91 -8.43 -44.30
CA GLY B 234 10.16 -9.64 -44.56
C GLY B 234 9.81 -10.50 -43.35
N GLN B 235 10.02 -9.95 -42.16
CA GLN B 235 9.75 -10.68 -40.94
C GLN B 235 8.27 -10.55 -40.51
N LEU B 236 7.52 -9.70 -41.22
CA LEU B 236 6.15 -9.41 -40.87
C LEU B 236 5.41 -8.94 -42.08
N GLU B 237 4.12 -9.19 -42.12
CA GLU B 237 3.33 -8.73 -43.25
C GLU B 237 2.36 -7.55 -42.96
N CYS B 238 1.75 -7.60 -41.77
CA CYS B 238 0.75 -6.63 -41.40
C CYS B 238 0.75 -6.45 -39.88
N PHE B 239 0.26 -5.32 -39.37
CA PHE B 239 0.15 -5.10 -37.93
C PHE B 239 -1.11 -4.26 -37.68
N SER B 240 -1.60 -4.28 -36.46
CA SER B 240 -2.81 -3.53 -36.17
C SER B 240 -2.54 -2.40 -35.18
N LEU B 241 -3.29 -1.33 -35.37
CA LEU B 241 -3.17 -0.16 -34.48
C LEU B 241 -4.57 0.16 -33.91
N GLY B 242 -4.65 1.18 -33.04
CA GLY B 242 -5.94 1.59 -32.54
C GLY B 242 -6.47 2.82 -33.26
N ASN B 243 -6.54 3.94 -32.52
CA ASN B 243 -7.07 5.18 -33.09
C ASN B 243 -6.07 5.91 -34.03
N LEU B 244 -6.30 5.79 -35.34
CA LEU B 244 -5.38 6.39 -36.32
C LEU B 244 -5.42 7.92 -36.35
N ASP B 245 -6.52 8.47 -35.83
CA ASP B 245 -6.69 9.90 -35.91
C ASP B 245 -6.20 10.73 -34.74
N ALA B 246 -5.57 10.09 -33.75
CA ALA B 246 -5.08 10.84 -32.59
C ALA B 246 -4.01 11.77 -33.11
N LYS B 247 -3.98 12.96 -32.53
CA LYS B 247 -3.01 13.96 -32.96
C LYS B 247 -2.05 14.29 -31.78
N ARG B 248 -0.76 14.32 -32.11
CA ARG B 248 0.28 14.54 -31.10
C ARG B 248 1.35 15.52 -31.56
N ASP B 249 2.03 16.05 -30.55
CA ASP B 249 3.14 16.95 -30.68
C ASP B 249 4.31 16.02 -30.25
N TRP B 250 5.11 15.58 -31.23
CA TRP B 250 6.18 14.64 -30.99
C TRP B 250 7.57 15.21 -31.16
N GLY B 251 8.37 15.13 -30.08
CA GLY B 251 9.75 15.59 -30.12
C GLY B 251 10.73 14.43 -29.89
N HIS B 252 12.04 14.73 -29.87
CA HIS B 252 13.01 13.66 -29.68
C HIS B 252 13.48 13.68 -28.21
N ALA B 253 13.42 12.54 -27.55
CA ALA B 253 13.78 12.48 -26.13
C ALA B 253 15.16 13.08 -25.80
N LYS B 254 16.12 12.94 -26.71
CA LYS B 254 17.46 13.47 -26.42
C LYS B 254 17.45 14.96 -26.22
N ASP B 255 16.65 15.64 -27.00
CA ASP B 255 16.53 17.09 -26.87
C ASP B 255 15.81 17.43 -25.55
N TYR B 256 14.84 16.61 -25.19
CA TYR B 256 14.00 16.90 -24.00
C TYR B 256 14.70 16.70 -22.67
N VAL B 257 15.59 15.72 -22.55
CA VAL B 257 16.26 15.60 -21.27
C VAL B 257 17.13 16.78 -21.05
N GLU B 258 17.61 17.43 -22.14
CA GLU B 258 18.44 18.59 -21.92
C GLU B 258 17.58 19.67 -21.24
N ALA B 259 16.28 19.75 -21.60
CA ALA B 259 15.42 20.75 -20.96
C ALA B 259 15.30 20.47 -19.45
N MET B 260 15.28 19.19 -19.04
CA MET B 260 15.19 18.89 -17.59
C MET B 260 16.35 19.49 -16.81
N TRP B 261 17.55 19.29 -17.37
CA TRP B 261 18.75 19.83 -16.75
C TRP B 261 18.67 21.36 -16.72
N LEU B 262 18.28 21.96 -17.86
CA LEU B 262 18.15 23.41 -17.90
C LEU B 262 17.19 23.92 -16.83
N MET B 263 16.09 23.18 -16.56
CA MET B 263 15.17 23.68 -15.52
C MET B 263 15.77 23.72 -14.13
N LEU B 264 16.70 22.81 -13.81
CA LEU B 264 17.36 22.79 -12.52
C LEU B 264 18.57 23.78 -12.46
N GLN B 265 18.97 24.33 -13.61
CA GLN B 265 20.04 25.35 -13.63
C GLN B 265 19.42 26.75 -13.48
N ASN B 266 18.10 26.86 -13.61
CA ASN B 266 17.40 28.14 -13.55
C ASN B 266 17.60 28.69 -12.14
N ASP B 267 17.59 30.01 -12.01
CA ASP B 267 17.83 30.61 -10.69
C ASP B 267 16.66 30.35 -9.74
N GLU B 268 15.47 30.32 -10.29
CA GLU B 268 14.30 30.06 -9.45
C GLU B 268 13.60 28.81 -9.96
N PRO B 269 12.92 28.07 -9.07
CA PRO B 269 12.20 26.84 -9.42
C PRO B 269 10.88 27.23 -10.11
N GLU B 270 10.78 26.94 -11.38
CA GLU B 270 9.60 27.27 -12.14
C GLU B 270 9.18 26.04 -12.96
N ASP B 271 7.90 25.98 -13.29
CA ASP B 271 7.41 24.88 -14.12
C ASP B 271 7.40 25.35 -15.60
N PHE B 272 7.65 24.43 -16.49
CA PHE B 272 7.70 24.73 -17.92
C PHE B 272 7.11 23.66 -18.82
N VAL B 273 6.45 24.12 -19.88
CA VAL B 273 6.02 23.26 -20.94
C VAL B 273 7.22 23.08 -21.86
N ILE B 274 7.48 21.84 -22.32
CA ILE B 274 8.58 21.58 -23.30
C ILE B 274 7.88 20.79 -24.41
N ALA B 275 7.99 21.24 -25.66
CA ALA B 275 7.29 20.64 -26.76
C ALA B 275 7.83 21.20 -28.08
N THR B 276 7.29 20.69 -29.18
CA THR B 276 7.70 21.20 -30.49
C THR B 276 6.69 22.24 -31.03
N GLY B 277 5.44 22.20 -30.60
CA GLY B 277 4.49 23.13 -31.21
C GLY B 277 3.90 22.65 -32.56
N GLU B 278 4.38 21.51 -33.09
CA GLU B 278 3.91 20.98 -34.36
C GLU B 278 3.11 19.71 -34.08
N VAL B 279 2.01 19.56 -34.81
CA VAL B 279 1.13 18.39 -34.60
C VAL B 279 1.03 17.48 -35.84
N HIS B 280 1.02 16.17 -35.61
CA HIS B 280 0.84 15.19 -36.66
C HIS B 280 -0.10 14.09 -36.09
N SER B 281 -0.70 13.30 -36.98
CA SER B 281 -1.55 12.24 -36.50
C SER B 281 -0.81 10.93 -36.52
N VAL B 282 -1.43 9.91 -35.90
CA VAL B 282 -0.82 8.58 -35.92
C VAL B 282 -0.76 8.09 -37.36
N ARG B 283 -1.80 8.43 -38.11
CA ARG B 283 -1.93 8.06 -39.53
C ARG B 283 -0.70 8.63 -40.28
N GLU B 284 -0.34 9.88 -39.99
CA GLU B 284 0.79 10.50 -40.66
C GLU B 284 2.10 9.82 -40.28
N PHE B 285 2.20 9.39 -39.02
CA PHE B 285 3.43 8.71 -38.58
C PHE B 285 3.57 7.42 -39.41
N VAL B 286 2.44 6.72 -39.56
CA VAL B 286 2.39 5.49 -40.34
C VAL B 286 2.79 5.79 -41.80
N GLU B 287 2.16 6.77 -42.41
CA GLU B 287 2.48 7.10 -43.82
C GLU B 287 3.96 7.44 -44.01
N LYS B 288 4.50 8.33 -43.17
CA LYS B 288 5.90 8.69 -43.34
C LYS B 288 6.87 7.52 -43.09
N SER B 289 6.57 6.68 -42.09
CA SER B 289 7.42 5.52 -41.80
C SER B 289 7.47 4.56 -42.98
N PHE B 290 6.34 4.30 -43.61
CA PHE B 290 6.30 3.41 -44.75
C PHE B 290 7.01 4.08 -45.94
N LEU B 291 6.92 5.40 -46.02
CA LEU B 291 7.60 6.02 -47.15
C LEU B 291 9.09 5.67 -47.07
N HIS B 292 9.66 5.69 -45.85
CA HIS B 292 11.09 5.40 -45.69
C HIS B 292 11.44 3.99 -46.06
N ILE B 293 10.41 3.17 -46.16
CA ILE B 293 10.55 1.76 -46.52
C ILE B 293 10.26 1.60 -48.03
N GLY B 294 9.98 2.72 -48.69
CA GLY B 294 9.66 2.69 -50.10
C GLY B 294 8.21 2.35 -50.42
N LYS B 295 7.30 2.40 -49.46
CA LYS B 295 5.91 2.11 -49.78
C LYS B 295 4.97 3.28 -49.50
N THR B 296 3.93 3.37 -50.31
CA THR B 296 2.95 4.41 -50.14
C THR B 296 1.66 3.79 -49.67
N ILE B 297 1.28 4.17 -48.46
CA ILE B 297 0.04 3.65 -47.91
C ILE B 297 -1.19 4.43 -48.37
N VAL B 298 -2.23 3.69 -48.72
CA VAL B 298 -3.48 4.26 -49.15
C VAL B 298 -4.48 3.69 -48.16
N TRP B 299 -5.37 4.53 -47.61
CA TRP B 299 -6.34 4.06 -46.64
C TRP B 299 -7.71 3.79 -47.25
N GLU B 300 -8.35 2.74 -46.78
CA GLU B 300 -9.68 2.35 -47.23
C GLU B 300 -10.48 1.92 -46.06
N GLY B 301 -11.76 2.25 -46.09
CA GLY B 301 -12.62 1.83 -44.99
C GLY B 301 -12.69 2.81 -43.85
N LYS B 302 -13.50 2.47 -42.87
CA LYS B 302 -13.75 3.34 -41.73
C LYS B 302 -13.71 2.58 -40.41
N ASN B 303 -13.42 3.35 -39.37
CA ASN B 303 -13.37 2.85 -38.03
C ASN B 303 -12.57 1.58 -37.89
N GLU B 304 -13.14 0.57 -37.24
CA GLU B 304 -12.41 -0.67 -37.01
C GLU B 304 -12.16 -1.48 -38.26
N ASN B 305 -12.82 -1.10 -39.36
CA ASN B 305 -12.64 -1.79 -40.65
C ASN B 305 -11.69 -1.02 -41.57
N GLU B 306 -11.05 0.04 -41.09
CA GLU B 306 -10.15 0.79 -41.98
C GLU B 306 -8.89 -0.02 -42.16
N VAL B 307 -8.28 0.05 -43.35
CA VAL B 307 -7.04 -0.67 -43.56
C VAL B 307 -6.08 0.22 -44.35
N GLY B 308 -4.79 -0.05 -44.19
CA GLY B 308 -3.74 0.67 -44.86
C GLY B 308 -3.13 -0.29 -45.88
N ARG B 309 -3.21 0.08 -47.15
CA ARG B 309 -2.71 -0.80 -48.23
C ARG B 309 -1.58 -0.19 -49.05
N CYS B 310 -0.65 -1.04 -49.47
CA CYS B 310 0.47 -0.60 -50.33
C CYS B 310 -0.20 -0.12 -51.64
N LYS B 311 0.19 1.07 -52.09
CA LYS B 311 -0.42 1.65 -53.30
C LYS B 311 -0.04 0.88 -54.52
N GLU B 312 1.00 0.08 -54.43
CA GLU B 312 1.40 -0.68 -55.59
C GLU B 312 0.82 -2.09 -55.61
N THR B 313 1.32 -2.94 -54.69
CA THR B 313 0.95 -4.35 -54.54
C THR B 313 -0.48 -4.59 -54.10
N GLY B 314 -1.06 -3.59 -53.43
CA GLY B 314 -2.41 -3.73 -52.93
C GLY B 314 -2.43 -4.57 -51.64
N LYS B 315 -1.26 -4.94 -51.15
CA LYS B 315 -1.17 -5.74 -49.94
C LYS B 315 -1.56 -4.91 -48.69
N VAL B 316 -2.38 -5.48 -47.81
CA VAL B 316 -2.81 -4.78 -46.59
C VAL B 316 -1.66 -4.90 -45.57
N HIS B 317 -1.12 -3.76 -45.14
CA HIS B 317 -0.02 -3.74 -44.15
C HIS B 317 -0.44 -3.22 -42.75
N VAL B 318 -1.56 -2.50 -42.70
CA VAL B 318 -2.03 -1.95 -41.42
C VAL B 318 -3.52 -2.18 -41.27
N THR B 319 -3.96 -2.60 -40.08
CA THR B 319 -5.40 -2.78 -39.82
C THR B 319 -5.67 -2.10 -38.47
N VAL B 320 -6.92 -2.03 -38.09
CA VAL B 320 -7.34 -1.37 -36.85
C VAL B 320 -7.98 -2.40 -35.93
N ASP B 321 -7.67 -2.32 -34.63
CA ASP B 321 -8.29 -3.22 -33.67
C ASP B 321 -8.74 -2.39 -32.46
N LEU B 322 -10.05 -2.35 -32.18
CA LEU B 322 -10.57 -1.57 -31.04
C LEU B 322 -9.90 -1.92 -29.72
N LYS B 323 -9.30 -3.10 -29.65
CA LYS B 323 -8.63 -3.44 -28.39
C LYS B 323 -7.49 -2.44 -28.04
N TYR B 324 -7.05 -1.66 -29.03
CA TYR B 324 -5.98 -0.69 -28.80
C TYR B 324 -6.47 0.73 -28.52
N TYR B 325 -7.78 0.93 -28.63
CA TYR B 325 -8.40 2.19 -28.34
C TYR B 325 -8.44 2.40 -26.79
N ARG B 326 -8.52 3.66 -26.35
CA ARG B 326 -8.63 3.97 -24.91
C ARG B 326 -10.08 4.39 -24.64
N PRO B 327 -10.61 4.06 -23.44
CA PRO B 327 -11.99 4.42 -23.07
C PRO B 327 -12.24 5.93 -23.19
N THR B 328 -11.24 6.72 -22.81
CA THR B 328 -11.34 8.18 -22.84
C THR B 328 -10.08 8.67 -23.49
N GLU B 329 -10.13 8.82 -24.81
CA GLU B 329 -8.97 9.24 -25.55
C GLU B 329 -8.57 10.71 -25.32
N VAL B 330 -7.31 10.99 -25.62
CA VAL B 330 -6.76 12.37 -25.57
C VAL B 330 -6.58 12.61 -27.07
N ASP B 331 -7.48 13.39 -27.64
CA ASP B 331 -7.55 13.55 -29.10
C ASP B 331 -6.51 14.41 -29.79
N PHE B 332 -6.01 15.36 -29.02
CA PHE B 332 -5.15 16.38 -29.59
C PHE B 332 -4.26 17.06 -28.57
N LEU B 333 -2.96 17.16 -28.86
CA LEU B 333 -2.05 17.87 -27.99
C LEU B 333 -1.16 18.73 -28.87
N GLN B 334 -0.85 19.93 -28.40
CA GLN B 334 0.05 20.85 -29.14
C GLN B 334 0.56 21.79 -28.09
N GLY B 335 1.85 21.68 -27.79
CA GLY B 335 2.36 22.52 -26.73
C GLY B 335 2.95 23.85 -27.16
N ASP B 336 2.81 24.86 -26.32
CA ASP B 336 3.41 26.17 -26.58
C ASP B 336 4.58 26.33 -25.57
N CYS B 337 5.84 26.15 -26.00
CA CYS B 337 6.97 26.30 -25.06
C CYS B 337 7.65 27.66 -25.09
N THR B 338 6.89 28.72 -25.36
CA THR B 338 7.43 30.10 -25.36
C THR B 338 8.16 30.43 -24.07
N LYS B 339 7.58 30.10 -22.92
CA LYS B 339 8.30 30.39 -21.68
C LYS B 339 9.71 29.72 -21.59
N ALA B 340 9.80 28.43 -21.92
CA ALA B 340 11.08 27.76 -21.88
C ALA B 340 12.08 28.33 -22.94
N LYS B 341 11.59 28.67 -24.12
CA LYS B 341 12.48 29.17 -25.12
C LYS B 341 13.05 30.49 -24.60
N GLN B 342 12.21 31.34 -24.01
CA GLN B 342 12.72 32.62 -23.55
C GLN B 342 13.54 32.56 -22.27
N LYS B 343 13.17 31.69 -21.31
CA LYS B 343 13.97 31.65 -20.07
C LYS B 343 15.12 30.68 -19.99
N LEU B 344 15.01 29.54 -20.68
CA LEU B 344 16.06 28.53 -20.61
C LEU B 344 16.87 28.45 -21.91
N ASN B 345 16.51 29.22 -22.93
CA ASN B 345 17.15 29.13 -24.26
C ASN B 345 17.04 27.71 -24.82
N TRP B 346 15.96 27.00 -24.44
CA TRP B 346 15.79 25.65 -24.96
C TRP B 346 14.99 25.69 -26.28
N LYS B 347 15.25 24.73 -27.14
CA LYS B 347 14.37 24.60 -28.31
C LYS B 347 14.47 23.24 -28.92
N PRO B 348 13.40 22.79 -29.57
CA PRO B 348 13.56 21.47 -30.15
C PRO B 348 14.65 21.51 -31.26
N ARG B 349 15.40 20.45 -31.44
CA ARG B 349 16.43 20.44 -32.47
C ARG B 349 16.05 19.46 -33.55
N VAL B 350 15.44 18.35 -33.17
CA VAL B 350 15.06 17.35 -34.13
C VAL B 350 13.57 17.54 -34.47
N ALA B 351 13.24 17.67 -35.76
CA ALA B 351 11.84 17.80 -36.15
C ALA B 351 11.24 16.46 -36.52
N PHE B 352 9.93 16.46 -36.64
CA PHE B 352 9.18 15.28 -36.91
C PHE B 352 9.66 14.38 -38.03
N ASP B 353 9.88 14.96 -39.21
CA ASP B 353 10.31 14.11 -40.32
C ASP B 353 11.63 13.44 -39.98
N GLU B 354 12.57 14.19 -39.41
CA GLU B 354 13.84 13.57 -39.07
C GLU B 354 13.65 12.48 -37.97
N LEU B 355 12.76 12.73 -37.01
CA LEU B 355 12.52 11.71 -35.90
C LEU B 355 12.04 10.39 -36.47
N VAL B 356 11.06 10.47 -37.37
CA VAL B 356 10.52 9.28 -37.99
C VAL B 356 11.55 8.49 -38.77
N ARG B 357 12.33 9.20 -39.58
CA ARG B 357 13.38 8.55 -40.37
C ARG B 357 14.40 7.86 -39.45
N GLU B 358 14.76 8.54 -38.37
CA GLU B 358 15.73 7.96 -37.44
C GLU B 358 15.17 6.69 -36.82
N MET B 359 13.90 6.73 -36.42
CA MET B 359 13.38 5.51 -35.75
C MET B 359 13.24 4.36 -36.71
N VAL B 360 12.72 4.63 -37.91
CA VAL B 360 12.61 3.50 -38.84
C VAL B 360 14.00 2.93 -39.18
N HIS B 361 14.95 3.80 -39.53
CA HIS B 361 16.28 3.30 -39.86
C HIS B 361 16.93 2.55 -38.70
N ALA B 362 16.76 3.06 -37.47
CA ALA B 362 17.35 2.39 -36.31
C ALA B 362 16.73 1.04 -36.14
N ASP B 363 15.42 0.91 -36.36
CA ASP B 363 14.82 -0.40 -36.16
C ASP B 363 15.13 -1.34 -37.32
N VAL B 364 15.37 -0.79 -38.50
CA VAL B 364 15.75 -1.67 -39.59
C VAL B 364 17.10 -2.32 -39.22
N GLU B 365 18.05 -1.52 -38.71
CA GLU B 365 19.37 -2.04 -38.33
C GLU B 365 19.27 -3.01 -37.19
N LEU B 366 18.43 -2.68 -36.22
CA LEU B 366 18.24 -3.55 -35.09
C LEU B 366 17.69 -4.90 -35.53
N MET B 367 16.62 -4.89 -36.31
CA MET B 367 15.96 -6.09 -36.81
C MET B 367 16.83 -6.87 -37.82
N ARG B 368 17.79 -6.15 -38.42
CA ARG B 368 18.72 -6.71 -39.40
C ARG B 368 19.46 -7.85 -38.70
N THR B 369 19.94 -7.57 -37.48
CA THR B 369 20.62 -8.57 -36.67
C THR B 369 19.68 -9.66 -36.13
N ASN B 370 18.47 -9.72 -36.70
CA ASN B 370 17.42 -10.70 -36.35
C ASN B 370 17.03 -11.46 -37.59
N ARG C 24 -11.30 -29.56 -19.54
CA ARG C 24 -10.89 -28.11 -19.67
C ARG C 24 -9.69 -27.83 -18.73
N ASN C 25 -8.55 -27.49 -19.31
CA ASN C 25 -7.33 -27.27 -18.50
C ASN C 25 -6.79 -25.90 -18.90
N VAL C 26 -6.94 -24.96 -17.98
CA VAL C 26 -6.53 -23.59 -18.19
C VAL C 26 -5.70 -23.17 -16.98
N ALA C 27 -4.43 -22.87 -17.20
CA ALA C 27 -3.59 -22.48 -16.06
C ALA C 27 -3.26 -21.00 -16.12
N LEU C 28 -3.15 -20.40 -14.94
CA LEU C 28 -2.78 -19.01 -14.83
C LEU C 28 -1.48 -19.07 -14.03
N ILE C 29 -0.42 -18.53 -14.58
CA ILE C 29 0.86 -18.52 -13.92
C ILE C 29 1.28 -17.10 -13.59
N THR C 30 1.40 -16.76 -12.29
CA THR C 30 2.02 -15.49 -11.98
C THR C 30 3.55 -15.80 -12.00
N GLY C 31 4.36 -14.80 -12.35
CA GLY C 31 5.81 -14.99 -12.40
C GLY C 31 6.16 -15.83 -13.63
N ILE C 32 5.34 -15.69 -14.66
CA ILE C 32 5.57 -16.51 -15.85
C ILE C 32 6.88 -16.14 -16.60
N THR C 33 7.37 -14.90 -16.47
CA THR C 33 8.61 -14.54 -17.17
C THR C 33 9.90 -15.01 -16.47
N GLY C 34 9.73 -15.53 -15.24
CA GLY C 34 10.87 -15.98 -14.46
C GLY C 34 11.34 -17.39 -14.82
N GLN C 35 12.39 -17.84 -14.14
CA GLN C 35 12.92 -19.18 -14.43
C GLN C 35 11.90 -20.28 -14.42
N ASP C 36 11.27 -20.45 -13.26
CA ASP C 36 10.29 -21.54 -13.13
C ASP C 36 9.05 -21.32 -14.01
N GLY C 37 8.54 -20.09 -14.09
CA GLY C 37 7.34 -19.89 -14.89
C GLY C 37 7.62 -20.27 -16.35
N SER C 38 8.83 -20.00 -16.82
CA SER C 38 9.10 -20.34 -18.23
C SER C 38 9.10 -21.85 -18.43
N TYR C 39 9.69 -22.65 -17.51
CA TYR C 39 9.66 -24.11 -17.67
C TYR C 39 8.28 -24.69 -17.43
N LEU C 40 7.54 -24.12 -16.46
CA LEU C 40 6.22 -24.65 -16.21
C LEU C 40 5.32 -24.32 -17.42
N ALA C 41 5.50 -23.15 -18.06
CA ALA C 41 4.61 -22.85 -19.19
C ALA C 41 4.83 -23.94 -20.29
N GLU C 42 6.10 -24.28 -20.51
CA GLU C 42 6.42 -25.29 -21.52
C GLU C 42 5.81 -26.62 -21.19
N PHE C 43 6.00 -27.08 -19.96
CA PHE C 43 5.46 -28.35 -19.47
C PHE C 43 3.94 -28.45 -19.65
N LEU C 44 3.23 -27.41 -19.23
CA LEU C 44 1.79 -27.42 -19.36
C LEU C 44 1.34 -27.33 -20.84
N LEU C 45 2.03 -26.50 -21.66
CA LEU C 45 1.68 -26.35 -23.07
C LEU C 45 1.77 -27.70 -23.75
N GLU C 46 2.78 -28.46 -23.34
CA GLU C 46 3.03 -29.76 -23.88
C GLU C 46 1.90 -30.70 -23.50
N LYS C 47 1.21 -30.41 -22.41
CA LYS C 47 0.09 -31.27 -22.05
C LYS C 47 -1.23 -30.78 -22.62
N GLY C 48 -1.19 -29.77 -23.48
CA GLY C 48 -2.43 -29.31 -24.06
C GLY C 48 -3.21 -28.28 -23.28
N TYR C 49 -2.58 -27.69 -22.26
CA TYR C 49 -3.23 -26.65 -21.50
C TYR C 49 -3.29 -25.36 -22.30
N GLU C 50 -4.26 -24.55 -21.92
CA GLU C 50 -4.43 -23.19 -22.39
C GLU C 50 -3.65 -22.49 -21.22
N VAL C 51 -2.61 -21.75 -21.55
CA VAL C 51 -1.77 -21.13 -20.53
C VAL C 51 -1.83 -19.63 -20.53
N HIS C 52 -2.11 -19.07 -19.36
CA HIS C 52 -2.17 -17.61 -19.24
C HIS C 52 -1.11 -17.18 -18.26
N GLY C 53 -0.48 -16.02 -18.52
CA GLY C 53 0.55 -15.57 -17.61
C GLY C 53 0.33 -14.11 -17.27
N ILE C 54 0.70 -13.73 -16.04
CA ILE C 54 0.63 -12.34 -15.64
C ILE C 54 2.06 -11.80 -15.76
N VAL C 55 2.20 -10.73 -16.54
CA VAL C 55 3.50 -10.11 -16.81
C VAL C 55 3.51 -8.70 -16.30
N ARG C 56 4.65 -8.30 -15.72
CA ARG C 56 4.76 -6.95 -15.21
C ARG C 56 4.99 -5.96 -16.38
N ARG C 57 4.39 -4.79 -16.31
CA ARG C 57 4.68 -3.76 -17.32
C ARG C 57 6.14 -3.44 -17.07
N SER C 58 6.94 -3.31 -18.14
CA SER C 58 8.35 -2.91 -17.96
C SER C 58 8.69 -1.90 -19.08
N SER C 59 9.62 -1.01 -18.84
CA SER C 59 10.01 -0.09 -19.94
C SER C 59 10.84 -0.82 -21.04
N SER C 60 11.33 -2.03 -20.73
CA SER C 60 12.12 -2.86 -21.65
C SER C 60 11.48 -4.19 -21.87
N PHE C 61 11.98 -4.86 -22.91
CA PHE C 61 11.54 -6.21 -23.26
C PHE C 61 11.83 -7.11 -22.02
N ASN C 62 10.86 -7.92 -21.58
CA ASN C 62 11.12 -8.74 -20.37
C ASN C 62 10.52 -10.13 -20.50
N THR C 63 10.31 -10.61 -21.72
CA THR C 63 9.71 -11.93 -21.88
C THR C 63 10.69 -12.87 -22.59
N GLY C 64 11.97 -12.54 -22.47
CA GLY C 64 13.00 -13.35 -23.04
C GLY C 64 12.95 -14.84 -22.80
N ARG C 65 12.56 -15.30 -21.61
CA ARG C 65 12.53 -16.74 -21.38
C ARG C 65 11.34 -17.44 -22.04
N ILE C 66 10.29 -16.72 -22.42
CA ILE C 66 9.13 -17.37 -22.99
C ILE C 66 8.75 -16.91 -24.39
N GLU C 67 9.55 -16.02 -24.95
CA GLU C 67 9.23 -15.46 -26.29
C GLU C 67 9.02 -16.55 -27.34
N HIS C 68 9.78 -17.64 -27.25
CA HIS C 68 9.65 -18.71 -28.22
C HIS C 68 8.35 -19.48 -28.12
N LEU C 69 7.54 -19.16 -27.11
CA LEU C 69 6.27 -19.85 -26.91
C LEU C 69 5.11 -19.14 -27.62
N TYR C 70 5.40 -17.97 -28.17
CA TYR C 70 4.39 -17.19 -28.89
C TYR C 70 3.82 -17.97 -30.05
N ASN C 80 -2.27 -20.69 -27.76
CA ASN C 80 -2.16 -21.49 -26.54
C ASN C 80 -1.60 -20.76 -25.30
N MET C 81 -0.78 -19.73 -25.53
CA MET C 81 -0.20 -18.96 -24.45
C MET C 81 -0.74 -17.53 -24.61
N LYS C 82 -1.26 -16.94 -23.53
CA LYS C 82 -1.76 -15.58 -23.53
C LYS C 82 -1.11 -14.86 -22.36
N LEU C 83 -0.61 -13.65 -22.59
CA LEU C 83 0.00 -12.87 -21.53
C LEU C 83 -0.92 -11.69 -21.16
N HIS C 84 -0.96 -11.34 -19.88
CA HIS C 84 -1.76 -10.26 -19.34
C HIS C 84 -0.90 -9.35 -18.43
N TYR C 85 -0.95 -8.03 -18.64
CA TYR C 85 -0.22 -7.11 -17.81
C TYR C 85 -0.85 -7.12 -16.43
N GLY C 86 -0.05 -7.22 -15.37
CA GLY C 86 -0.61 -7.15 -14.04
C GLY C 86 0.47 -7.00 -13.00
N ASP C 87 0.06 -6.91 -11.75
CA ASP C 87 1.06 -6.81 -10.71
C ASP C 87 0.42 -7.41 -9.43
N LEU C 88 1.18 -8.17 -8.66
CA LEU C 88 0.66 -8.83 -7.44
C LEU C 88 0.39 -7.77 -6.37
N THR C 89 0.77 -6.52 -6.60
CA THR C 89 0.41 -5.49 -5.57
C THR C 89 -0.89 -4.74 -5.97
N ASP C 90 -1.55 -5.10 -7.05
CA ASP C 90 -2.77 -4.35 -7.48
C ASP C 90 -3.94 -5.37 -7.47
N SER C 91 -4.78 -5.33 -6.42
CA SER C 91 -5.91 -6.29 -6.31
C SER C 91 -6.89 -6.32 -7.50
N THR C 92 -7.40 -5.16 -7.94
CA THR C 92 -8.38 -5.19 -9.03
C THR C 92 -7.86 -5.81 -10.30
N CYS C 93 -6.62 -5.49 -10.58
CA CYS C 93 -6.00 -6.06 -11.76
C CYS C 93 -6.01 -7.59 -11.67
N LEU C 94 -5.78 -8.17 -10.47
CA LEU C 94 -5.82 -9.66 -10.36
C LEU C 94 -7.22 -10.22 -10.54
N VAL C 95 -8.21 -9.53 -9.99
CA VAL C 95 -9.63 -9.93 -10.21
C VAL C 95 -10.02 -9.91 -11.69
N LYS C 96 -9.66 -8.83 -12.40
CA LYS C 96 -9.96 -8.71 -13.80
C LYS C 96 -9.33 -9.85 -14.56
N ILE C 97 -8.06 -10.12 -14.27
CA ILE C 97 -7.40 -11.17 -15.04
C ILE C 97 -8.04 -12.53 -14.74
N ILE C 98 -8.29 -12.81 -13.50
CA ILE C 98 -8.87 -14.11 -13.17
C ILE C 98 -10.28 -14.29 -13.71
N ASN C 99 -11.06 -13.21 -13.80
CA ASN C 99 -12.44 -13.35 -14.34
C ASN C 99 -12.40 -13.61 -15.83
N GLU C 100 -11.44 -12.98 -16.51
CA GLU C 100 -11.31 -13.16 -17.94
C GLU C 100 -10.76 -14.54 -18.22
N VAL C 101 -9.80 -14.98 -17.43
CA VAL C 101 -9.18 -16.28 -17.72
C VAL C 101 -9.96 -17.49 -17.22
N LYS C 102 -10.59 -17.36 -16.08
CA LYS C 102 -11.35 -18.44 -15.42
C LYS C 102 -10.46 -19.70 -15.38
N PRO C 103 -9.31 -19.59 -14.74
CA PRO C 103 -8.41 -20.77 -14.67
C PRO C 103 -8.90 -21.96 -13.87
N THR C 104 -8.43 -23.16 -14.21
CA THR C 104 -8.70 -24.37 -13.45
C THR C 104 -7.52 -24.63 -12.47
N GLU C 105 -6.33 -24.05 -12.78
CA GLU C 105 -5.11 -24.17 -11.95
C GLU C 105 -4.40 -22.82 -11.92
N ILE C 106 -3.98 -22.40 -10.73
CA ILE C 106 -3.26 -21.14 -10.59
C ILE C 106 -1.94 -21.47 -9.90
N TYR C 107 -0.81 -21.02 -10.49
CA TYR C 107 0.52 -21.25 -9.88
C TYR C 107 1.04 -19.87 -9.52
N ASN C 108 1.17 -19.58 -8.22
CA ASN C 108 1.64 -18.27 -7.81
C ASN C 108 3.14 -18.30 -7.73
N LEU C 109 3.86 -18.09 -8.85
CA LEU C 109 5.32 -18.11 -8.81
C LEU C 109 5.87 -16.68 -8.76
N GLY C 110 5.02 -15.66 -8.96
CA GLY C 110 5.51 -14.30 -8.92
C GLY C 110 6.04 -13.87 -7.56
N ALA C 111 7.21 -13.21 -7.58
CA ALA C 111 7.85 -12.77 -6.32
C ALA C 111 9.14 -12.03 -6.60
N GLN C 112 9.52 -11.21 -5.63
CA GLN C 112 10.83 -10.59 -5.58
C GLN C 112 11.52 -11.84 -4.88
N SER C 113 12.31 -12.60 -5.66
CA SER C 113 12.81 -13.86 -5.19
C SER C 113 14.23 -13.88 -4.66
N HIS C 114 14.90 -12.74 -4.66
CA HIS C 114 16.30 -12.66 -4.26
C HIS C 114 16.46 -12.30 -2.79
N VAL C 115 17.14 -13.17 -2.07
CA VAL C 115 17.32 -12.94 -0.65
C VAL C 115 18.14 -11.71 -0.29
N LYS C 116 19.27 -11.56 -0.97
CA LYS C 116 20.08 -10.43 -0.60
C LYS C 116 19.34 -9.13 -0.83
N ILE C 117 18.67 -9.04 -1.98
CA ILE C 117 18.01 -7.82 -2.31
C ILE C 117 16.88 -7.54 -1.30
N SER C 118 16.34 -8.59 -0.71
CA SER C 118 15.23 -8.39 0.19
C SER C 118 15.65 -7.57 1.44
N PHE C 119 16.94 -7.55 1.78
CA PHE C 119 17.32 -6.76 2.97
C PHE C 119 17.11 -5.24 2.79
N ASP C 120 17.33 -4.74 1.57
CA ASP C 120 17.13 -3.33 1.29
C ASP C 120 15.77 -3.01 0.66
N LEU C 121 15.03 -4.05 0.25
CA LEU C 121 13.71 -3.86 -0.31
C LEU C 121 12.79 -4.72 0.54
N ALA C 122 12.87 -4.53 1.84
CA ALA C 122 12.09 -5.37 2.74
C ALA C 122 10.57 -5.20 2.65
N GLU C 123 10.13 -3.95 2.48
CA GLU C 123 8.70 -3.68 2.44
C GLU C 123 8.10 -4.14 1.12
N TYR C 124 8.77 -3.80 0.01
CA TYR C 124 8.29 -4.21 -1.28
C TYR C 124 8.24 -5.74 -1.29
N THR C 125 9.27 -6.36 -0.73
CA THR C 125 9.26 -7.82 -0.73
C THR C 125 8.07 -8.37 0.10
N ALA C 126 7.75 -7.75 1.24
CA ALA C 126 6.62 -8.26 2.01
C ALA C 126 5.32 -8.04 1.23
N ASP C 127 5.23 -6.90 0.57
CA ASP C 127 4.01 -6.56 -0.15
C ASP C 127 3.77 -7.49 -1.34
N VAL C 128 4.85 -7.86 -2.02
CA VAL C 128 4.65 -8.73 -3.16
C VAL C 128 4.57 -10.22 -2.79
N ASP C 129 5.55 -10.65 -2.00
CA ASP C 129 5.63 -12.08 -1.68
C ASP C 129 4.66 -12.54 -0.59
N GLY C 130 4.33 -11.62 0.32
CA GLY C 130 3.48 -12.01 1.43
C GLY C 130 2.06 -11.57 1.08
N VAL C 131 1.87 -10.26 1.08
CA VAL C 131 0.50 -9.74 0.90
C VAL C 131 -0.03 -10.08 -0.50
N GLY C 132 0.87 -10.15 -1.47
CA GLY C 132 0.42 -10.45 -2.82
C GLY C 132 -0.21 -11.85 -2.94
N THR C 133 0.31 -12.77 -2.15
CA THR C 133 -0.24 -14.09 -2.12
C THR C 133 -1.71 -13.99 -1.61
N LEU C 134 -1.90 -13.23 -0.53
CA LEU C 134 -3.30 -13.05 -0.08
C LEU C 134 -4.16 -12.36 -1.17
N ARG C 135 -3.59 -11.37 -1.88
CA ARG C 135 -4.38 -10.65 -2.89
C ARG C 135 -4.86 -11.62 -3.93
N LEU C 136 -4.01 -12.61 -4.24
CA LEU C 136 -4.36 -13.55 -5.28
C LEU C 136 -5.39 -14.53 -4.75
N LEU C 137 -5.28 -14.95 -3.49
CA LEU C 137 -6.26 -15.86 -2.94
C LEU C 137 -7.62 -15.13 -2.88
N ASP C 138 -7.59 -13.89 -2.41
CA ASP C 138 -8.83 -13.08 -2.29
C ASP C 138 -9.43 -12.86 -3.70
N ALA C 139 -8.61 -12.71 -4.74
CA ALA C 139 -9.20 -12.50 -6.09
C ALA C 139 -9.92 -13.80 -6.48
N VAL C 140 -9.31 -14.93 -6.17
CA VAL C 140 -9.94 -16.20 -6.45
C VAL C 140 -11.32 -16.30 -5.78
N LYS C 141 -11.38 -15.94 -4.49
CA LYS C 141 -12.65 -16.01 -3.77
C LYS C 141 -13.62 -14.99 -4.31
N THR C 142 -13.15 -13.79 -4.63
CA THR C 142 -14.02 -12.79 -5.20
C THR C 142 -14.62 -13.26 -6.56
N CYS C 143 -13.81 -13.93 -7.37
CA CYS C 143 -14.22 -14.43 -8.68
C CYS C 143 -15.06 -15.70 -8.69
N GLY C 144 -15.44 -16.14 -7.49
CA GLY C 144 -16.29 -17.31 -7.28
C GLY C 144 -15.67 -18.67 -7.56
N LEU C 145 -14.34 -18.74 -7.57
CA LEU C 145 -13.65 -20.00 -7.89
C LEU C 145 -13.09 -20.80 -6.74
N ILE C 146 -13.47 -20.47 -5.50
CA ILE C 146 -12.90 -21.14 -4.31
C ILE C 146 -13.08 -22.66 -4.31
N ASN C 147 -14.19 -23.12 -4.88
CA ASN C 147 -14.39 -24.55 -4.89
C ASN C 147 -14.03 -25.22 -6.17
N SER C 148 -13.58 -24.47 -7.17
CA SER C 148 -13.22 -25.11 -8.43
C SER C 148 -11.75 -25.06 -8.80
N VAL C 149 -11.07 -23.96 -8.49
CA VAL C 149 -9.66 -23.85 -8.86
C VAL C 149 -8.69 -24.61 -7.95
N LYS C 150 -7.56 -25.05 -8.48
CA LYS C 150 -6.51 -25.66 -7.64
C LYS C 150 -5.43 -24.58 -7.62
N PHE C 151 -4.88 -24.30 -6.44
CA PHE C 151 -3.91 -23.22 -6.29
C PHE C 151 -2.56 -23.74 -5.79
N TYR C 152 -1.46 -23.42 -6.49
CA TYR C 152 -0.10 -23.83 -6.05
C TYR C 152 0.63 -22.58 -5.54
N GLN C 153 1.17 -22.61 -4.32
CA GLN C 153 1.95 -21.48 -3.80
C GLN C 153 3.44 -21.86 -3.85
N ALA C 154 4.28 -20.94 -4.34
CA ALA C 154 5.73 -21.20 -4.36
C ALA C 154 6.43 -20.93 -3.03
N SER C 155 6.30 -21.89 -2.12
CA SER C 155 7.01 -21.81 -0.88
C SER C 155 8.47 -22.22 -1.12
N THR C 156 9.28 -22.27 -0.05
CA THR C 156 10.71 -22.36 -0.29
C THR C 156 11.47 -22.83 0.93
N SER C 157 12.59 -23.53 0.70
CA SER C 157 13.47 -24.02 1.76
C SER C 157 13.96 -22.83 2.62
N GLU C 158 13.94 -21.63 2.07
CA GLU C 158 14.36 -20.43 2.82
C GLU C 158 13.51 -20.26 4.13
N LEU C 159 12.34 -20.88 4.14
CA LEU C 159 11.46 -20.88 5.32
C LEU C 159 12.19 -21.50 6.51
N TYR C 160 13.06 -22.50 6.26
CA TYR C 160 13.77 -23.18 7.36
C TYR C 160 14.94 -22.37 7.91
N GLY C 161 15.48 -21.47 7.08
CA GLY C 161 16.51 -20.54 7.50
C GLY C 161 17.58 -21.11 8.42
N LYS C 162 17.55 -20.77 9.71
CA LYS C 162 18.55 -21.36 10.65
C LYS C 162 17.93 -22.69 10.98
N VAL C 163 18.24 -23.69 10.16
CA VAL C 163 17.57 -25.00 10.24
C VAL C 163 17.36 -25.62 11.63
N GLN C 164 16.13 -26.05 11.88
CA GLN C 164 15.75 -26.65 13.15
C GLN C 164 15.83 -28.18 13.18
N GLU C 165 16.03 -28.79 12.02
CA GLU C 165 16.28 -30.25 11.92
C GLU C 165 17.06 -30.41 10.62
N ILE C 166 17.80 -31.50 10.56
CA ILE C 166 18.60 -31.84 9.38
C ILE C 166 18.36 -33.31 9.11
N PRO C 167 17.83 -33.68 7.94
CA PRO C 167 17.44 -32.78 6.83
C PRO C 167 16.12 -32.12 7.26
N GLN C 168 15.58 -31.23 6.44
CA GLN C 168 14.32 -30.55 6.73
C GLN C 168 13.15 -31.23 6.03
N LYS C 169 12.04 -31.48 6.74
CA LYS C 169 10.85 -32.10 6.11
C LYS C 169 9.63 -31.20 6.32
N GLU C 170 8.43 -31.64 5.92
CA GLU C 170 7.25 -30.75 6.02
C GLU C 170 7.00 -30.25 7.45
N THR C 171 7.30 -31.08 8.44
CA THR C 171 7.05 -30.77 9.85
C THR C 171 8.22 -30.12 10.62
N THR C 172 9.31 -29.78 9.93
CA THR C 172 10.42 -29.12 10.56
C THR C 172 9.97 -27.69 10.81
N PRO C 173 10.17 -27.17 12.05
CA PRO C 173 9.73 -25.79 12.32
C PRO C 173 10.52 -24.78 11.51
N PHE C 174 9.80 -23.79 10.98
CA PHE C 174 10.42 -22.72 10.19
C PHE C 174 11.22 -21.75 11.08
N TYR C 175 12.22 -21.09 10.51
CA TYR C 175 13.04 -20.07 11.22
C TYR C 175 13.67 -19.16 10.12
N PRO C 176 12.85 -18.30 9.51
CA PRO C 176 13.30 -17.39 8.45
C PRO C 176 14.43 -16.49 8.94
N ARG C 177 15.26 -16.06 8.01
CA ARG C 177 16.46 -15.28 8.25
C ARG C 177 16.59 -14.12 7.28
N SER C 178 15.45 -13.67 6.71
CA SER C 178 15.57 -12.52 5.87
C SER C 178 14.18 -11.98 5.67
N PRO C 179 14.08 -10.74 5.16
CA PRO C 179 12.75 -10.19 4.91
C PRO C 179 12.04 -11.07 3.88
N TYR C 180 12.80 -11.67 2.96
CA TYR C 180 12.21 -12.60 1.96
C TYR C 180 11.62 -13.83 2.70
N GLY C 181 12.43 -14.42 3.57
CA GLY C 181 11.94 -15.57 4.28
C GLY C 181 10.66 -15.28 5.10
N ALA C 182 10.70 -14.16 5.80
CA ALA C 182 9.53 -13.79 6.63
C ALA C 182 8.30 -13.61 5.71
N ALA C 183 8.49 -12.89 4.59
CA ALA C 183 7.34 -12.64 3.69
C ALA C 183 6.79 -14.01 3.15
N LYS C 184 7.69 -14.94 2.79
CA LYS C 184 7.24 -16.23 2.29
C LYS C 184 6.53 -17.05 3.40
N LEU C 185 6.93 -16.83 4.64
CA LEU C 185 6.29 -17.55 5.75
C LEU C 185 4.85 -17.04 5.92
N TYR C 186 4.61 -15.73 5.75
CA TYR C 186 3.24 -15.23 5.85
C TYR C 186 2.44 -15.89 4.70
N ALA C 187 3.03 -15.89 3.51
CA ALA C 187 2.32 -16.48 2.35
C ALA C 187 2.01 -17.97 2.60
N TYR C 188 2.97 -18.69 3.14
CA TYR C 188 2.77 -20.14 3.43
C TYR C 188 1.50 -20.33 4.29
N TRP C 189 1.42 -19.62 5.40
CA TRP C 189 0.26 -19.74 6.30
C TRP C 189 -1.09 -19.16 5.81
N ILE C 190 -1.07 -18.07 5.01
CA ILE C 190 -2.35 -17.53 4.51
C ILE C 190 -2.93 -18.54 3.52
N VAL C 191 -2.05 -19.25 2.78
CA VAL C 191 -2.50 -20.30 1.86
C VAL C 191 -3.11 -21.43 2.70
N VAL C 192 -2.40 -21.87 3.73
CA VAL C 192 -2.96 -22.92 4.62
C VAL C 192 -4.30 -22.45 5.16
N ASN C 193 -4.40 -21.19 5.57
CA ASN C 193 -5.67 -20.72 6.10
C ASN C 193 -6.84 -20.70 5.05
N PHE C 194 -6.58 -20.33 3.80
CA PHE C 194 -7.69 -20.37 2.83
C PHE C 194 -8.11 -21.84 2.61
N ARG C 195 -7.13 -22.74 2.64
CA ARG C 195 -7.42 -24.14 2.46
C ARG C 195 -8.35 -24.64 3.58
N GLU C 196 -7.92 -24.39 4.80
CA GLU C 196 -8.67 -24.82 5.98
C GLU C 196 -10.00 -24.11 6.21
N ALA C 197 -10.02 -22.82 5.95
CA ALA C 197 -11.21 -22.01 6.16
C ALA C 197 -12.30 -22.15 5.15
N TYR C 198 -11.90 -22.24 3.87
CA TYR C 198 -12.84 -22.25 2.78
C TYR C 198 -12.79 -23.50 1.88
N ASN C 199 -12.03 -24.52 2.28
CA ASN C 199 -11.91 -25.71 1.44
C ASN C 199 -11.34 -25.42 0.04
N LEU C 200 -10.44 -24.46 -0.06
CA LEU C 200 -9.85 -24.19 -1.35
C LEU C 200 -8.78 -25.27 -1.53
N PHE C 201 -8.70 -25.85 -2.73
CA PHE C 201 -7.65 -26.84 -2.97
C PHE C 201 -6.39 -25.95 -3.21
N ALA C 202 -5.57 -25.83 -2.18
CA ALA C 202 -4.41 -24.93 -2.22
C ALA C 202 -3.26 -25.66 -1.54
N VAL C 203 -2.09 -25.60 -2.12
CA VAL C 203 -0.95 -26.28 -1.57
C VAL C 203 0.33 -25.44 -1.57
N ASN C 204 1.24 -25.77 -0.64
CA ASN C 204 2.54 -25.13 -0.60
C ASN C 204 3.59 -26.10 -1.12
N GLY C 205 4.26 -25.74 -2.20
CA GLY C 205 5.40 -26.57 -2.68
C GLY C 205 6.59 -25.95 -1.92
N ILE C 206 7.21 -26.71 -1.01
CA ILE C 206 8.30 -26.18 -0.29
C ILE C 206 9.55 -26.63 -1.07
N LEU C 207 9.89 -25.87 -2.10
CA LEU C 207 11.02 -26.25 -2.92
C LEU C 207 12.32 -25.74 -2.46
N PHE C 208 13.30 -26.63 -2.54
CA PHE C 208 14.67 -26.27 -2.24
C PHE C 208 15.26 -25.70 -3.50
N ASN C 209 16.43 -25.09 -3.38
CA ASN C 209 17.10 -24.34 -4.45
C ASN C 209 17.09 -25.12 -5.73
N HIS C 210 16.68 -24.45 -6.82
CA HIS C 210 16.72 -25.10 -8.12
C HIS C 210 17.18 -24.09 -9.14
N GLU C 211 18.07 -24.55 -10.03
CA GLU C 211 18.74 -23.73 -11.03
C GLU C 211 18.59 -24.32 -12.45
N SER C 212 19.15 -23.59 -13.40
CA SER C 212 19.12 -23.98 -14.78
C SER C 212 19.84 -22.93 -15.58
N PRO C 213 19.94 -23.14 -16.91
CA PRO C 213 20.61 -22.17 -17.76
C PRO C 213 19.82 -20.85 -17.84
N ARG C 214 18.59 -20.87 -17.31
CA ARG C 214 17.66 -19.71 -17.30
C ARG C 214 17.63 -19.00 -15.95
N ARG C 215 18.41 -19.51 -14.99
CA ARG C 215 18.50 -18.96 -13.64
C ARG C 215 18.95 -17.49 -13.71
N GLY C 216 18.36 -16.66 -12.85
CA GLY C 216 18.71 -15.24 -12.81
C GLY C 216 20.21 -15.12 -12.63
N ALA C 217 20.78 -14.16 -13.34
CA ALA C 217 22.23 -14.00 -13.31
C ALA C 217 22.78 -13.59 -11.97
N ASN C 218 21.91 -13.09 -11.12
CA ASN C 218 22.26 -12.62 -9.78
C ASN C 218 22.34 -13.71 -8.69
N PHE C 219 21.88 -14.94 -8.99
CA PHE C 219 21.91 -16.02 -8.03
C PHE C 219 23.31 -16.62 -8.08
N VAL C 220 23.75 -17.26 -7.01
CA VAL C 220 25.17 -17.66 -6.99
C VAL C 220 25.60 -18.65 -8.07
N THR C 221 24.75 -19.60 -8.42
CA THR C 221 25.08 -20.65 -9.40
C THR C 221 25.29 -20.05 -10.80
N ARG C 222 24.33 -19.23 -11.23
CA ARG C 222 24.41 -18.62 -12.55
C ARG C 222 25.51 -17.57 -12.57
N LYS C 223 25.72 -16.86 -11.46
CA LYS C 223 26.80 -15.87 -11.42
C LYS C 223 28.14 -16.64 -11.64
N ILE C 224 28.29 -17.80 -11.02
CA ILE C 224 29.49 -18.59 -11.25
C ILE C 224 29.61 -19.17 -12.68
N SER C 225 28.55 -19.83 -13.16
CA SER C 225 28.63 -20.38 -14.50
C SER C 225 28.88 -19.28 -15.54
N ARG C 226 28.19 -18.13 -15.45
CA ARG C 226 28.45 -17.07 -16.44
C ARG C 226 29.90 -16.54 -16.33
N SER C 227 30.38 -16.35 -15.12
CA SER C 227 31.74 -15.82 -14.90
C SER C 227 32.80 -16.80 -15.38
N VAL C 228 32.63 -18.08 -15.07
CA VAL C 228 33.57 -19.11 -15.53
C VAL C 228 33.55 -19.20 -17.05
N ALA C 229 32.37 -19.01 -17.65
CA ALA C 229 32.27 -19.08 -19.08
C ALA C 229 33.04 -17.91 -19.74
N LYS C 230 32.96 -16.73 -19.16
CA LYS C 230 33.65 -15.57 -19.73
C LYS C 230 35.17 -15.69 -19.58
N ILE C 231 35.61 -16.28 -18.48
CA ILE C 231 37.04 -16.45 -18.23
C ILE C 231 37.57 -17.42 -19.29
N TYR C 232 36.83 -18.49 -19.49
CA TYR C 232 37.22 -19.48 -20.46
C TYR C 232 37.32 -18.83 -21.81
N LEU C 233 36.37 -17.97 -22.12
CA LEU C 233 36.37 -17.31 -23.41
C LEU C 233 37.33 -16.13 -23.46
N GLY C 234 38.05 -15.87 -22.38
CA GLY C 234 38.93 -14.73 -22.38
C GLY C 234 38.19 -13.40 -22.33
N GLN C 235 36.93 -13.41 -21.85
CA GLN C 235 36.16 -12.17 -21.77
C GLN C 235 36.20 -11.59 -20.34
N LEU C 236 36.86 -12.31 -19.44
CA LEU C 236 36.98 -11.93 -18.04
C LEU C 236 38.15 -12.66 -17.42
N GLU C 237 38.80 -12.05 -16.45
CA GLU C 237 39.94 -12.69 -15.79
C GLU C 237 39.61 -13.21 -14.39
N CYS C 238 38.83 -12.43 -13.65
CA CYS C 238 38.51 -12.76 -12.27
C CYS C 238 37.14 -12.22 -11.82
N PHE C 239 36.50 -12.90 -10.87
CA PHE C 239 35.22 -12.40 -10.32
C PHE C 239 35.18 -12.62 -8.81
N SER C 240 34.32 -11.88 -8.11
CA SER C 240 34.26 -12.06 -6.67
C SER C 240 32.90 -12.57 -6.22
N LEU C 241 32.97 -13.40 -5.18
CA LEU C 241 31.82 -14.00 -4.52
C LEU C 241 31.70 -13.50 -3.07
N GLY C 242 30.70 -13.99 -2.36
CA GLY C 242 30.47 -13.60 -0.98
C GLY C 242 30.87 -14.78 -0.09
N ASN C 243 29.92 -15.42 0.60
CA ASN C 243 30.22 -16.56 1.45
C ASN C 243 30.43 -17.91 0.71
N LEU C 244 31.69 -18.38 0.66
CA LEU C 244 32.03 -19.65 0.01
C LEU C 244 31.61 -20.86 0.77
N ASP C 245 31.43 -20.71 2.09
CA ASP C 245 31.07 -21.85 2.93
C ASP C 245 29.59 -22.27 2.99
N ALA C 246 28.70 -21.42 2.43
CA ALA C 246 27.31 -21.79 2.47
C ALA C 246 27.12 -23.10 1.73
N LYS C 247 26.25 -23.95 2.27
CA LYS C 247 25.89 -25.23 1.66
C LYS C 247 24.38 -25.29 1.21
N ARG C 248 24.14 -25.81 0.01
CA ARG C 248 22.78 -25.91 -0.55
C ARG C 248 22.44 -27.27 -1.17
N ASP C 249 21.14 -27.55 -1.22
CA ASP C 249 20.60 -28.74 -1.84
C ASP C 249 20.15 -28.11 -3.19
N TRP C 250 20.85 -28.42 -4.27
CA TRP C 250 20.60 -27.82 -5.60
C TRP C 250 20.03 -28.81 -6.61
N GLY C 251 18.87 -28.48 -7.20
CA GLY C 251 18.26 -29.34 -8.18
C GLY C 251 18.04 -28.53 -9.47
N HIS C 252 17.40 -29.15 -10.43
CA HIS C 252 17.19 -28.49 -11.73
C HIS C 252 15.73 -28.05 -11.83
N ALA C 253 15.54 -26.78 -12.18
CA ALA C 253 14.21 -26.20 -12.26
C ALA C 253 13.28 -26.98 -13.15
N LYS C 254 13.82 -27.57 -14.21
CA LYS C 254 12.92 -28.25 -15.12
C LYS C 254 12.26 -29.47 -14.47
N ASP C 255 13.00 -30.18 -13.62
CA ASP C 255 12.42 -31.29 -12.91
C ASP C 255 11.39 -30.81 -11.86
N TYR C 256 11.73 -29.74 -11.17
CA TYR C 256 10.84 -29.27 -10.11
C TYR C 256 9.48 -28.74 -10.55
N VAL C 257 9.35 -28.14 -11.75
CA VAL C 257 8.04 -27.64 -12.14
C VAL C 257 7.12 -28.82 -12.33
N GLU C 258 7.69 -29.97 -12.68
CA GLU C 258 6.84 -31.14 -12.82
C GLU C 258 6.19 -31.50 -11.48
N ALA C 259 6.96 -31.37 -10.41
CA ALA C 259 6.39 -31.70 -9.11
C ALA C 259 5.25 -30.72 -8.77
N MET C 260 5.36 -29.47 -9.22
CA MET C 260 4.29 -28.50 -8.95
C MET C 260 2.96 -28.98 -9.52
N TRP C 261 3.01 -29.40 -10.77
CA TRP C 261 1.82 -29.91 -11.45
C TRP C 261 1.28 -31.17 -10.74
N LEU C 262 2.21 -32.06 -10.35
CA LEU C 262 1.79 -33.27 -9.67
C LEU C 262 1.04 -32.98 -8.34
N MET C 263 1.50 -31.97 -7.60
CA MET C 263 0.80 -31.62 -6.37
C MET C 263 -0.63 -31.20 -6.70
N LEU C 264 -0.85 -30.50 -7.82
CA LEU C 264 -2.22 -30.13 -8.18
C LEU C 264 -3.07 -31.32 -8.75
N GLN C 265 -2.42 -32.47 -8.98
CA GLN C 265 -3.10 -33.68 -9.47
C GLN C 265 -3.42 -34.62 -8.32
N ASN C 266 -2.84 -34.38 -7.15
CA ASN C 266 -3.08 -35.26 -5.97
C ASN C 266 -4.55 -35.15 -5.60
N ASP C 267 -5.10 -36.22 -5.03
CA ASP C 267 -6.53 -36.25 -4.65
C ASP C 267 -6.85 -35.19 -3.59
N GLU C 268 -5.94 -35.01 -2.65
CA GLU C 268 -6.16 -34.04 -1.58
C GLU C 268 -5.09 -32.96 -1.64
N PRO C 269 -5.43 -31.73 -1.18
CA PRO C 269 -4.42 -30.65 -1.22
C PRO C 269 -3.49 -30.79 -0.02
N GLU C 270 -2.22 -31.10 -0.30
CA GLU C 270 -1.21 -31.24 0.76
C GLU C 270 0.04 -30.44 0.47
N ASP C 271 0.84 -30.16 1.51
CA ASP C 271 2.08 -29.40 1.32
C ASP C 271 3.23 -30.41 1.12
N PHE C 272 4.22 -30.09 0.29
CA PHE C 272 5.33 -31.03 0.00
C PHE C 272 6.67 -30.38 -0.17
N VAL C 273 7.68 -31.01 0.43
CA VAL C 273 9.02 -30.61 0.22
C VAL C 273 9.48 -31.25 -1.13
N ILE C 274 10.23 -30.50 -1.92
CA ILE C 274 10.77 -31.05 -3.20
C ILE C 274 12.25 -30.68 -3.12
N ALA C 275 13.12 -31.70 -3.21
CA ALA C 275 14.54 -31.45 -3.03
C ALA C 275 15.30 -32.69 -3.50
N THR C 276 16.62 -32.55 -3.56
CA THR C 276 17.46 -33.71 -4.04
C THR C 276 17.95 -34.53 -2.83
N GLY C 277 18.13 -33.86 -1.69
CA GLY C 277 18.63 -34.53 -0.49
C GLY C 277 20.15 -34.53 -0.42
N GLU C 278 20.80 -33.99 -1.45
CA GLU C 278 22.26 -33.92 -1.48
C GLU C 278 22.72 -32.51 -1.35
N VAL C 279 23.79 -32.34 -0.60
CA VAL C 279 24.35 -31.03 -0.29
C VAL C 279 25.73 -30.78 -0.81
N HIS C 280 25.99 -29.56 -1.26
CA HIS C 280 27.30 -29.11 -1.78
C HIS C 280 27.50 -27.64 -1.34
N SER C 281 28.73 -27.20 -1.22
CA SER C 281 29.00 -25.82 -0.82
C SER C 281 29.18 -24.96 -2.06
N VAL C 282 29.17 -23.65 -1.86
CA VAL C 282 29.40 -22.72 -2.93
C VAL C 282 30.82 -23.03 -3.50
N ARG C 283 31.76 -23.26 -2.59
CA ARG C 283 33.12 -23.56 -2.99
C ARG C 283 33.14 -24.71 -4.00
N GLU C 284 32.47 -25.82 -3.66
CA GLU C 284 32.44 -26.94 -4.58
C GLU C 284 31.75 -26.56 -5.89
N PHE C 285 30.78 -25.64 -5.87
CA PHE C 285 30.12 -25.32 -7.15
C PHE C 285 31.17 -24.61 -8.00
N VAL C 286 31.96 -23.77 -7.34
CA VAL C 286 33.01 -23.05 -8.06
C VAL C 286 34.03 -24.05 -8.64
N GLU C 287 34.42 -25.03 -7.84
CA GLU C 287 35.42 -26.01 -8.26
C GLU C 287 34.96 -26.82 -9.42
N LYS C 288 33.77 -27.40 -9.29
CA LYS C 288 33.25 -28.19 -10.39
C LYS C 288 33.12 -27.34 -11.67
N SER C 289 32.70 -26.10 -11.51
CA SER C 289 32.52 -25.24 -12.69
C SER C 289 33.84 -24.98 -13.48
N PHE C 290 34.91 -24.65 -12.77
CA PHE C 290 36.21 -24.40 -13.42
C PHE C 290 36.74 -25.74 -14.00
N LEU C 291 36.45 -26.82 -13.32
CA LEU C 291 36.88 -28.13 -13.81
C LEU C 291 36.33 -28.35 -15.22
N HIS C 292 35.10 -27.88 -15.49
CA HIS C 292 34.51 -28.05 -16.81
C HIS C 292 35.16 -27.21 -17.88
N ILE C 293 35.95 -26.23 -17.49
CA ILE C 293 36.64 -25.44 -18.50
C ILE C 293 38.15 -25.78 -18.38
N GLY C 294 38.44 -26.98 -17.88
CA GLY C 294 39.82 -27.40 -17.75
C GLY C 294 40.71 -26.62 -16.78
N LYS C 295 40.18 -26.22 -15.63
CA LYS C 295 41.04 -25.53 -14.67
C LYS C 295 40.76 -26.13 -13.30
N THR C 296 41.81 -26.25 -12.50
CA THR C 296 41.67 -26.79 -11.17
C THR C 296 41.92 -25.64 -10.23
N ILE C 297 40.95 -25.32 -9.38
CA ILE C 297 41.13 -24.21 -8.47
C ILE C 297 41.69 -24.68 -7.11
N VAL C 298 42.61 -23.88 -6.59
CA VAL C 298 43.26 -24.15 -5.30
C VAL C 298 43.00 -22.90 -4.48
N TRP C 299 42.52 -23.06 -3.26
CA TRP C 299 42.20 -21.90 -2.41
C TRP C 299 43.32 -21.51 -1.45
N GLU C 300 43.44 -20.22 -1.20
CA GLU C 300 44.43 -19.72 -0.25
C GLU C 300 43.82 -18.54 0.51
N GLY C 301 44.23 -18.36 1.76
CA GLY C 301 43.70 -17.24 2.52
C GLY C 301 42.40 -17.66 3.18
N LYS C 302 41.82 -16.76 3.96
CA LYS C 302 40.56 -17.06 4.64
C LYS C 302 39.65 -15.86 4.63
N ASN C 303 38.37 -16.14 4.93
CA ASN C 303 37.36 -15.13 4.97
C ASN C 303 37.38 -14.29 3.72
N GLU C 304 37.43 -12.98 3.87
CA GLU C 304 37.38 -12.09 2.72
C GLU C 304 38.71 -12.00 2.04
N ASN C 305 39.67 -12.71 2.59
CA ASN C 305 41.04 -12.67 2.05
C ASN C 305 41.25 -13.88 1.18
N GLU C 306 40.40 -14.89 1.35
CA GLU C 306 40.56 -16.10 0.54
C GLU C 306 40.49 -15.83 -0.98
N VAL C 307 41.32 -16.56 -1.73
CA VAL C 307 41.38 -16.40 -3.19
C VAL C 307 41.43 -17.75 -3.94
N GLY C 308 40.97 -17.72 -5.17
CA GLY C 308 40.95 -18.94 -5.95
C GLY C 308 41.84 -18.71 -7.15
N ARG C 309 42.85 -19.54 -7.27
CA ARG C 309 43.76 -19.40 -8.41
C ARG C 309 43.95 -20.75 -9.14
N CYS C 310 44.23 -20.64 -10.43
CA CYS C 310 44.46 -21.79 -11.29
C CYS C 310 45.70 -22.54 -10.80
N LYS C 311 45.52 -23.80 -10.42
CA LYS C 311 46.62 -24.62 -9.90
C LYS C 311 47.75 -24.84 -10.91
N GLU C 312 47.44 -24.62 -12.18
CA GLU C 312 48.39 -24.81 -13.26
C GLU C 312 49.12 -23.50 -13.63
N THR C 313 48.40 -22.38 -13.72
CA THR C 313 49.01 -21.08 -14.06
C THR C 313 49.19 -20.14 -12.86
N GLY C 314 48.60 -20.51 -11.72
CA GLY C 314 48.68 -19.72 -10.51
C GLY C 314 47.91 -18.39 -10.60
N LYS C 315 47.09 -18.24 -11.63
CA LYS C 315 46.36 -16.98 -11.78
C LYS C 315 45.10 -16.93 -10.90
N VAL C 316 44.86 -15.76 -10.30
CA VAL C 316 43.69 -15.57 -9.42
C VAL C 316 42.43 -15.44 -10.26
N HIS C 317 41.48 -16.34 -10.02
CA HIS C 317 40.24 -16.29 -10.77
C HIS C 317 39.04 -16.01 -9.87
N VAL C 318 39.20 -16.25 -8.55
CA VAL C 318 38.10 -16.02 -7.63
C VAL C 318 38.49 -15.29 -6.36
N THR C 319 37.83 -14.17 -6.08
CA THR C 319 38.08 -13.40 -4.84
C THR C 319 36.77 -13.24 -4.06
N VAL C 320 36.90 -12.71 -2.85
CA VAL C 320 35.73 -12.52 -1.98
C VAL C 320 35.56 -11.02 -1.68
N ASP C 321 34.31 -10.58 -1.51
CA ASP C 321 34.00 -9.20 -1.21
C ASP C 321 32.82 -9.23 -0.24
N LEU C 322 33.00 -8.59 0.91
CA LEU C 322 31.94 -8.61 1.93
C LEU C 322 30.60 -8.08 1.45
N LYS C 323 30.61 -7.17 0.48
CA LYS C 323 29.33 -6.64 -0.01
C LYS C 323 28.34 -7.73 -0.47
N TYR C 324 28.84 -8.94 -0.74
CA TYR C 324 27.96 -10.04 -1.18
C TYR C 324 27.47 -10.89 0.00
N TYR C 325 27.98 -10.65 1.21
CA TYR C 325 27.48 -11.41 2.34
C TYR C 325 26.05 -10.92 2.76
N ARG C 326 25.35 -11.73 3.55
CA ARG C 326 24.03 -11.31 4.08
C ARG C 326 24.16 -11.15 5.60
N PRO C 327 23.49 -10.13 6.18
CA PRO C 327 23.55 -9.88 7.64
C PRO C 327 23.20 -11.14 8.46
N THR C 328 22.25 -11.92 7.98
CA THR C 328 21.83 -13.10 8.69
C THR C 328 21.84 -14.18 7.65
N GLU C 329 22.94 -14.91 7.59
CA GLU C 329 23.09 -15.97 6.58
C GLU C 329 22.31 -17.25 6.88
N VAL C 330 22.03 -17.99 5.83
CA VAL C 330 21.35 -19.29 5.91
C VAL C 330 22.49 -20.25 5.53
N ASP C 331 23.18 -20.71 6.56
CA ASP C 331 24.35 -21.58 6.37
C ASP C 331 24.19 -22.91 5.67
N PHE C 332 23.04 -23.54 5.83
CA PHE C 332 22.88 -24.90 5.39
C PHE C 332 21.47 -25.33 5.11
N LEU C 333 21.27 -25.99 3.97
CA LEU C 333 19.91 -26.51 3.65
C LEU C 333 20.05 -27.91 3.03
N GLN C 334 19.25 -28.87 3.45
CA GLN C 334 19.24 -30.21 2.89
C GLN C 334 17.83 -30.66 3.04
N GLY C 335 17.14 -30.93 1.95
CA GLY C 335 15.74 -31.33 2.07
C GLY C 335 15.43 -32.79 1.99
N ASP C 336 14.34 -33.18 2.65
CA ASP C 336 13.92 -34.55 2.68
C ASP C 336 12.58 -34.69 1.92
N CYS C 337 12.59 -35.17 0.67
CA CYS C 337 11.31 -35.31 -0.07
C CYS C 337 10.61 -36.68 0.01
N THR C 338 10.73 -37.35 1.15
CA THR C 338 10.06 -38.64 1.32
C THR C 338 8.58 -38.61 1.07
N LYS C 339 7.94 -37.54 1.55
CA LYS C 339 6.51 -37.47 1.35
C LYS C 339 6.15 -37.38 -0.14
N ALA C 340 6.88 -36.56 -0.90
CA ALA C 340 6.59 -36.41 -2.32
C ALA C 340 6.81 -37.75 -3.04
N LYS C 341 7.84 -38.47 -2.63
CA LYS C 341 8.08 -39.77 -3.25
C LYS C 341 6.91 -40.69 -2.98
N GLN C 342 6.42 -40.70 -1.75
CA GLN C 342 5.33 -41.60 -1.39
C GLN C 342 3.99 -41.26 -2.00
N LYS C 343 3.64 -39.97 -2.11
CA LYS C 343 2.34 -39.63 -2.63
C LYS C 343 2.32 -39.17 -4.07
N LEU C 344 3.45 -38.63 -4.52
CA LEU C 344 3.52 -38.15 -5.88
C LEU C 344 4.27 -39.12 -6.79
N ASN C 345 5.02 -40.01 -6.17
CA ASN C 345 5.83 -40.97 -6.91
C ASN C 345 6.78 -40.12 -7.75
N TRP C 346 7.24 -38.99 -7.20
CA TRP C 346 8.17 -38.08 -7.91
C TRP C 346 9.60 -38.32 -7.42
N LYS C 347 10.59 -37.97 -8.25
CA LYS C 347 12.00 -38.07 -7.87
C LYS C 347 12.83 -37.24 -8.86
N PRO C 348 13.84 -36.52 -8.37
CA PRO C 348 14.67 -35.69 -9.26
C PRO C 348 15.38 -36.51 -10.33
N ARG C 349 15.52 -35.94 -11.52
CA ARG C 349 16.17 -36.61 -12.62
C ARG C 349 17.59 -36.11 -12.82
N VAL C 350 17.80 -34.82 -12.70
CA VAL C 350 19.13 -34.28 -12.86
C VAL C 350 19.83 -34.20 -11.50
N ALA C 351 21.09 -34.66 -11.44
CA ALA C 351 21.87 -34.61 -10.22
C ALA C 351 22.89 -33.45 -10.33
N PHE C 352 23.55 -33.13 -9.21
CA PHE C 352 24.45 -32.01 -9.10
C PHE C 352 25.51 -31.88 -10.15
N ASP C 353 26.19 -32.97 -10.40
CA ASP C 353 27.25 -32.91 -11.41
C ASP C 353 26.75 -32.48 -12.76
N GLU C 354 25.64 -33.07 -13.19
CA GLU C 354 25.05 -32.76 -14.49
C GLU C 354 24.53 -31.33 -14.53
N LEU C 355 24.05 -30.84 -13.39
CA LEU C 355 23.54 -29.48 -13.32
C LEU C 355 24.65 -28.46 -13.58
N VAL C 356 25.79 -28.63 -12.92
CA VAL C 356 26.90 -27.68 -13.06
C VAL C 356 27.37 -27.70 -14.50
N ARG C 357 27.59 -28.89 -15.03
CA ARG C 357 28.07 -29.02 -16.42
C ARG C 357 27.16 -28.31 -17.42
N GLU C 358 25.87 -28.56 -17.26
CA GLU C 358 24.89 -27.99 -18.16
C GLU C 358 24.92 -26.50 -18.15
N MET C 359 25.09 -25.90 -16.95
CA MET C 359 25.04 -24.45 -16.85
C MET C 359 26.29 -23.81 -17.43
N VAL C 360 27.44 -24.40 -17.11
CA VAL C 360 28.68 -23.88 -17.63
C VAL C 360 28.70 -24.03 -19.16
N HIS C 361 28.27 -25.19 -19.67
CA HIS C 361 28.30 -25.32 -21.13
C HIS C 361 27.33 -24.37 -21.74
N ALA C 362 26.13 -24.23 -21.14
CA ALA C 362 25.14 -23.32 -21.72
C ALA C 362 25.69 -21.89 -21.80
N ASP C 363 26.35 -21.45 -20.74
CA ASP C 363 26.87 -20.10 -20.72
C ASP C 363 28.07 -19.90 -21.62
N VAL C 364 28.86 -20.95 -21.81
CA VAL C 364 29.96 -20.79 -22.76
C VAL C 364 29.37 -20.56 -24.14
N GLU C 365 28.35 -21.32 -24.50
CA GLU C 365 27.72 -21.13 -25.79
C GLU C 365 27.02 -19.78 -25.94
N LEU C 366 26.43 -19.29 -24.85
CA LEU C 366 25.74 -18.02 -24.87
C LEU C 366 26.75 -16.85 -24.94
N MET C 367 27.84 -16.93 -24.18
CA MET C 367 28.83 -15.85 -24.16
C MET C 367 29.63 -15.82 -25.45
N ARG C 368 29.74 -16.98 -26.09
CA ARG C 368 30.49 -17.12 -27.31
C ARG C 368 29.76 -16.36 -28.39
N THR C 369 28.43 -16.45 -28.40
CA THR C 369 27.66 -15.74 -29.40
C THR C 369 27.74 -14.22 -29.20
N ASN C 370 28.19 -13.82 -28.00
CA ASN C 370 28.33 -12.38 -27.68
C ASN C 370 28.85 -12.12 -26.26
N ARG D 24 17.38 8.95 31.82
CA ARG D 24 16.48 9.30 30.64
C ARG D 24 15.56 8.11 30.29
N ASN D 25 14.26 8.26 30.52
CA ASN D 25 13.35 7.14 30.22
C ASN D 25 12.23 7.70 29.35
N VAL D 26 12.30 7.39 28.05
CA VAL D 26 11.29 7.92 27.13
C VAL D 26 10.70 6.76 26.31
N ALA D 27 9.42 6.52 26.52
CA ALA D 27 8.76 5.40 25.86
C ALA D 27 7.83 5.93 24.74
N LEU D 28 7.80 5.24 23.61
CA LEU D 28 6.90 5.59 22.51
C LEU D 28 5.96 4.37 22.41
N ILE D 29 4.66 4.60 22.56
CA ILE D 29 3.71 3.51 22.53
C ILE D 29 2.82 3.63 21.30
N THR D 30 2.87 2.63 20.42
CA THR D 30 1.86 2.64 19.33
C THR D 30 0.66 1.89 19.95
N GLY D 31 -0.57 2.21 19.53
CA GLY D 31 -1.74 1.54 20.16
C GLY D 31 -2.02 2.09 21.57
N ILE D 32 -1.56 3.30 21.83
CA ILE D 32 -1.73 3.88 23.13
C ILE D 32 -3.22 4.08 23.55
N THR D 33 -4.12 4.22 22.58
CA THR D 33 -5.54 4.41 22.94
C THR D 33 -6.27 3.11 23.25
N GLY D 34 -5.59 1.98 23.00
CA GLY D 34 -6.26 0.70 23.20
C GLY D 34 -6.17 0.21 24.66
N GLN D 35 -6.72 -0.96 24.92
CA GLN D 35 -6.69 -1.47 26.29
C GLN D 35 -5.29 -1.49 26.94
N ASP D 36 -4.38 -2.20 26.30
CA ASP D 36 -3.08 -2.35 26.90
C ASP D 36 -2.32 -1.06 26.91
N GLY D 37 -2.39 -0.34 25.79
CA GLY D 37 -1.65 0.91 25.73
C GLY D 37 -2.06 1.85 26.88
N SER D 38 -3.35 1.82 27.19
CA SER D 38 -3.84 2.72 28.25
C SER D 38 -3.26 2.30 29.61
N TYR D 39 -3.25 0.99 29.90
CA TYR D 39 -2.67 0.54 31.19
C TYR D 39 -1.16 0.72 31.24
N LEU D 40 -0.50 0.47 30.10
CA LEU D 40 0.95 0.61 30.05
C LEU D 40 1.34 2.07 30.22
N ALA D 41 0.59 2.99 29.59
CA ALA D 41 0.94 4.38 29.71
C ALA D 41 0.85 4.76 31.22
N GLU D 42 -0.21 4.32 31.90
CA GLU D 42 -0.31 4.63 33.36
C GLU D 42 0.88 4.08 34.16
N PHE D 43 1.22 2.82 33.91
CA PHE D 43 2.34 2.13 34.58
C PHE D 43 3.68 2.86 34.36
N LEU D 44 3.94 3.32 33.14
CA LEU D 44 5.19 4.00 32.88
C LEU D 44 5.17 5.42 33.45
N LEU D 45 4.02 6.07 33.39
CA LEU D 45 3.99 7.42 33.96
C LEU D 45 4.26 7.34 35.47
N GLU D 46 3.80 6.28 36.11
CA GLU D 46 4.02 6.10 37.56
C GLU D 46 5.52 5.91 37.87
N LYS D 47 6.30 5.43 36.90
CA LYS D 47 7.73 5.25 37.10
C LYS D 47 8.52 6.48 36.63
N GLY D 48 7.81 7.57 36.38
CA GLY D 48 8.46 8.79 35.93
C GLY D 48 8.93 8.83 34.48
N TYR D 49 8.37 7.98 33.62
CA TYR D 49 8.76 8.06 32.23
C TYR D 49 8.08 9.24 31.54
N GLU D 50 8.73 9.70 30.48
CA GLU D 50 8.17 10.68 29.56
C GLU D 50 7.48 9.69 28.54
N VAL D 51 6.16 9.76 28.41
CA VAL D 51 5.42 8.80 27.57
C VAL D 51 4.82 9.48 26.31
N HIS D 52 5.13 8.94 25.15
CA HIS D 52 4.58 9.48 23.92
C HIS D 52 3.73 8.38 23.28
N GLY D 53 2.61 8.75 22.70
CA GLY D 53 1.85 7.72 22.06
C GLY D 53 1.51 8.16 20.66
N ILE D 54 1.32 7.18 19.80
CA ILE D 54 0.83 7.41 18.45
C ILE D 54 -0.67 7.15 18.39
N VAL D 55 -1.43 8.19 18.00
CA VAL D 55 -2.88 8.09 17.93
C VAL D 55 -3.41 8.25 16.49
N ARG D 56 -4.43 7.50 16.10
CA ARG D 56 -4.98 7.62 14.75
C ARG D 56 -5.92 8.82 14.71
N ARG D 57 -5.93 9.49 13.57
CA ARG D 57 -6.86 10.58 13.39
C ARG D 57 -8.27 9.91 13.40
N SER D 58 -9.23 10.53 14.07
CA SER D 58 -10.58 9.97 14.04
C SER D 58 -11.56 11.15 13.93
N SER D 59 -12.71 10.92 13.31
CA SER D 59 -13.73 11.97 13.22
C SER D 59 -14.38 12.26 14.57
N SER D 60 -14.17 11.34 15.50
CA SER D 60 -14.77 11.46 16.86
C SER D 60 -13.69 11.35 17.92
N PHE D 61 -14.05 11.76 19.12
CA PHE D 61 -13.14 11.58 20.27
C PHE D 61 -12.73 10.07 20.33
N ASN D 62 -11.43 9.78 20.53
CA ASN D 62 -11.04 8.36 20.56
C ASN D 62 -9.96 8.13 21.60
N THR D 63 -9.84 9.02 22.58
CA THR D 63 -8.81 8.89 23.60
C THR D 63 -9.42 8.65 24.98
N GLY D 64 -10.65 8.12 24.97
CA GLY D 64 -11.40 7.79 26.18
C GLY D 64 -10.63 7.05 27.28
N ARG D 65 -9.84 6.05 26.91
CA ARG D 65 -9.07 5.26 27.88
C ARG D 65 -7.93 6.00 28.52
N ILE D 66 -7.44 7.06 27.87
CA ILE D 66 -6.29 7.76 28.41
C ILE D 66 -6.52 9.23 28.73
N GLU D 67 -7.74 9.71 28.57
CA GLU D 67 -7.98 11.14 28.79
C GLU D 67 -7.59 11.57 30.18
N HIS D 68 -7.91 10.75 31.17
CA HIS D 68 -7.58 11.09 32.55
C HIS D 68 -6.09 11.31 32.75
N LEU D 69 -5.26 10.84 31.82
CA LEU D 69 -3.83 11.00 31.92
C LEU D 69 -3.38 12.36 31.37
N TYR D 70 -4.22 12.95 30.52
CA TYR D 70 -3.98 14.23 29.85
C TYR D 70 -4.53 15.41 30.64
N ASN D 80 3.85 14.93 31.16
CA ASN D 80 4.62 13.68 31.02
C ASN D 80 4.11 12.82 29.88
N MET D 81 2.89 13.09 29.40
CA MET D 81 2.34 12.29 28.28
C MET D 81 2.07 13.16 27.10
N LYS D 82 2.59 12.77 25.94
CA LYS D 82 2.38 13.56 24.72
C LYS D 82 1.82 12.69 23.61
N LEU D 83 0.88 13.23 22.87
CA LEU D 83 0.30 12.42 21.84
C LEU D 83 0.62 12.94 20.44
N HIS D 84 0.82 12.00 19.51
CA HIS D 84 1.15 12.33 18.11
C HIS D 84 0.24 11.64 17.11
N TYR D 85 -0.27 12.38 16.13
CA TYR D 85 -1.10 11.68 15.12
C TYR D 85 -0.19 10.82 14.24
N GLY D 86 -0.64 9.59 13.94
CA GLY D 86 0.17 8.73 13.07
C GLY D 86 -0.61 7.50 12.65
N ASP D 87 -0.03 6.66 11.84
CA ASP D 87 -0.70 5.43 11.45
C ASP D 87 0.43 4.46 11.07
N LEU D 88 0.25 3.20 11.44
CA LEU D 88 1.28 2.17 11.14
C LEU D 88 1.36 1.84 9.64
N THR D 89 0.48 2.44 8.82
CA THR D 89 0.56 2.21 7.39
C THR D 89 1.25 3.40 6.68
N ASP D 90 1.77 4.40 7.41
CA ASP D 90 2.39 5.63 6.82
C ASP D 90 3.85 5.68 7.36
N SER D 91 4.81 5.24 6.54
CA SER D 91 6.21 5.17 6.94
C SER D 91 6.80 6.50 7.44
N THR D 92 6.63 7.54 6.64
CA THR D 92 7.17 8.84 6.98
C THR D 92 6.67 9.40 8.29
N CYS D 93 5.39 9.16 8.60
CA CYS D 93 4.92 9.71 9.86
C CYS D 93 5.65 9.00 11.01
N LEU D 94 5.92 7.70 10.89
CA LEU D 94 6.64 6.99 11.96
C LEU D 94 8.08 7.52 12.14
N VAL D 95 8.76 7.83 11.02
CA VAL D 95 10.14 8.37 11.09
C VAL D 95 10.09 9.73 11.76
N LYS D 96 9.12 10.55 11.38
CA LYS D 96 9.01 11.89 11.93
C LYS D 96 8.85 11.84 13.46
N ILE D 97 7.88 11.04 13.87
CA ILE D 97 7.64 10.90 15.27
C ILE D 97 8.82 10.39 16.06
N ILE D 98 9.44 9.35 15.56
CA ILE D 98 10.55 8.75 16.27
C ILE D 98 11.73 9.65 16.30
N ASN D 99 11.94 10.38 15.21
CA ASN D 99 13.07 11.28 15.16
C ASN D 99 12.92 12.38 16.16
N GLU D 100 11.69 12.85 16.35
CA GLU D 100 11.43 13.89 17.31
C GLU D 100 11.49 13.40 18.77
N VAL D 101 10.96 12.21 19.00
CA VAL D 101 10.91 11.66 20.33
C VAL D 101 12.22 11.09 20.86
N LYS D 102 13.00 10.41 20.02
CA LYS D 102 14.27 9.74 20.42
C LYS D 102 13.98 8.86 21.62
N PRO D 103 12.99 7.95 21.51
CA PRO D 103 12.62 7.07 22.64
C PRO D 103 13.73 6.11 23.00
N THR D 104 13.77 5.74 24.29
CA THR D 104 14.73 4.75 24.74
C THR D 104 13.95 3.37 24.70
N GLU D 105 12.61 3.44 24.69
CA GLU D 105 11.79 2.20 24.66
C GLU D 105 10.59 2.42 23.72
N ILE D 106 10.31 1.41 22.90
CA ILE D 106 9.18 1.50 22.00
C ILE D 106 8.33 0.27 22.20
N TYR D 107 7.02 0.46 22.37
CA TYR D 107 6.15 -0.72 22.56
C TYR D 107 5.18 -0.71 21.38
N ASN D 108 5.30 -1.68 20.49
CA ASN D 108 4.40 -1.71 19.34
C ASN D 108 3.16 -2.48 19.69
N LEU D 109 2.16 -1.78 20.21
CA LEU D 109 0.92 -2.44 20.59
C LEU D 109 -0.18 -2.13 19.55
N GLY D 110 0.12 -1.24 18.61
CA GLY D 110 -0.89 -0.88 17.58
C GLY D 110 -1.20 -2.05 16.63
N ALA D 111 -2.50 -2.32 16.41
CA ALA D 111 -2.90 -3.45 15.57
C ALA D 111 -4.40 -3.47 15.38
N GLN D 112 -4.80 -4.07 14.23
CA GLN D 112 -6.20 -4.46 14.05
C GLN D 112 -6.08 -5.76 14.89
N SER D 113 -6.64 -5.76 16.10
CA SER D 113 -6.40 -6.88 17.02
C SER D 113 -7.47 -7.97 17.13
N HIS D 114 -8.49 -7.89 16.31
CA HIS D 114 -9.61 -8.82 16.44
C HIS D 114 -9.55 -9.93 15.41
N VAL D 115 -9.68 -11.16 15.89
CA VAL D 115 -9.58 -12.35 15.03
C VAL D 115 -10.71 -12.49 14.01
N LYS D 116 -11.97 -12.32 14.46
CA LYS D 116 -13.09 -12.49 13.52
C LYS D 116 -13.02 -11.42 12.43
N ILE D 117 -12.77 -10.20 12.84
CA ILE D 117 -12.71 -9.10 11.92
C ILE D 117 -11.62 -9.32 10.84
N SER D 118 -10.56 -10.02 11.22
CA SER D 118 -9.43 -10.22 10.29
C SER D 118 -9.84 -11.11 9.08
N PHE D 119 -10.91 -11.89 9.21
CA PHE D 119 -11.34 -12.69 8.06
C PHE D 119 -11.92 -11.84 6.97
N ASP D 120 -12.55 -10.71 7.30
CA ASP D 120 -13.07 -9.84 6.28
C ASP D 120 -12.18 -8.66 5.97
N LEU D 121 -11.15 -8.40 6.78
CA LEU D 121 -10.24 -7.28 6.50
C LEU D 121 -8.86 -7.92 6.56
N ALA D 122 -8.67 -9.00 5.80
CA ALA D 122 -7.38 -9.70 5.90
C ALA D 122 -6.20 -8.86 5.36
N GLU D 123 -6.39 -8.12 4.26
CA GLU D 123 -5.30 -7.29 3.74
C GLU D 123 -4.95 -6.11 4.65
N TYR D 124 -5.97 -5.40 5.14
CA TYR D 124 -5.71 -4.26 6.06
C TYR D 124 -4.99 -4.86 7.30
N THR D 125 -5.45 -6.03 7.75
CA THR D 125 -4.82 -6.64 8.94
C THR D 125 -3.35 -6.96 8.62
N ALA D 126 -3.10 -7.50 7.43
CA ALA D 126 -1.70 -7.81 7.07
C ALA D 126 -0.85 -6.53 7.04
N ASP D 127 -1.40 -5.49 6.43
CA ASP D 127 -0.67 -4.26 6.31
C ASP D 127 -0.36 -3.53 7.62
N VAL D 128 -1.31 -3.61 8.54
CA VAL D 128 -1.09 -2.93 9.79
C VAL D 128 -0.29 -3.84 10.78
N ASP D 129 -0.70 -5.08 10.93
CA ASP D 129 -0.10 -5.92 11.95
C ASP D 129 1.23 -6.59 11.55
N GLY D 130 1.34 -6.90 10.26
CA GLY D 130 2.52 -7.54 9.72
C GLY D 130 3.45 -6.44 9.16
N VAL D 131 3.14 -5.85 8.02
CA VAL D 131 4.04 -4.85 7.48
C VAL D 131 4.25 -3.63 8.37
N GLY D 132 3.21 -3.24 9.14
CA GLY D 132 3.34 -2.09 10.04
C GLY D 132 4.48 -2.31 11.05
N THR D 133 4.66 -3.56 11.52
CA THR D 133 5.76 -3.83 12.46
C THR D 133 7.05 -3.59 11.69
N LEU D 134 7.17 -4.10 10.46
CA LEU D 134 8.41 -3.81 9.72
C LEU D 134 8.59 -2.27 9.57
N ARG D 135 7.52 -1.54 9.29
CA ARG D 135 7.65 -0.11 9.09
C ARG D 135 8.20 0.55 10.33
N LEU D 136 7.76 0.08 11.48
CA LEU D 136 8.23 0.76 12.72
C LEU D 136 9.72 0.37 12.95
N LEU D 137 10.08 -0.90 12.73
CA LEU D 137 11.47 -1.29 12.89
C LEU D 137 12.39 -0.53 11.94
N ASP D 138 11.98 -0.36 10.69
CA ASP D 138 12.80 0.40 9.76
C ASP D 138 12.89 1.86 10.11
N ALA D 139 11.82 2.43 10.69
CA ALA D 139 11.85 3.83 11.08
C ALA D 139 12.95 3.99 12.17
N VAL D 140 13.00 3.01 13.07
CA VAL D 140 13.99 3.04 14.12
C VAL D 140 15.37 3.07 13.52
N LYS D 141 15.59 2.15 12.58
CA LYS D 141 16.87 2.06 11.92
C LYS D 141 17.16 3.36 11.16
N THR D 142 16.19 3.84 10.40
CA THR D 142 16.39 5.08 9.64
C THR D 142 16.81 6.25 10.52
N CYS D 143 16.26 6.30 11.73
CA CYS D 143 16.52 7.38 12.66
C CYS D 143 17.82 7.26 13.43
N GLY D 144 18.61 6.24 13.13
CA GLY D 144 19.88 5.99 13.79
C GLY D 144 19.79 5.42 15.21
N LEU D 145 18.67 4.82 15.60
CA LEU D 145 18.51 4.32 16.97
C LEU D 145 18.61 2.81 17.14
N ILE D 146 19.09 2.15 16.12
CA ILE D 146 19.21 0.71 16.12
C ILE D 146 19.96 0.16 17.34
N ASN D 147 20.90 0.95 17.85
CA ASN D 147 21.65 0.46 18.99
C ASN D 147 21.25 1.08 20.32
N SER D 148 20.31 2.04 20.32
CA SER D 148 19.88 2.77 21.54
C SER D 148 18.42 2.66 21.96
N VAL D 149 17.67 1.83 21.26
CA VAL D 149 16.29 1.71 21.70
C VAL D 149 16.02 0.23 22.00
N LYS D 150 15.11 -0.02 22.94
CA LYS D 150 14.70 -1.38 23.26
C LYS D 150 13.27 -1.44 22.67
N PHE D 151 13.00 -2.50 21.92
CA PHE D 151 11.71 -2.59 21.17
C PHE D 151 10.89 -3.79 21.65
N TYR D 152 9.62 -3.56 21.96
CA TYR D 152 8.74 -4.61 22.41
C TYR D 152 7.66 -4.84 21.33
N GLN D 153 7.50 -6.09 20.86
CA GLN D 153 6.48 -6.40 19.87
C GLN D 153 5.35 -7.17 20.56
N ALA D 154 4.08 -6.74 20.31
CA ALA D 154 2.93 -7.41 20.87
C ALA D 154 2.56 -8.70 20.13
N SER D 155 3.35 -9.75 20.36
CA SER D 155 3.05 -11.05 19.86
C SER D 155 1.91 -11.67 20.70
N THR D 156 1.50 -12.89 20.36
CA THR D 156 0.25 -13.39 20.89
C THR D 156 0.10 -14.87 20.86
N SER D 157 -0.71 -15.38 21.78
CA SER D 157 -1.02 -16.81 21.79
C SER D 157 -1.72 -17.26 20.51
N GLU D 158 -2.35 -16.34 19.76
CA GLU D 158 -3.03 -16.79 18.50
C GLU D 158 -1.99 -17.40 17.54
N LEU D 159 -0.73 -17.10 17.78
CA LEU D 159 0.33 -17.71 16.95
C LEU D 159 0.31 -19.24 17.02
N TYR D 160 -0.13 -19.75 18.18
CA TYR D 160 -0.16 -21.24 18.33
C TYR D 160 -1.32 -21.89 17.66
N GLY D 161 -2.36 -21.09 17.42
CA GLY D 161 -3.59 -21.54 16.74
C GLY D 161 -4.07 -22.94 17.07
N LYS D 162 -3.95 -23.84 16.09
CA LYS D 162 -4.33 -25.24 16.28
C LYS D 162 -3.10 -25.76 17.06
N VAL D 163 -3.21 -25.76 18.39
CA VAL D 163 -2.02 -25.96 19.22
C VAL D 163 -1.26 -27.26 18.98
N GLN D 164 0.07 -27.17 18.95
CA GLN D 164 0.88 -28.37 18.63
C GLN D 164 1.37 -29.08 19.85
N GLU D 165 1.27 -28.41 21.00
CA GLU D 165 1.61 -28.97 22.30
C GLU D 165 0.63 -28.33 23.32
N ILE D 166 0.45 -28.99 24.46
CA ILE D 166 -0.36 -28.46 25.55
C ILE D 166 0.43 -28.74 26.85
N PRO D 167 0.78 -27.71 27.63
CA PRO D 167 0.47 -26.29 27.38
C PRO D 167 1.43 -25.79 26.32
N GLN D 168 1.27 -24.51 25.95
CA GLN D 168 2.15 -23.93 24.94
C GLN D 168 3.22 -23.09 25.55
N LYS D 169 4.45 -23.26 25.07
CA LYS D 169 5.55 -22.48 25.60
C LYS D 169 6.36 -21.82 24.46
N GLU D 170 7.44 -21.12 24.78
CA GLU D 170 8.20 -20.39 23.75
C GLU D 170 8.62 -21.23 22.53
N THR D 171 8.85 -22.53 22.77
CA THR D 171 9.34 -23.44 21.77
C THR D 171 8.27 -24.25 21.10
N THR D 172 7.01 -24.06 21.48
CA THR D 172 5.92 -24.81 20.83
C THR D 172 5.85 -24.25 19.42
N PRO D 173 5.73 -25.14 18.41
CA PRO D 173 5.68 -24.64 17.04
C PRO D 173 4.40 -23.84 16.80
N PHE D 174 4.52 -22.78 16.00
CA PHE D 174 3.35 -21.96 15.66
C PHE D 174 2.46 -22.64 14.59
N TYR D 175 1.18 -22.33 14.61
CA TYR D 175 0.25 -22.86 13.64
C TYR D 175 -0.93 -21.88 13.62
N PRO D 176 -0.74 -20.72 12.95
CA PRO D 176 -1.83 -19.73 12.91
C PRO D 176 -3.07 -20.20 12.23
N ARG D 177 -4.20 -19.62 12.67
CA ARG D 177 -5.53 -20.01 12.17
C ARG D 177 -6.40 -18.85 11.71
N SER D 178 -5.80 -17.70 11.37
CA SER D 178 -6.61 -16.59 10.83
C SER D 178 -5.70 -15.62 10.16
N PRO D 179 -6.22 -14.69 9.37
CA PRO D 179 -5.37 -13.66 8.71
C PRO D 179 -4.65 -12.85 9.83
N TYR D 180 -5.28 -12.74 11.03
CA TYR D 180 -4.64 -12.04 12.17
C TYR D 180 -3.40 -12.81 12.64
N GLY D 181 -3.57 -14.13 12.83
CA GLY D 181 -2.48 -14.98 13.29
C GLY D 181 -1.30 -14.97 12.30
N ALA D 182 -1.63 -15.05 11.01
CA ALA D 182 -0.58 -15.07 9.97
C ALA D 182 0.12 -13.74 9.98
N ALA D 183 -0.63 -12.68 10.16
CA ALA D 183 0.05 -11.34 10.11
C ALA D 183 0.98 -11.15 11.30
N LYS D 184 0.52 -11.61 12.47
CA LYS D 184 1.31 -11.47 13.69
C LYS D 184 2.52 -12.39 13.58
N LEU D 185 2.38 -13.51 12.85
CA LEU D 185 3.54 -14.44 12.70
C LEU D 185 4.63 -13.74 11.87
N TYR D 186 4.23 -13.04 10.80
CA TYR D 186 5.21 -12.30 10.02
C TYR D 186 5.91 -11.28 10.99
N ALA D 187 5.09 -10.53 11.76
CA ALA D 187 5.67 -9.51 12.66
C ALA D 187 6.69 -10.15 13.61
N TYR D 188 6.31 -11.29 14.14
CA TYR D 188 7.18 -11.98 15.10
C TYR D 188 8.59 -12.24 14.48
N TRP D 189 8.58 -12.74 13.23
CA TRP D 189 9.85 -13.10 12.60
C TRP D 189 10.61 -11.92 12.07
N ILE D 190 9.91 -10.87 11.66
CA ILE D 190 10.68 -9.70 11.16
C ILE D 190 11.34 -9.02 12.41
N VAL D 191 10.70 -9.11 13.58
CA VAL D 191 11.33 -8.57 14.80
C VAL D 191 12.57 -9.44 15.10
N VAL D 192 12.44 -10.77 15.02
CA VAL D 192 13.62 -11.63 15.25
C VAL D 192 14.70 -11.25 14.26
N ASN D 193 14.32 -11.06 13.00
CA ASN D 193 15.34 -10.72 12.03
C ASN D 193 16.03 -9.40 12.29
N PHE D 194 15.34 -8.37 12.81
CA PHE D 194 16.10 -7.11 13.06
C PHE D 194 17.03 -7.32 14.27
N ARG D 195 16.60 -8.15 15.17
CA ARG D 195 17.43 -8.46 16.34
C ARG D 195 18.73 -9.16 15.84
N GLU D 196 18.55 -10.21 15.04
CA GLU D 196 19.70 -11.00 14.55
C GLU D 196 20.57 -10.30 13.55
N ALA D 197 19.98 -9.55 12.63
CA ALA D 197 20.77 -8.87 11.62
C ALA D 197 21.44 -7.59 12.04
N TYR D 198 20.80 -6.85 12.95
CA TYR D 198 21.31 -5.54 13.27
C TYR D 198 21.56 -5.32 14.75
N ASN D 199 21.48 -6.36 15.55
CA ASN D 199 21.69 -6.23 17.00
C ASN D 199 20.68 -5.29 17.70
N LEU D 200 19.48 -5.15 17.13
CA LEU D 200 18.49 -4.34 17.83
C LEU D 200 18.03 -5.14 19.08
N PHE D 201 17.85 -4.46 20.20
CA PHE D 201 17.33 -5.12 21.37
C PHE D 201 15.81 -5.14 21.11
N ALA D 202 15.32 -6.24 20.57
CA ALA D 202 13.88 -6.36 20.28
C ALA D 202 13.44 -7.69 20.82
N VAL D 203 12.20 -7.67 21.33
CA VAL D 203 11.63 -8.82 21.98
C VAL D 203 10.20 -9.07 21.56
N ASN D 204 9.82 -10.34 21.53
CA ASN D 204 8.44 -10.73 21.27
C ASN D 204 7.79 -11.13 22.59
N GLY D 205 6.79 -10.35 23.02
CA GLY D 205 5.99 -10.84 24.16
C GLY D 205 4.86 -11.68 23.59
N ILE D 206 4.84 -12.97 23.96
CA ILE D 206 3.86 -13.87 23.47
C ILE D 206 2.78 -13.94 24.55
N LEU D 207 1.87 -12.95 24.49
CA LEU D 207 0.86 -12.88 25.53
C LEU D 207 -0.38 -13.63 25.24
N PHE D 208 -0.89 -14.34 26.25
CA PHE D 208 -2.15 -15.02 26.05
C PHE D 208 -3.26 -13.98 26.36
N ASN D 209 -4.50 -14.35 26.06
CA ASN D 209 -5.65 -13.42 26.16
C ASN D 209 -5.65 -12.67 27.48
N HIS D 210 -5.84 -11.37 27.42
CA HIS D 210 -5.92 -10.63 28.71
C HIS D 210 -7.02 -9.60 28.55
N GLU D 211 -7.82 -9.43 29.61
CA GLU D 211 -9.04 -8.61 29.54
C GLU D 211 -9.05 -7.60 30.67
N SER D 212 -10.15 -6.85 30.80
CA SER D 212 -10.25 -5.82 31.83
C SER D 212 -11.56 -5.08 31.50
N PRO D 213 -11.95 -4.13 32.36
CA PRO D 213 -13.16 -3.34 32.13
C PRO D 213 -12.91 -2.42 30.90
N ARG D 214 -11.64 -2.31 30.47
CA ARG D 214 -11.30 -1.52 29.28
C ARG D 214 -11.21 -2.35 27.96
N ARG D 215 -11.47 -3.65 28.04
CA ARG D 215 -11.39 -4.54 26.88
C ARG D 215 -12.40 -4.10 25.80
N GLY D 216 -12.03 -4.24 24.52
CA GLY D 216 -12.94 -3.84 23.45
C GLY D 216 -14.25 -4.63 23.58
N ALA D 217 -15.35 -3.92 23.28
CA ALA D 217 -16.67 -4.50 23.40
C ALA D 217 -16.97 -5.71 22.58
N ASN D 218 -16.23 -5.91 21.48
CA ASN D 218 -16.53 -7.05 20.65
C ASN D 218 -15.70 -8.31 20.92
N PHE D 219 -14.84 -8.26 21.93
CA PHE D 219 -14.13 -9.47 22.34
C PHE D 219 -15.15 -10.23 23.21
N VAL D 220 -14.94 -11.53 23.33
CA VAL D 220 -16.01 -12.29 23.99
C VAL D 220 -16.27 -11.99 25.44
N THR D 221 -15.23 -11.71 26.18
CA THR D 221 -15.43 -11.45 27.61
C THR D 221 -16.24 -10.17 27.85
N ARG D 222 -15.87 -9.09 27.16
CA ARG D 222 -16.56 -7.81 27.37
C ARG D 222 -17.91 -7.87 26.75
N LYS D 223 -18.04 -8.62 25.66
CA LYS D 223 -19.37 -8.76 25.04
C LYS D 223 -20.30 -9.38 26.12
N ILE D 224 -19.78 -10.39 26.79
CA ILE D 224 -20.60 -11.08 27.82
C ILE D 224 -20.82 -10.14 29.03
N SER D 225 -19.77 -9.49 29.53
CA SER D 225 -20.03 -8.67 30.72
C SER D 225 -20.97 -7.50 30.42
N ARG D 226 -20.85 -6.88 29.24
CA ARG D 226 -21.74 -5.75 28.94
C ARG D 226 -23.14 -6.25 28.74
N SER D 227 -23.31 -7.39 28.08
CA SER D 227 -24.63 -7.92 27.80
C SER D 227 -25.31 -8.39 29.09
N VAL D 228 -24.54 -9.05 29.92
CA VAL D 228 -25.09 -9.49 31.23
C VAL D 228 -25.46 -8.27 32.07
N ALA D 229 -24.61 -7.25 32.08
CA ALA D 229 -24.94 -6.01 32.83
C ALA D 229 -26.24 -5.40 32.26
N LYS D 230 -26.40 -5.35 30.93
CA LYS D 230 -27.65 -4.77 30.37
C LYS D 230 -28.87 -5.57 30.72
N ILE D 231 -28.71 -6.87 30.82
CA ILE D 231 -29.85 -7.72 31.18
C ILE D 231 -30.23 -7.40 32.64
N TYR D 232 -29.24 -7.35 33.52
CA TYR D 232 -29.52 -7.03 34.91
C TYR D 232 -30.24 -5.64 35.00
N LEU D 233 -29.80 -4.66 34.19
CA LEU D 233 -30.38 -3.31 34.22
C LEU D 233 -31.70 -3.20 33.47
N GLY D 234 -32.15 -4.29 32.89
CA GLY D 234 -33.40 -4.29 32.16
C GLY D 234 -33.25 -3.59 30.81
N GLN D 235 -32.00 -3.44 30.33
CA GLN D 235 -31.79 -2.79 29.03
C GLN D 235 -31.72 -3.78 27.89
N LEU D 236 -31.72 -5.06 28.22
CA LEU D 236 -31.63 -6.10 27.21
C LEU D 236 -32.27 -7.36 27.75
N GLU D 237 -32.77 -8.22 26.86
CA GLU D 237 -33.39 -9.47 27.32
C GLU D 237 -32.51 -10.68 27.00
N CYS D 238 -31.79 -10.61 25.89
CA CYS D 238 -31.07 -11.77 25.43
C CYS D 238 -29.94 -11.36 24.50
N PHE D 239 -28.92 -12.19 24.39
CA PHE D 239 -27.84 -11.89 23.43
C PHE D 239 -27.35 -13.20 22.83
N SER D 240 -26.71 -13.07 21.66
CA SER D 240 -26.23 -14.25 20.98
C SER D 240 -24.70 -14.33 20.98
N LEU D 241 -24.18 -15.54 21.11
CA LEU D 241 -22.76 -15.80 21.06
C LEU D 241 -22.54 -16.81 19.91
N GLY D 242 -21.26 -17.14 19.72
CA GLY D 242 -20.87 -18.10 18.70
C GLY D 242 -20.53 -19.42 19.35
N ASN D 243 -19.25 -19.79 19.32
CA ASN D 243 -18.81 -21.09 19.84
C ASN D 243 -18.68 -21.07 21.36
N LEU D 244 -19.66 -21.66 22.05
CA LEU D 244 -19.63 -21.69 23.51
C LEU D 244 -18.57 -22.58 24.11
N ASP D 245 -18.00 -23.45 23.28
CA ASP D 245 -17.03 -24.37 23.84
C ASP D 245 -15.59 -24.07 23.69
N ALA D 246 -15.31 -22.91 23.11
CA ALA D 246 -13.93 -22.51 23.03
C ALA D 246 -13.30 -22.36 24.43
N LYS D 247 -12.02 -22.70 24.54
CA LYS D 247 -11.32 -22.63 25.80
C LYS D 247 -10.14 -21.69 25.78
N ARG D 248 -10.04 -20.82 26.80
CA ARG D 248 -8.98 -19.82 26.84
C ARG D 248 -8.33 -19.69 28.18
N ASP D 249 -7.14 -19.08 28.16
CA ASP D 249 -6.33 -18.82 29.33
C ASP D 249 -6.50 -17.29 29.40
N TRP D 250 -7.31 -16.84 30.34
CA TRP D 250 -7.63 -15.38 30.52
C TRP D 250 -7.00 -14.70 31.75
N GLY D 251 -6.16 -13.67 31.51
CA GLY D 251 -5.51 -12.88 32.59
C GLY D 251 -6.04 -11.44 32.52
N HIS D 252 -5.49 -10.57 33.38
CA HIS D 252 -5.91 -9.17 33.42
C HIS D 252 -4.84 -8.32 32.78
N ALA D 253 -5.26 -7.52 31.82
CA ALA D 253 -4.34 -6.63 31.13
C ALA D 253 -3.47 -5.80 32.04
N LYS D 254 -3.99 -5.36 33.17
CA LYS D 254 -3.13 -4.54 34.02
C LYS D 254 -1.93 -5.32 34.48
N ASP D 255 -2.12 -6.61 34.78
CA ASP D 255 -0.98 -7.44 35.21
C ASP D 255 0.01 -7.66 34.04
N TYR D 256 -0.53 -7.80 32.82
CA TYR D 256 0.33 -8.14 31.70
C TYR D 256 1.20 -7.01 31.16
N VAL D 257 0.77 -5.76 31.28
CA VAL D 257 1.62 -4.72 30.72
C VAL D 257 2.88 -4.61 31.56
N GLU D 258 2.80 -5.01 32.83
CA GLU D 258 4.02 -4.96 33.65
C GLU D 258 5.06 -5.91 33.08
N ALA D 259 4.62 -7.07 32.64
CA ALA D 259 5.51 -8.04 32.01
C ALA D 259 6.18 -7.44 30.77
N MET D 260 5.44 -6.65 29.98
CA MET D 260 6.09 -6.02 28.81
C MET D 260 7.28 -5.14 29.25
N TRP D 261 7.10 -4.33 30.31
CA TRP D 261 8.18 -3.46 30.74
C TRP D 261 9.36 -4.31 31.29
N LEU D 262 9.04 -5.38 32.02
CA LEU D 262 10.08 -6.30 32.57
C LEU D 262 10.91 -6.89 31.44
N MET D 263 10.25 -7.21 30.33
CA MET D 263 11.00 -7.76 29.20
C MET D 263 12.02 -6.81 28.67
N LEU D 264 11.76 -5.52 28.77
CA LEU D 264 12.68 -4.56 28.24
C LEU D 264 13.74 -4.22 29.29
N GLN D 265 13.54 -4.72 30.51
CA GLN D 265 14.53 -4.45 31.57
C GLN D 265 15.57 -5.57 31.65
N ASN D 266 15.23 -6.66 31.00
CA ASN D 266 16.08 -7.84 30.96
C ASN D 266 17.42 -7.49 30.36
N ASP D 267 18.46 -8.19 30.79
CA ASP D 267 19.81 -7.90 30.32
C ASP D 267 19.99 -8.17 28.81
N GLU D 268 19.38 -9.25 28.35
CA GLU D 268 19.46 -9.63 26.96
C GLU D 268 18.05 -9.65 26.40
N PRO D 269 17.93 -9.43 25.11
CA PRO D 269 16.59 -9.43 24.48
C PRO D 269 16.07 -10.84 24.29
N GLU D 270 15.10 -11.29 25.09
CA GLU D 270 14.58 -12.64 24.87
C GLU D 270 13.06 -12.61 24.68
N ASP D 271 12.50 -13.67 24.11
CA ASP D 271 11.06 -13.77 23.89
C ASP D 271 10.45 -14.53 25.04
N PHE D 272 9.25 -14.11 25.47
CA PHE D 272 8.58 -14.76 26.59
C PHE D 272 7.08 -14.95 26.46
N VAL D 273 6.59 -16.12 26.89
CA VAL D 273 5.14 -16.36 26.98
C VAL D 273 4.68 -15.75 28.33
N ILE D 274 3.54 -15.07 28.34
CA ILE D 274 2.98 -14.47 29.56
C ILE D 274 1.54 -15.01 29.58
N ALA D 275 1.13 -15.70 30.69
CA ALA D 275 -0.19 -16.32 30.70
C ALA D 275 -0.54 -16.71 32.15
N THR D 276 -1.72 -17.25 32.38
CA THR D 276 -2.05 -17.66 33.75
C THR D 276 -1.87 -19.20 33.89
N GLY D 277 -1.91 -19.94 32.78
CA GLY D 277 -1.83 -21.40 32.88
C GLY D 277 -3.17 -22.06 33.26
N GLU D 278 -4.24 -21.29 33.52
CA GLU D 278 -5.55 -21.83 33.86
C GLU D 278 -6.49 -21.64 32.69
N VAL D 279 -7.30 -22.67 32.41
CA VAL D 279 -8.22 -22.64 31.25
C VAL D 279 -9.69 -22.59 31.65
N HIS D 280 -10.50 -21.84 30.91
CA HIS D 280 -11.93 -21.81 31.12
C HIS D 280 -12.59 -21.71 29.76
N SER D 281 -13.83 -22.14 29.66
CA SER D 281 -14.55 -22.05 28.39
C SER D 281 -15.37 -20.76 28.35
N VAL D 282 -15.87 -20.42 27.17
CA VAL D 282 -16.72 -19.25 26.98
C VAL D 282 -17.99 -19.58 27.80
N ARG D 283 -18.46 -20.82 27.67
CA ARG D 283 -19.63 -21.20 28.45
C ARG D 283 -19.44 -20.85 29.99
N GLU D 284 -18.26 -21.12 30.54
CA GLU D 284 -18.02 -20.86 31.98
C GLU D 284 -18.00 -19.39 32.27
N PHE D 285 -17.44 -18.64 31.31
CA PHE D 285 -17.41 -17.17 31.50
C PHE D 285 -18.85 -16.69 31.52
N VAL D 286 -19.70 -17.24 30.68
CA VAL D 286 -21.11 -16.86 30.67
C VAL D 286 -21.76 -17.24 32.03
N GLU D 287 -21.54 -18.47 32.47
CA GLU D 287 -22.17 -18.91 33.73
C GLU D 287 -21.75 -18.03 34.90
N LYS D 288 -20.44 -17.78 34.99
CA LYS D 288 -19.98 -17.00 36.13
C LYS D 288 -20.48 -15.54 36.06
N SER D 289 -20.52 -14.96 34.85
CA SER D 289 -21.01 -13.58 34.73
C SER D 289 -22.50 -13.50 35.21
N PHE D 290 -23.35 -14.42 34.77
CA PHE D 290 -24.74 -14.39 35.20
C PHE D 290 -24.84 -14.60 36.72
N LEU D 291 -23.98 -15.45 37.28
CA LEU D 291 -24.07 -15.67 38.74
C LEU D 291 -23.81 -14.36 39.41
N HIS D 292 -22.97 -13.51 38.81
CA HIS D 292 -22.71 -12.22 39.45
C HIS D 292 -23.84 -11.19 39.38
N ILE D 293 -24.89 -11.49 38.60
CA ILE D 293 -26.05 -10.58 38.65
C ILE D 293 -27.21 -11.36 39.28
N GLY D 294 -26.90 -12.49 39.93
CA GLY D 294 -27.96 -13.22 40.64
C GLY D 294 -28.82 -14.23 39.85
N LYS D 295 -28.26 -14.71 38.73
CA LYS D 295 -28.93 -15.67 37.88
C LYS D 295 -28.09 -16.91 37.64
N THR D 296 -28.79 -18.04 37.53
CA THR D 296 -28.19 -19.32 37.21
C THR D 296 -28.66 -19.72 35.80
N ILE D 297 -27.68 -19.84 34.89
CA ILE D 297 -27.97 -20.22 33.49
C ILE D 297 -27.97 -21.74 33.41
N VAL D 298 -28.94 -22.26 32.70
CA VAL D 298 -29.06 -23.70 32.51
C VAL D 298 -29.17 -23.86 31.00
N TRP D 299 -28.25 -24.63 30.42
CA TRP D 299 -28.22 -24.82 28.96
C TRP D 299 -29.15 -25.96 28.49
N GLU D 300 -29.72 -25.80 27.31
CA GLU D 300 -30.59 -26.80 26.71
C GLU D 300 -30.37 -26.70 25.18
N GLY D 301 -30.50 -27.84 24.49
CA GLY D 301 -30.30 -27.81 23.03
C GLY D 301 -28.85 -28.05 22.65
N LYS D 302 -28.59 -28.05 21.33
CA LYS D 302 -27.23 -28.36 20.83
C LYS D 302 -26.89 -27.49 19.67
N ASN D 303 -25.59 -27.27 19.48
CA ASN D 303 -25.12 -26.46 18.36
C ASN D 303 -25.82 -25.12 18.24
N GLU D 304 -26.20 -24.71 17.02
CA GLU D 304 -26.81 -23.40 16.82
C GLU D 304 -28.18 -23.24 17.46
N ASN D 305 -28.74 -24.34 17.97
CA ASN D 305 -30.04 -24.29 18.66
C ASN D 305 -29.89 -24.30 20.18
N GLU D 306 -28.65 -24.36 20.70
CA GLU D 306 -28.45 -24.33 22.15
C GLU D 306 -28.87 -22.96 22.69
N VAL D 307 -29.45 -22.94 23.89
CA VAL D 307 -29.84 -21.68 24.52
C VAL D 307 -29.51 -21.73 25.99
N GLY D 308 -29.29 -20.56 26.59
CA GLY D 308 -29.05 -20.50 28.03
C GLY D 308 -30.28 -19.81 28.63
N ARG D 309 -30.92 -20.50 29.57
CA ARG D 309 -32.14 -19.99 30.20
C ARG D 309 -31.95 -19.80 31.70
N CYS D 310 -32.55 -18.73 32.20
CA CYS D 310 -32.52 -18.42 33.62
C CYS D 310 -33.27 -19.49 34.43
N LYS D 311 -32.60 -20.12 35.37
CA LYS D 311 -33.21 -21.14 36.20
C LYS D 311 -34.44 -20.65 36.98
N GLU D 312 -34.33 -19.48 37.62
CA GLU D 312 -35.43 -18.92 38.43
C GLU D 312 -36.59 -18.36 37.58
N THR D 313 -36.31 -17.50 36.62
CA THR D 313 -37.39 -16.87 35.83
C THR D 313 -37.86 -17.64 34.61
N GLY D 314 -37.05 -18.62 34.18
CA GLY D 314 -37.34 -19.38 32.98
C GLY D 314 -37.09 -18.66 31.63
N LYS D 315 -36.54 -17.44 31.65
CA LYS D 315 -36.33 -16.68 30.42
C LYS D 315 -35.04 -17.04 29.69
N VAL D 316 -35.10 -17.00 28.37
CA VAL D 316 -33.93 -17.30 27.56
C VAL D 316 -33.08 -16.03 27.48
N HIS D 317 -31.83 -16.13 27.92
CA HIS D 317 -30.96 -14.96 27.89
C HIS D 317 -29.78 -15.13 26.94
N VAL D 318 -29.49 -16.36 26.55
CA VAL D 318 -28.36 -16.53 25.64
C VAL D 318 -28.76 -17.46 24.49
N THR D 319 -28.41 -17.07 23.27
CA THR D 319 -28.62 -17.94 22.10
C THR D 319 -27.30 -18.04 21.35
N VAL D 320 -27.31 -18.88 20.30
CA VAL D 320 -26.11 -19.11 19.52
C VAL D 320 -26.43 -18.70 18.07
N ASP D 321 -25.48 -18.03 17.41
CA ASP D 321 -25.67 -17.58 16.03
C ASP D 321 -24.36 -17.88 15.30
N LEU D 322 -24.45 -18.68 14.23
CA LEU D 322 -23.30 -19.10 13.45
C LEU D 322 -22.54 -17.93 12.87
N LYS D 323 -23.17 -16.77 12.81
CA LYS D 323 -22.44 -15.64 12.27
C LYS D 323 -21.28 -15.24 13.17
N TYR D 324 -21.24 -15.72 14.43
CA TYR D 324 -20.12 -15.39 15.33
C TYR D 324 -19.03 -16.43 15.33
N TYR D 325 -19.24 -17.55 14.62
CA TYR D 325 -18.20 -18.56 14.55
C TYR D 325 -17.02 -18.06 13.66
N ARG D 326 -15.83 -18.66 13.80
CA ARG D 326 -14.72 -18.33 12.90
C ARG D 326 -14.56 -19.62 11.99
N PRO D 327 -14.22 -19.43 10.70
CA PRO D 327 -14.02 -20.47 9.67
C PRO D 327 -13.04 -21.52 10.16
N THR D 328 -11.97 -21.06 10.82
CA THR D 328 -10.93 -21.95 11.38
C THR D 328 -10.78 -21.53 12.85
N GLU D 329 -11.50 -22.23 13.74
CA GLU D 329 -11.47 -21.86 15.16
C GLU D 329 -10.15 -22.19 15.86
N VAL D 330 -9.89 -21.50 16.96
CA VAL D 330 -8.75 -21.81 17.80
C VAL D 330 -9.47 -22.40 19.01
N ASP D 331 -9.41 -23.73 19.11
CA ASP D 331 -10.21 -24.36 20.13
C ASP D 331 -9.80 -24.27 21.56
N PHE D 332 -8.50 -24.21 21.77
CA PHE D 332 -7.93 -24.33 23.09
C PHE D 332 -6.59 -23.61 23.23
N LEU D 333 -6.38 -22.89 24.34
CA LEU D 333 -5.11 -22.20 24.55
C LEU D 333 -4.83 -22.28 26.03
N GLN D 334 -3.58 -22.62 26.37
CA GLN D 334 -3.13 -22.69 27.75
C GLN D 334 -1.63 -22.43 27.74
N GLY D 335 -1.26 -21.31 28.34
CA GLY D 335 0.13 -20.94 28.34
C GLY D 335 0.98 -21.41 29.50
N ASP D 336 2.25 -21.69 29.22
CA ASP D 336 3.20 -22.11 30.26
C ASP D 336 4.18 -20.97 30.40
N CYS D 337 4.14 -20.22 31.49
CA CYS D 337 5.06 -19.12 31.54
C CYS D 337 6.23 -19.30 32.54
N THR D 338 6.69 -20.55 32.64
CA THR D 338 7.83 -20.89 33.52
C THR D 338 9.02 -19.99 33.25
N LYS D 339 9.32 -19.83 31.96
CA LYS D 339 10.45 -19.03 31.64
C LYS D 339 10.34 -17.63 32.21
N ALA D 340 9.21 -16.94 31.95
CA ALA D 340 9.06 -15.59 32.47
C ALA D 340 9.12 -15.52 34.02
N LYS D 341 8.54 -16.51 34.68
CA LYS D 341 8.52 -16.52 36.15
C LYS D 341 9.97 -16.61 36.65
N GLN D 342 10.69 -17.50 36.00
CA GLN D 342 12.05 -17.71 36.37
C GLN D 342 12.94 -16.50 36.05
N LYS D 343 12.91 -16.00 34.83
CA LYS D 343 13.80 -14.89 34.51
C LYS D 343 13.38 -13.50 34.84
N LEU D 344 12.09 -13.25 34.81
CA LEU D 344 11.53 -11.92 35.07
C LEU D 344 10.91 -11.80 36.43
N ASN D 345 10.69 -12.94 37.05
CA ASN D 345 10.06 -12.98 38.35
C ASN D 345 8.66 -12.38 38.27
N TRP D 346 7.98 -12.64 37.16
CA TRP D 346 6.64 -12.09 36.97
C TRP D 346 5.65 -13.15 37.36
N LYS D 347 4.51 -12.73 37.90
CA LYS D 347 3.47 -13.67 38.26
C LYS D 347 2.14 -12.91 38.16
N PRO D 348 1.10 -13.52 37.58
CA PRO D 348 -0.18 -12.81 37.49
C PRO D 348 -0.78 -12.58 38.87
N ARG D 349 -1.49 -11.48 39.05
CA ARG D 349 -2.08 -11.19 40.32
C ARG D 349 -3.56 -11.49 40.31
N VAL D 350 -4.24 -11.17 39.21
CA VAL D 350 -5.69 -11.38 39.16
C VAL D 350 -6.04 -12.76 38.58
N ALA D 351 -6.89 -13.53 39.29
CA ALA D 351 -7.32 -14.83 38.79
C ALA D 351 -8.69 -14.68 38.09
N PHE D 352 -9.04 -15.70 37.32
CA PHE D 352 -10.27 -15.69 36.59
C PHE D 352 -11.54 -15.21 37.32
N ASP D 353 -11.84 -15.78 38.48
CA ASP D 353 -13.05 -15.36 39.17
C ASP D 353 -13.09 -13.88 39.49
N GLU D 354 -11.95 -13.35 39.89
CA GLU D 354 -11.90 -11.95 40.22
C GLU D 354 -12.02 -11.08 38.90
N LEU D 355 -11.52 -11.61 37.78
CA LEU D 355 -11.60 -10.85 36.50
C LEU D 355 -13.07 -10.75 36.10
N VAL D 356 -13.80 -11.85 36.25
CA VAL D 356 -15.17 -11.81 35.87
C VAL D 356 -15.96 -10.86 36.72
N ARG D 357 -15.71 -10.93 38.04
CA ARG D 357 -16.49 -10.07 38.92
C ARG D 357 -16.22 -8.60 38.58
N GLU D 358 -14.96 -8.28 38.41
CA GLU D 358 -14.60 -6.89 38.12
C GLU D 358 -15.27 -6.43 36.84
N MET D 359 -15.23 -7.24 35.78
CA MET D 359 -15.82 -6.80 34.49
C MET D 359 -17.33 -6.62 34.57
N VAL D 360 -18.00 -7.57 35.21
CA VAL D 360 -19.46 -7.45 35.31
C VAL D 360 -19.83 -6.22 36.20
N HIS D 361 -19.19 -6.06 37.35
CA HIS D 361 -19.52 -4.94 38.23
C HIS D 361 -19.22 -3.63 37.56
N ALA D 362 -18.10 -3.57 36.83
CA ALA D 362 -17.83 -2.33 36.15
C ALA D 362 -18.86 -2.00 35.04
N ASP D 363 -19.30 -3.00 34.29
CA ASP D 363 -20.25 -2.71 33.25
C ASP D 363 -21.64 -2.41 33.82
N VAL D 364 -21.97 -2.97 34.99
CA VAL D 364 -23.29 -2.65 35.56
C VAL D 364 -23.23 -1.13 35.87
N GLU D 365 -22.13 -0.69 36.45
CA GLU D 365 -22.07 0.72 36.79
C GLU D 365 -22.01 1.61 35.55
N LEU D 366 -21.25 1.18 34.56
CA LEU D 366 -21.09 1.93 33.32
C LEU D 366 -22.42 2.11 32.60
N MET D 367 -23.20 1.02 32.48
CA MET D 367 -24.46 1.07 31.75
C MET D 367 -25.54 1.80 32.55
N ARG D 368 -25.38 1.92 33.86
CA ARG D 368 -26.39 2.64 34.60
C ARG D 368 -26.46 4.06 34.08
N THR D 369 -25.36 4.54 33.47
CA THR D 369 -25.26 5.88 32.90
C THR D 369 -25.40 5.90 31.37
PA NDP E . -15.44 13.58 9.23
O1A NDP E . -13.97 13.68 9.52
O2A NDP E . -16.41 13.98 10.29
O5B NDP E . -15.78 12.08 8.88
C5B NDP E . -14.92 11.28 8.09
C4B NDP E . -15.53 9.91 7.93
O4B NDP E . -14.61 9.07 7.16
C3B NDP E . -15.70 9.16 9.26
O3B NDP E . -16.83 8.29 9.12
C2B NDP E . -14.41 8.35 9.33
O2B NDP E . -14.41 7.26 10.24
C1B NDP E . -14.35 7.88 7.87
N9A NDP E . -13.05 7.34 7.43
C8A NDP E . -11.81 7.90 7.57
N7A NDP E . -10.83 7.14 7.13
C5A NDP E . -11.48 6.01 6.66
C6A NDP E . -11.01 4.82 6.07
N6A NDP E . -9.72 4.56 5.85
N1A NDP E . -11.91 3.90 5.70
C2A NDP E . -13.22 4.15 5.92
N3A NDP E . -13.78 5.22 6.48
C4A NDP E . -12.85 6.12 6.83
O3 NDP E . -15.79 14.42 7.88
PN NDP E . -17.08 15.28 7.36
O1N NDP E . -16.89 16.59 8.09
O2N NDP E . -18.22 14.41 7.81
O5D NDP E . -16.82 15.32 5.85
C5D NDP E . -17.41 14.33 5.00
C4D NDP E . -16.65 14.27 3.70
O4D NDP E . -16.73 15.57 3.04
C3D NDP E . -15.16 13.97 3.84
O3D NDP E . -14.73 13.30 2.66
C2D NDP E . -14.54 15.35 3.92
O2D NDP E . -13.19 15.29 3.45
C1D NDP E . -15.43 16.11 2.94
N1N NDP E . -15.56 17.58 3.03
C2N NDP E . -15.78 18.24 4.24
C3N NDP E . -15.99 19.56 4.35
C7N NDP E . -16.44 20.08 5.52
O7N NDP E . -16.46 21.28 5.77
N7N NDP E . -16.96 19.19 6.38
C4N NDP E . -15.88 20.44 3.12
C5N NDP E . -15.92 19.62 1.83
C6N NDP E . -15.74 18.27 1.83
P2B NDP E . -13.90 7.38 11.67
O1X NDP E . -13.55 5.91 11.95
O2X NDP E . -12.71 8.32 11.65
O3X NDP E . -15.14 7.89 12.40
PB GDP F . -10.12 23.84 6.68
O1B GDP F . -10.61 22.47 6.22
O2B GDP F . -8.65 23.96 7.04
O3B GDP F . -10.77 25.06 6.03
O3A GDP F . -10.77 23.84 8.19
PA GDP F . -10.26 24.22 9.68
O1A GDP F . -11.48 24.52 10.48
O2A GDP F . -9.31 23.21 10.17
O5' GDP F . -9.43 25.58 9.54
C5' GDP F . -10.05 26.74 8.99
C4' GDP F . -9.07 27.90 8.98
O4' GDP F . -8.87 28.33 10.36
C3' GDP F . -7.68 27.58 8.43
O3' GDP F . -7.19 28.69 7.69
C2' GDP F . -6.84 27.37 9.69
O2' GDP F . -5.49 27.70 9.49
C1' GDP F . -7.48 28.40 10.61
N9 GDP F . -7.27 28.23 12.05
C8 GDP F . -6.80 29.17 12.93
N7 GDP F . -6.56 28.70 14.12
C5 GDP F . -6.87 27.35 14.02
C6 GDP F . -6.82 26.33 15.00
O6 GDP F . -6.44 26.40 16.18
N1 GDP F . -7.27 25.11 14.49
C2 GDP F . -7.71 24.90 13.21
N2 GDP F . -8.13 23.66 12.92
N3 GDP F . -7.74 25.85 12.28
C4 GDP F . -7.31 27.03 12.76
PA NDP G . 9.75 4.71 -19.48
O1A NDP G . 8.49 3.96 -19.31
O2A NDP G . 10.67 4.35 -20.59
O5B NDP G . 10.60 4.57 -18.16
C5B NDP G . 9.99 4.57 -16.88
C4B NDP G . 11.06 4.37 -15.83
O4B NDP G . 10.43 4.31 -14.52
C3B NDP G . 11.82 3.05 -15.98
O3B NDP G . 13.14 3.25 -15.47
C2B NDP G . 11.04 2.15 -15.04
O2B NDP G . 11.75 0.97 -14.63
C1B NDP G . 10.85 3.12 -13.87
N9A NDP G . 9.84 2.77 -12.89
C8A NDP G . 8.54 2.37 -13.11
N7A NDP G . 7.90 2.01 -12.02
C5A NDP G . 8.84 2.18 -11.02
C6A NDP G . 8.78 1.97 -9.62
N6A NDP G . 7.70 1.50 -8.98
N1A NDP G . 9.89 2.25 -8.90
C2A NDP G . 10.97 2.71 -9.54
N3A NDP G . 11.16 2.93 -10.84
C4A NDP G . 10.03 2.64 -11.53
O3 NDP G . 9.41 6.30 -19.58
PN NDP G . 10.07 7.59 -20.32
O1N NDP G . 9.56 7.44 -21.73
O2N NDP G . 11.55 7.36 -20.09
O5D NDP G . 9.44 8.72 -19.50
C5D NDP G . 10.17 9.33 -18.44
C4D NDP G . 9.21 10.03 -17.50
O4D NDP G . 8.58 11.13 -18.20
C3D NDP G . 8.07 9.15 -16.99
O3D NDP G . 7.68 9.62 -15.70
C2D NDP G . 6.96 9.39 -18.00
O2D NDP G . 5.70 9.21 -17.39
C1D NDP G . 7.19 10.87 -18.31
N1N NDP G . 6.74 11.44 -19.59
C2N NDP G . 6.96 10.79 -20.81
C3N NDP G . 6.60 11.31 -22.00
C7N NDP G . 7.06 10.73 -23.13
O7N NDP G . 6.64 10.98 -24.26
N7N NDP G . 8.07 9.87 -22.97
C4N NDP G . 5.84 12.61 -22.07
C5N NDP G . 5.90 13.36 -20.73
C6N NDP G . 6.31 12.77 -19.59
P2B NDP G . 11.63 -0.37 -15.34
O1X NDP G . 12.01 -1.31 -14.19
O2X NDP G . 10.20 -0.48 -15.82
O3X NDP G . 12.68 -0.25 -16.44
PB GDP H . 0.41 9.01 -25.14
O1B GDP H . 1.34 9.06 -23.93
O2B GDP H . -0.83 8.12 -25.01
O3B GDP H . 0.26 10.30 -25.96
O3A GDP H . 1.34 8.10 -26.12
PA GDP H . 1.13 6.78 -27.06
O1A GDP H . 2.27 6.74 -28.00
O2A GDP H . 0.85 5.59 -26.22
O5' GDP H . -0.22 7.05 -27.88
C5' GDP H . -0.34 8.20 -28.70
C4' GDP H . -1.67 8.18 -29.43
O4' GDP H . -1.64 7.10 -30.42
C3' GDP H . -2.89 7.92 -28.55
O3' GDP H . -3.98 8.71 -29.00
C2' GDP H . -3.17 6.44 -28.80
O2' GDP H . -4.53 6.10 -28.61
C1' GDP H . -2.82 6.33 -30.27
N9 GDP H . -2.56 4.99 -30.79
C8 GDP H . -3.16 4.40 -31.89
N7 GDP H . -2.88 3.14 -32.01
C5 GDP H . -2.04 2.87 -30.95
C6 GDP H . -1.39 1.65 -30.56
O6 GDP H . -1.48 0.53 -31.09
N1 GDP H . -0.59 1.83 -29.44
C2 GDP H . -0.44 3.02 -28.76
N2 GDP H . 0.40 3.00 -27.70
N3 GDP H . -1.06 4.15 -29.09
C4 GDP H . -1.83 3.99 -30.19
PA NDP I . 12.43 -15.45 -10.62
O1A NDP I . 13.03 -14.34 -9.83
O2A NDP I . 13.17 -15.99 -11.79
O5B NDP I . 11.03 -14.98 -11.19
C5B NDP I . 10.14 -14.19 -10.41
C4B NDP I . 8.91 -13.90 -11.22
O4B NDP I . 8.01 -13.05 -10.44
C3B NDP I . 9.17 -13.11 -12.50
O3B NDP I . 8.19 -13.48 -13.46
C2B NDP I . 8.94 -11.68 -12.02
O2B NDP I . 8.74 -10.70 -13.05
C1B NDP I . 7.68 -11.91 -11.20
N9A NDP I . 7.31 -10.83 -10.28
C8A NDP I . 8.10 -10.18 -9.37
N7A NDP I . 7.49 -9.20 -8.74
C5A NDP I . 6.21 -9.20 -9.27
C6A NDP I . 5.08 -8.40 -9.02
N6A NDP I . 5.06 -7.39 -8.15
N1A NDP I . 3.95 -8.67 -9.72
C2A NDP I . 3.98 -9.68 -10.61
N3A NDP I . 4.97 -10.50 -10.93
C4A NDP I . 6.08 -10.20 -10.21
O3 NDP I . 12.08 -16.69 -9.64
PN NDP I . 12.06 -18.31 -9.77
O1N NDP I . 13.53 -18.66 -9.64
O2N NDP I . 11.45 -18.49 -11.15
O5D NDP I . 11.18 -18.73 -8.60
C5D NDP I . 9.78 -18.91 -8.79
C4D NDP I . 9.08 -18.81 -7.45
O4D NDP I . 9.57 -19.85 -6.57
C3D NDP I . 9.29 -17.50 -6.72
O3D NDP I . 8.14 -17.24 -5.90
C2D NDP I . 10.50 -17.80 -5.83
O2D NDP I . 10.47 -16.96 -4.68
C1D NDP I . 10.21 -19.26 -5.46
N1N NDP I . 11.29 -20.15 -5.04
C2N NDP I . 12.50 -20.24 -5.74
C3N NDP I . 13.48 -21.11 -5.43
C7N NDP I . 14.50 -21.29 -6.31
O7N NDP I . 15.54 -21.91 -6.03
N7N NDP I . 14.30 -20.83 -7.55
C4N NDP I . 13.36 -21.99 -4.21
C5N NDP I . 11.91 -22.03 -3.70
C6N NDP I . 10.98 -21.13 -4.10
P2B NDP I . 9.86 -9.87 -13.63
O1X NDP I . 9.07 -8.68 -14.16
O2X NDP I . 10.83 -9.55 -12.50
O3X NDP I . 10.42 -10.79 -14.72
PB GDP J . 19.43 -18.43 -1.66
O1B GDP J . 18.00 -18.23 -2.14
O2B GDP J . 20.09 -17.27 -0.94
O3B GDP J . 19.79 -19.83 -1.16
O3A GDP J . 20.21 -18.35 -3.09
PA GDP J . 21.53 -17.60 -3.67
O1A GDP J . 21.96 -18.37 -4.87
O2A GDP J . 21.31 -16.15 -3.79
O5' GDP J . 22.67 -17.79 -2.56
C5' GDP J . 23.05 -19.09 -2.14
C4' GDP J . 24.16 -19.00 -1.10
O4' GDP J . 25.37 -18.57 -1.77
C3' GDP J . 23.91 -18.01 0.04
O3' GDP J . 24.40 -18.53 1.27
C2' GDP J . 24.73 -16.79 -0.39
O2' GDP J . 25.17 -16.02 0.72
C1' GDP J . 25.92 -17.47 -1.05
N9 GDP J . 26.71 -16.67 -1.98
C8 GDP J . 28.08 -16.49 -1.94
N7 GDP J . 28.51 -15.61 -2.78
C5 GDP J . 27.36 -15.14 -3.42
C6 GDP J . 27.21 -14.16 -4.43
O6 GDP J . 28.07 -13.48 -4.98
N1 GDP J . 25.87 -14.03 -4.81
C2 GDP J . 24.82 -14.72 -4.26
N2 GDP J . 23.61 -14.47 -4.78
N3 GDP J . 24.95 -15.62 -3.30
C4 GDP J . 26.24 -15.78 -2.93
PA NDP K . -6.85 -3.00 21.11
O1A NDP K . -7.57 -3.49 19.91
O2A NDP K . -7.62 -2.54 22.30
O5B NDP K . -5.95 -1.77 20.69
C5B NDP K . -5.27 -1.74 19.45
C4B NDP K . -4.53 -0.43 19.32
O4B NDP K . -3.89 -0.36 18.03
C3B NDP K . -5.45 0.79 19.38
O3B NDP K . -4.71 1.87 19.93
C2B NDP K . -5.70 1.04 17.89
O2B NDP K . -6.17 2.37 17.60
C1B NDP K . -4.28 0.83 17.38
N9A NDP K . -4.14 0.63 15.94
C8A NDP K . -4.85 -0.22 15.12
N7A NDP K . -4.57 -0.09 13.84
C5A NDP K . -3.61 0.91 13.82
C6A NDP K . -2.90 1.51 12.76
N6A NDP K . -3.08 1.20 11.46
N1A NDP K . -2.00 2.47 13.07
C2A NDP K . -1.84 2.82 14.36
N3A NDP K . -2.45 2.33 15.44
C4A NDP K . -3.34 1.37 15.09
O3 NDP K . -5.79 -4.14 21.58
PN NDP K . -5.15 -4.62 23.00
O1N NDP K . -6.27 -5.45 23.59
O2N NDP K . -4.86 -3.29 23.67
O5D NDP K . -3.93 -5.38 22.51
C5D NDP K . -2.65 -4.76 22.49
C4D NDP K . -1.74 -5.48 21.52
O4D NDP K . -1.48 -6.81 22.03
C3D NDP K . -2.31 -5.67 20.13
O3D NDP K . -1.24 -5.73 19.20
C2D NDP K . -2.99 -7.04 20.21
O2D NDP K . -3.02 -7.65 18.93
C1D NDP K . -2.04 -7.78 21.14
N1N NDP K . -2.51 -8.90 21.95
C2N NDP K . -3.71 -8.87 22.66
C3N NDP K . -4.16 -9.86 23.44
C7N NDP K . -5.20 -9.64 24.27
O7N NDP K . -5.81 -10.52 24.87
N7N NDP K . -5.53 -8.35 24.45
C4N NDP K . -3.38 -11.15 23.53
C5N NDP K . -1.97 -11.00 22.96
C6N NDP K . -1.60 -9.94 22.21
P2B NDP K . -7.65 2.73 17.48
O1X NDP K . -7.55 3.95 16.56
O2X NDP K . -8.34 1.52 16.87
O3X NDP K . -8.03 3.02 18.92
PB GDP L . -9.33 -14.29 20.41
O1B GDP L . -8.36 -13.15 20.16
O2B GDP L . -10.18 -14.75 19.23
O3B GDP L . -8.88 -15.38 21.40
O3A GDP L . -10.44 -13.48 21.29
PA GDP L . -12.06 -13.34 21.30
O1A GDP L . -12.44 -12.81 22.62
O2A GDP L . -12.51 -12.62 20.08
O5' GDP L . -12.64 -14.83 21.16
C5' GDP L . -12.28 -15.83 22.10
C4' GDP L . -13.01 -17.11 21.81
O4' GDP L . -14.44 -16.91 22.08
C3' GDP L . -12.93 -17.58 20.36
O3' GDP L . -12.81 -19.00 20.31
C2' GDP L . -14.26 -17.13 19.76
O2' GDP L . -14.69 -17.94 18.69
C1' GDP L . -15.18 -17.38 20.97
N9 GDP L . -16.47 -16.70 20.95
C8 GDP L . -17.70 -17.28 21.10
N7 GDP L . -18.70 -16.47 20.87
C5 GDP L . -18.08 -15.27 20.53
C6 GDP L . -18.64 -14.00 20.18
O6 GDP L . -19.83 -13.70 20.05
N1 GDP L . -17.65 -13.05 19.96
C2 GDP L . -16.30 -13.28 20.04
N2 GDP L . -15.51 -12.21 19.81
N3 GDP L . -15.77 -14.45 20.35
C4 GDP L . -16.71 -15.39 20.58
#